data_4A8D
#
_entry.id   4A8D
#
_cell.length_a   1.000
_cell.length_b   1.000
_cell.length_c   1.000
_cell.angle_alpha   90.00
_cell.angle_beta   90.00
_cell.angle_gamma   90.00
#
_symmetry.space_group_name_H-M   'P 1'
#
loop_
_entity.id
_entity.type
_entity.pdbx_description
1 polymer 'PERIPLASMIC SERINE ENDOPROTEASE DEGP'
2 polymer 'OUTER MEMBRANE PROTEIN C'
#
loop_
_entity_poly.entity_id
_entity_poly.type
_entity_poly.pdbx_seq_one_letter_code
_entity_poly.pdbx_strand_id
1 'polypeptide(L)'
;AETSSATTAQQMPSLAPMLEKVMPSVVSINVEGSTTVNTPRMPRNFQQFFGDDSPFCQEGSPFQSSPFCQGGQGGNGGGQ
QQKFMALGSGVIIDADKGYVVTNNHVVDNATVIKVQLSDGRKFDAKMVGKDPRSDIALIQIQNPKNLTAIKMADSDALRV
GDYTVAIGNPFGLGETVTSGIVSALGRSGLNAENYENFIQTDAAINRGNAGGALVNLNGELIGINTAILAPDGGNIGIGF
AIPSNMVKNLTSQMVEYGQVKRGELGIMGTELNSELAKAMKVDAQRGAFVSQVLPNSSAAKAGIKAGDVITSLNGKPISS
FAALRAQVGTMPVGSKLTLGLLRDGKQVNVNLELQQSSQNQVDSSSIFNGIEGAEMSNKGKDQGVVVNNVKTGTPAAQIG
LKKGDVIIGANQQAVKNIAELRKVLDSKPSVLALNIQRGDSTIYLLMQ
;
A,B,C,D,E,F,G,H,I,J,K,L
2 'polypeptide(L)'
;AEVYNKDGNKLDLYGKVDGLHYFSDNKDVDGDQTYMRLGFKGETQVTDQLTGYGQWEYQIQGNSAENENNSWTRVAFAGL
KFQDVGSFDYGRNYGVVYDVTSWTDVLPEFGGDTYGSDNFMQQRGNGFATYRNTDFFGLVDGLNFAVQYQGKNGNPSGEG
FTSGVTNNGRDALRQNGDGVGGSITYDYEGFGIGGAISSSKRTDAQNTAAYIGNGDRAETYTGGLKYDANNIYLAAQYTQ
TYNATRVGSLGWANKAQNFEAVAQYQFDFGLRPSLAYLQSKGKNLGRGYDDEDILKYVDVGATYYFNKNMSTYVDYKINL
LDDNQFTRDAGINTDNIVALGLVYQF
;
M
#
# COMPACT_ATOMS: atom_id res chain seq x y z
CA GLN A 11 74.29 8.88 13.76
CA MET A 12 70.79 9.94 12.72
CA PRO A 13 68.79 13.08 13.64
CA SER A 14 65.62 12.39 15.64
CA LEU A 15 62.86 13.89 17.74
CA ALA A 16 62.97 10.90 20.09
CA PRO A 17 65.40 12.55 22.56
CA MET A 18 63.15 15.60 22.96
CA LEU A 19 59.95 13.55 22.94
CA GLU A 20 60.81 11.14 25.74
CA LYS A 21 61.01 14.14 28.08
CA VAL A 22 57.86 15.87 26.81
CA MET A 23 55.39 13.05 26.13
CA PRO A 24 54.68 12.31 29.81
CA SER A 25 53.38 15.88 29.95
CA VAL A 26 50.63 15.09 27.45
CA VAL A 27 47.59 13.20 28.73
CA SER A 28 44.45 11.88 27.08
CA ILE A 29 41.00 12.76 28.41
CA ASN A 30 37.93 10.51 28.60
CA VAL A 31 34.53 12.09 29.22
CA GLU A 32 30.97 10.99 29.97
CA GLY A 33 28.07 13.43 29.92
CA SER A 34 24.46 14.24 29.07
CA THR A 35 22.48 16.98 27.31
CA GLN A 82 20.64 11.61 26.41
CA LYS A 83 24.04 10.29 27.48
CA PHE A 84 27.15 10.81 25.32
CA MET A 85 30.81 9.80 25.35
CA ALA A 86 33.76 11.83 24.07
CA LEU A 87 37.55 11.79 24.18
CA GLY A 88 40.40 14.20 23.54
CA SER A 89 43.76 15.29 24.89
CA GLY A 90 45.23 17.64 27.47
CA VAL A 91 48.49 19.11 28.72
CA ILE A 92 49.79 19.12 32.28
CA ILE A 93 50.49 22.74 33.21
CA ASP A 94 51.25 22.27 36.90
CA ALA A 95 52.73 18.91 37.89
CA ASP A 96 52.02 19.66 41.55
CA LYS A 97 48.48 20.96 41.56
CA GLY A 98 47.62 18.53 38.77
CA TYR A 99 46.32 21.30 36.52
CA VAL A 100 45.54 20.20 32.98
CA VAL A 101 44.52 22.47 30.12
CA THR A 102 42.28 21.36 27.26
CA ASN A 103 39.61 22.47 24.81
CA ASN A 104 36.34 23.63 26.32
CA HIS A 105 34.48 21.64 23.66
CA VAL A 106 36.10 18.44 24.91
CA VAL A 107 34.97 18.70 28.52
CA ASP A 108 31.75 20.67 27.96
CA ASN A 109 28.65 19.27 29.69
CA ALA A 110 30.73 16.61 31.40
CA THR A 111 29.51 14.54 34.36
CA VAL A 112 32.60 12.33 34.56
CA ILE A 113 36.17 13.26 33.64
CA LYS A 114 39.02 10.77 33.73
CA VAL A 115 42.61 11.42 32.69
CA GLN A 116 45.00 8.74 31.43
CA LEU A 117 48.74 9.40 31.50
CA SER A 118 51.40 8.24 29.03
CA ASP A 119 52.47 5.41 31.34
CA GLY A 120 48.91 4.10 31.49
CA ARG A 121 47.97 5.52 34.89
CA LYS A 122 44.37 6.70 35.30
CA PHE A 123 43.07 9.51 37.50
CA ASP A 124 39.83 11.36 38.09
CA ALA A 125 39.61 15.05 37.29
CA LYS A 126 37.30 17.88 38.31
CA MET A 127 36.52 21.00 36.28
CA VAL A 128 38.29 24.18 37.41
CA GLY A 129 37.39 26.76 34.77
CA LYS A 130 36.00 27.02 31.25
CA ASP A 131 35.84 29.72 28.59
CA PRO A 132 33.65 28.87 25.56
CA ARG A 133 34.62 32.13 23.83
CA SER A 134 38.25 31.00 23.54
CA ASP A 135 37.57 27.24 23.66
CA ILE A 136 40.01 26.87 26.55
CA ALA A 137 39.17 24.89 29.67
CA LEU A 138 41.13 23.93 32.77
CA ILE A 139 40.72 20.75 34.79
CA GLN A 140 42.52 19.43 37.86
CA ILE A 141 43.73 15.88 38.46
CA GLN A 142 42.48 14.49 41.76
CA ASN A 143 45.24 13.05 43.95
CA PRO A 144 48.14 14.18 41.71
CA LYS A 145 51.07 11.81 42.12
CA ASN A 146 54.41 12.04 40.31
CA LEU A 147 53.36 14.13 37.30
CA THR A 148 55.35 15.94 34.62
CA ALA A 149 54.43 19.45 33.53
CA ILE A 150 55.42 21.08 30.23
CA LYS A 151 57.37 24.31 29.80
CA MET A 152 55.59 26.96 27.75
CA ALA A 153 57.34 29.07 25.11
CA ASP A 154 56.55 32.62 24.03
CA SER A 155 54.20 32.18 21.09
CA ASP A 156 55.04 35.75 20.03
CA ALA A 157 58.42 34.45 18.86
CA LEU A 158 56.83 32.05 16.39
CA ARG A 159 57.50 32.62 12.70
CA VAL A 160 55.96 30.89 9.70
CA GLY A 161 58.45 28.15 8.83
CA ASP A 162 59.29 27.09 12.38
CA TYR A 163 59.10 23.32 12.88
CA THR A 164 56.24 21.89 14.94
CA VAL A 165 55.37 18.62 16.67
CA ALA A 166 51.80 17.61 17.54
CA ILE A 167 50.93 15.28 20.41
CA GLY A 168 47.46 13.92 21.13
CA ASN A 169 45.09 10.95 21.11
CA PRO A 170 43.62 10.53 17.58
CA PHE A 171 40.64 8.18 17.50
CA GLY A 172 41.65 7.09 20.99
CA LEU A 173 44.55 5.13 19.51
CA GLY A 174 46.75 6.44 22.29
CA GLU A 175 49.49 9.05 22.55
CA THR A 176 50.38 9.81 18.94
CA VAL A 177 53.12 12.17 17.76
CA THR A 178 53.16 13.89 14.38
CA SER A 179 55.27 16.74 12.98
CA GLY A 180 55.07 19.65 10.56
CA ILE A 181 55.69 23.39 10.28
CA VAL A 182 53.99 26.67 11.08
CA SER A 183 51.83 27.23 7.98
CA ALA A 184 50.53 30.62 9.07
CA LEU A 185 49.79 32.79 12.10
CA GLY A 186 46.91 34.87 13.40
CA ARG A 187 44.37 32.88 11.41
CA SER A 188 40.76 33.55 12.40
CA GLY A 189 37.22 33.44 11.04
CA LEU A 190 36.14 29.92 11.94
CA ASN A 191 33.69 31.48 14.39
CA ALA A 192 33.42 35.28 14.32
CA GLU A 193 32.10 35.35 17.90
CA ASN A 194 35.07 33.47 19.34
CA TYR A 195 38.43 34.90 20.35
CA GLU A 196 40.68 33.20 17.81
CA ASN A 197 44.31 33.96 16.99
CA PHE A 198 45.14 30.50 15.67
CA ILE A 199 48.48 29.04 14.68
CA GLN A 200 48.19 27.00 11.51
CA THR A 201 50.17 23.82 10.93
CA ASP A 202 50.36 21.01 8.39
CA ALA A 203 51.12 18.61 11.24
CA ALA A 204 48.70 15.68 11.24
CA ILE A 205 45.74 16.45 13.50
CA ASN A 206 42.51 14.45 13.73
CA ARG A 207 39.55 13.83 16.02
CA GLY A 208 41.04 13.30 19.46
CA ASN A 209 44.00 15.63 19.09
CA ALA A 210 41.91 18.42 20.60
CA GLY A 211 43.41 19.84 23.77
CA GLY A 212 46.63 18.22 22.64
CA ALA A 213 50.02 19.91 22.68
CA LEU A 214 51.79 21.66 19.83
CA VAL A 215 55.47 22.14 20.71
CA ASN A 216 58.67 23.31 19.05
CA LEU A 217 61.87 21.28 18.60
CA ASN A 218 62.84 22.09 22.19
CA GLY A 219 59.69 20.48 23.53
CA GLU A 220 58.19 23.79 24.59
CA LEU A 221 54.44 24.32 24.25
CA ILE A 222 53.65 26.88 21.56
CA GLY A 223 49.96 26.09 21.18
CA ILE A 224 46.96 23.90 21.89
CA ASN A 225 45.56 22.09 18.86
CA THR A 226 41.86 22.95 18.64
CA ALA A 227 40.31 22.48 15.19
CA ILE A 228 41.02 21.38 11.63
CA LEU A 229 39.74 22.24 8.16
CA ALA A 230 38.49 18.96 6.71
CA PRO A 231 35.61 18.33 4.27
CA ASP A 232 35.66 14.61 5.12
CA GLY A 233 36.35 14.67 8.86
CA GLY A 234 39.93 13.68 8.08
CA ASN A 235 43.06 15.84 8.24
CA ILE A 236 44.15 17.41 4.95
CA GLY A 237 47.15 19.40 6.19
CA ILE A 238 45.31 22.29 7.80
CA GLY A 239 45.17 22.32 11.60
CA PHE A 240 44.76 25.17 14.05
CA ALA A 241 46.10 25.63 17.57
CA ILE A 242 45.60 28.30 20.21
CA PRO A 243 48.80 30.28 20.90
CA SER A 244 50.53 29.38 24.17
CA ASN A 245 50.47 32.99 25.35
CA MET A 246 46.68 32.99 25.16
CA VAL A 247 46.57 29.77 27.19
CA LYS A 248 49.02 31.23 29.71
CA ASN A 249 46.67 34.18 30.27
CA LEU A 250 43.38 32.30 30.32
CA THR A 251 44.44 29.45 32.60
CA SER A 252 46.20 31.67 35.13
CA GLN A 253 42.87 33.42 35.70
CA MET A 254 40.85 30.20 35.96
CA VAL A 255 43.34 29.09 38.62
CA GLU A 256 42.51 32.10 40.79
CA TYR A 257 38.94 33.09 39.93
CA GLY A 258 37.44 29.96 38.38
CA GLN A 259 36.51 32.13 35.41
CA VAL A 260 37.98 34.87 33.24
CA LYS A 261 37.54 38.52 34.15
CA ARG A 262 36.94 39.86 30.66
CA GLY A 263 38.33 43.32 30.03
CA GLU A 264 37.84 45.52 27.00
CA LEU A 265 39.05 48.69 25.33
CA GLY A 266 35.43 49.53 24.58
CA ILE A 267 35.68 50.05 20.84
CA MET A 268 33.58 48.94 17.88
CA GLY A 269 35.25 48.07 14.59
CA THR A 270 35.84 45.75 11.66
CA GLU A 271 38.50 44.24 9.39
CA LEU A 272 40.49 46.75 7.35
CA ASN A 273 40.50 45.48 3.77
CA SER A 274 41.93 47.09 0.64
CA GLU A 275 38.52 48.49 -0.35
CA LEU A 276 37.91 50.23 2.98
CA ALA A 277 41.48 51.54 2.88
CA LYS A 278 40.74 53.30 -0.41
CA ALA A 279 37.64 55.00 1.00
CA MET A 280 39.40 56.15 4.17
CA LYS A 281 42.55 57.21 2.30
CA VAL A 282 44.61 54.77 4.38
CA ASP A 283 47.91 53.12 3.49
CA ALA A 284 47.67 49.83 5.38
CA GLN A 285 45.56 47.16 3.70
CA ARG A 286 45.15 45.30 6.98
CA GLY A 287 44.43 46.08 10.62
CA ALA A 288 41.66 46.99 13.03
CA PHE A 289 39.38 49.81 11.88
CA VAL A 290 37.76 51.75 14.72
CA SER A 291 34.07 52.21 13.91
CA GLN A 292 33.44 54.04 17.17
CA VAL A 293 34.68 54.38 20.76
CA LEU A 294 32.31 53.92 23.71
CA PRO A 295 32.00 56.82 26.18
CA ASN A 296 33.75 56.29 29.52
CA SER A 297 35.86 53.50 28.03
CA SER A 298 39.61 53.09 28.52
CA ALA A 299 40.05 53.75 24.80
CA ALA A 300 38.12 57.02 25.01
CA LYS A 301 40.17 58.17 28.00
CA ALA A 302 43.30 57.21 26.07
CA GLY A 303 42.41 59.48 23.17
CA ILE A 304 41.31 56.96 20.58
CA LYS A 305 38.79 58.39 18.12
CA ALA A 306 36.73 56.71 15.40
CA GLY A 307 38.15 56.30 11.91
CA ASP A 308 41.46 55.25 13.43
CA VAL A 309 43.35 52.16 12.25
CA ILE A 310 45.20 50.09 14.83
CA THR A 311 48.42 48.63 13.43
CA SER A 312 50.32 47.27 16.42
CA LEU A 313 49.90 45.96 19.97
CA ASN A 314 52.73 46.30 22.47
CA GLY A 315 55.04 46.65 19.48
CA LYS A 316 53.79 43.49 17.79
CA PRO A 317 52.11 44.19 14.43
CA ILE A 318 48.41 43.39 14.04
CA SER A 319 47.26 40.81 11.51
CA SER A 320 43.58 41.66 11.78
CA PHE A 321 40.79 43.03 13.96
CA ALA A 322 39.83 39.47 14.86
CA ALA A 323 43.37 38.84 16.07
CA LEU A 324 43.47 42.00 18.19
CA ARG A 325 40.13 41.01 19.69
CA ALA A 326 41.59 37.63 20.66
CA GLN A 327 44.79 39.20 21.97
CA VAL A 328 43.20 41.54 24.51
CA GLY A 329 40.33 39.12 25.11
CA THR A 330 42.78 36.93 26.98
CA MET A 331 44.54 39.66 28.95
CA PRO A 332 43.51 40.26 32.59
CA VAL A 333 41.58 43.37 33.67
CA GLY A 334 43.82 46.33 34.42
CA SER A 335 46.55 45.11 32.09
CA LYS A 336 48.52 48.14 30.92
CA LEU A 337 49.25 47.92 27.20
CA THR A 338 50.16 50.21 24.31
CA LEU A 339 48.63 50.49 20.84
CA GLY A 340 49.94 51.76 17.52
CA LEU A 341 47.35 53.86 15.72
CA LEU A 342 47.13 55.36 12.25
CA ARG A 343 45.01 58.49 11.81
CA ASP A 344 45.34 60.75 8.78
CA GLY A 345 48.47 58.93 7.61
CA LYS A 346 49.97 59.78 10.98
CA GLN A 347 51.60 57.30 13.37
CA VAL A 348 50.25 57.53 16.93
CA ASN A 349 51.12 55.74 20.17
CA VAL A 350 48.79 55.36 23.15
CA ASN A 351 48.89 53.91 26.67
CA LEU A 352 45.84 51.92 27.72
CA GLU A 353 44.52 49.95 30.68
CA VAL A 362 14.67 39.55 29.90
CA ASP A 363 12.52 36.46 29.35
CA SER A 364 10.79 34.48 32.11
CA SER A 365 12.20 31.18 30.82
CA SER A 366 15.57 32.45 32.03
CA ILE A 367 14.39 32.42 35.65
CA PHE A 368 11.77 29.67 35.83
CA ASN A 369 13.56 27.29 33.44
CA GLY A 370 10.59 26.41 31.25
CA ILE A 371 8.13 29.30 31.57
CA GLU A 372 8.10 31.30 28.33
CA GLY A 373 5.96 34.16 27.03
CA ALA A 374 6.69 36.83 29.64
CA GLU A 375 9.48 39.41 29.79
CA MET A 376 10.41 41.01 33.11
CA SER A 377 13.14 43.07 34.77
CA ASN A 378 13.98 44.95 37.97
CA LYS A 379 11.85 47.94 38.93
CA GLY A 380 13.50 51.23 39.85
CA LYS A 381 15.70 50.61 42.89
CA ASP A 382 14.86 47.40 44.75
CA GLN A 383 11.12 47.85 44.20
CA GLY A 384 10.54 44.28 43.01
CA VAL A 385 10.48 42.50 39.66
CA VAL A 386 8.07 44.18 37.23
CA VAL A 387 6.74 42.29 34.22
CA ASN A 388 7.40 44.22 31.00
CA ASN A 389 5.37 42.30 28.42
CA VAL A 390 3.32 39.11 28.14
CA LYS A 391 2.57 36.94 25.11
CA THR A 392 -0.79 35.18 24.64
CA GLY A 393 -1.04 31.39 24.65
CA THR A 394 2.13 30.87 26.67
CA PRO A 395 3.04 28.85 29.82
CA ALA A 396 3.37 32.10 31.78
CA ALA A 397 -0.09 33.52 31.06
CA GLN A 398 -1.50 30.06 31.79
CA ILE A 399 -0.96 30.68 35.51
CA GLY A 400 -2.39 34.19 35.39
CA LEU A 401 0.69 36.37 34.88
CA LYS A 402 -0.08 39.67 33.13
CA LYS A 403 2.12 42.60 32.07
CA GLY A 404 2.34 45.39 34.63
CA ASP A 405 2.52 43.10 37.64
CA VAL A 406 5.21 43.78 40.25
CA ILE A 407 6.55 40.86 42.28
CA ILE A 408 6.87 42.02 45.89
CA GLY A 409 7.84 38.63 47.30
CA ALA A 410 7.65 34.84 47.06
CA ASN A 411 6.97 32.19 49.72
CA GLN A 412 6.97 34.77 52.54
CA GLN A 413 10.39 36.06 51.46
CA ALA A 414 10.73 39.67 50.32
CA VAL A 415 11.78 40.23 46.70
CA LYS A 416 13.54 43.46 45.76
CA ASN A 417 15.29 42.33 42.57
CA ILE A 418 15.84 39.34 40.28
CA ALA A 419 18.71 38.11 42.46
CA GLU A 420 16.49 37.69 45.53
CA LEU A 421 13.82 35.98 43.46
CA ARG A 422 16.35 33.56 42.00
CA LYS A 423 17.49 32.83 45.57
CA VAL A 424 14.05 31.55 46.47
CA LEU A 425 14.06 29.33 43.38
CA ASP A 426 17.47 27.96 44.36
CA SER A 427 15.70 26.52 47.40
CA LYS A 428 13.55 24.64 44.87
CA PRO A 429 10.19 24.54 46.73
CA SER A 430 7.46 22.16 45.56
CA VAL A 431 4.98 25.04 45.23
CA LEU A 432 5.83 28.66 44.39
CA ALA A 433 3.65 31.47 45.75
CA LEU A 434 4.29 34.87 44.17
CA ASN A 435 3.07 37.96 46.02
CA ILE A 436 2.59 40.30 43.04
CA GLN A 437 0.48 43.46 42.81
CA ARG A 438 -1.82 44.51 39.99
CA GLY A 439 -2.68 48.17 40.21
CA ASP A 440 -3.92 48.98 43.68
CA SER A 441 -4.49 45.36 44.67
CA THR A 442 -2.26 42.65 46.16
CA ILE A 443 -2.67 39.11 44.84
CA TYR A 444 -0.92 35.74 44.76
CA LEU A 445 0.09 33.38 41.97
CA LEU A 446 0.67 29.69 42.67
CA MET A 447 2.94 27.32 40.73
CA GLN A 448 3.09 23.50 40.72
CA GLN B 11 73.71 23.04 -0.81
CA MET B 12 70.33 21.59 0.19
CA PRO B 13 69.50 18.58 2.41
CA SER B 14 67.73 15.76 0.60
CA LEU B 15 66.61 12.13 0.77
CA ALA B 16 67.52 11.65 -2.89
CA PRO B 17 71.05 10.34 -2.17
CA MET B 18 69.74 7.64 0.17
CA LEU B 19 66.73 6.86 -2.03
CA GLU B 20 68.56 6.18 -5.28
CA LYS B 21 70.31 3.29 -3.52
CA VAL B 22 67.22 1.92 -1.78
CA MET B 23 64.38 2.34 -4.31
CA PRO B 24 65.55 -0.49 -6.60
CA SER B 25 64.98 -2.74 -3.57
CA VAL B 26 61.26 -1.93 -3.54
CA VAL B 27 59.07 -3.66 -6.11
CA SER B 28 55.38 -3.48 -6.96
CA ILE B 29 53.23 -6.61 -7.10
CA ASN B 30 50.41 -7.41 -9.54
CA VAL B 31 48.04 -10.25 -8.74
CA GLU B 32 45.23 -12.18 -10.44
CA GLY B 33 43.05 -14.64 -8.54
CA SER B 34 39.66 -16.17 -7.85
CA THR B 35 37.44 -16.97 -4.86
CA GLN B 82 34.71 -15.02 -9.53
CA LYS B 83 37.97 -13.54 -10.79
CA PHE B 84 39.60 -10.56 -9.08
CA MET B 85 42.60 -8.29 -9.61
CA ALA B 86 44.74 -6.66 -6.91
CA LEU B 87 48.02 -4.78 -6.58
CA GLY B 88 50.44 -3.83 -3.83
CA SER B 89 54.14 -3.59 -3.03
CA GLY B 90 57.00 -5.75 -1.84
CA VAL B 91 60.61 -5.64 -0.69
CA ILE B 92 63.51 -7.68 -2.02
CA ILE B 93 65.05 -9.49 0.94
CA ASP B 94 67.50 -11.70 -0.95
CA ALA B 95 68.83 -10.31 -4.23
CA ASP B 96 70.18 -13.76 -5.15
CA LYS B 97 67.32 -16.10 -4.38
CA GLY B 98 64.87 -13.43 -5.50
CA TYR B 99 62.98 -13.54 -2.20
CA VAL B 100 60.38 -10.81 -1.80
CA VAL B 101 58.37 -10.10 1.33
CA THR B 102 54.87 -8.63 1.28
CA ASN B 103 51.50 -8.60 3.02
CA ASN B 104 49.62 -11.89 3.08
CA HIS B 105 46.42 -10.01 2.18
CA VAL B 106 48.02 -8.81 -1.05
CA VAL B 107 48.92 -12.22 -2.44
CA ASP B 108 46.15 -14.25 -0.79
CA ASN B 109 44.20 -16.57 -3.10
CA ALA B 110 46.49 -15.71 -6.01
CA THR B 111 46.66 -17.70 -9.23
CA VAL B 112 49.12 -15.37 -10.97
CA ILE B 113 51.82 -13.24 -9.35
CA LYS B 114 53.97 -10.83 -11.33
CA VAL B 115 56.59 -8.47 -9.93
CA GLN B 116 57.64 -5.20 -11.55
CA LEU B 117 60.96 -3.61 -10.56
CA SER B 118 61.83 0.09 -10.29
CA ASP B 119 63.54 0.06 -13.69
CA GLY B 120 60.40 -1.34 -15.33
CA ARG B 121 61.51 -4.96 -15.56
CA LYS B 122 58.80 -7.60 -15.07
CA PHE B 123 59.17 -11.09 -13.60
CA ASP B 124 56.94 -13.95 -12.53
CA ALA B 125 56.83 -14.97 -8.88
CA LYS B 126 55.75 -18.10 -7.02
CA MET B 127 54.47 -18.24 -3.43
CA VAL B 128 56.96 -19.50 -0.85
CA GLY B 129 55.19 -19.02 2.47
CA LYS B 130 52.27 -17.18 4.02
CA ASP B 131 51.15 -16.37 7.56
CA PRO B 132 47.63 -14.84 7.83
CA ARG B 133 48.00 -14.40 11.58
CA SER B 134 50.81 -11.85 11.08
CA ASP B 135 49.80 -10.74 7.58
CA ILE B 136 53.29 -11.52 6.31
CA ALA B 137 53.89 -13.50 3.12
CA LEU B 138 57.01 -14.43 1.18
CA ILE B 139 57.27 -14.87 -2.59
CA GLN B 140 60.19 -15.72 -4.86
CA ILE B 141 61.04 -14.09 -8.18
CA GLN B 142 61.47 -16.64 -10.96
CA ASN B 143 64.75 -16.29 -12.86
CA PRO B 144 66.23 -13.59 -10.60
CA LYS B 145 68.63 -11.43 -12.58
CA ASN B 146 70.59 -8.46 -11.25
CA LEU B 147 68.45 -7.58 -8.23
CA THR B 148 69.02 -5.28 -5.26
CA ALA B 149 68.15 -6.37 -1.73
CA ILE B 150 67.54 -4.06 1.22
CA LYS B 151 69.39 -4.06 4.53
CA MET B 152 67.19 -4.52 7.60
CA ALA B 153 67.63 -2.49 10.78
CA ASP B 154 66.88 -3.56 14.35
CA SER B 155 63.33 -2.34 14.93
CA ASP B 156 63.97 -2.59 18.67
CA ALA B 157 66.09 0.57 18.36
CA LEU B 158 63.18 2.60 17.04
CA ARG B 159 61.95 5.48 19.19
CA VAL B 160 58.90 7.68 18.71
CA GLY B 161 60.23 10.73 16.89
CA ASP B 162 62.60 8.92 14.53
CA TYR B 163 62.19 10.00 10.89
CA THR B 164 60.61 7.57 8.43
CA VAL B 165 60.31 7.18 4.66
CA ALA B 166 57.59 5.11 3.00
CA ILE B 167 57.98 3.45 -0.38
CA GLY B 168 55.21 1.71 -2.30
CA ASN B 169 52.79 1.73 -5.23
CA PRO B 170 49.70 3.82 -4.30
CA PHE B 171 46.81 3.32 -6.70
CA GLY B 172 49.30 1.65 -9.03
CA LEU B 173 50.76 5.06 -9.87
CA GLY B 174 54.21 3.54 -9.60
CA GLU B 175 57.02 3.67 -7.07
CA THR B 176 56.05 6.54 -4.76
CA VAL B 177 58.10 7.86 -1.85
CA THR B 178 56.66 9.72 1.12
CA SER B 179 58.12 10.68 4.50
CA GLY B 180 57.10 11.20 8.12
CA ILE B 181 57.98 10.19 11.67
CA VAL B 182 57.36 7.38 14.12
CA SER B 183 54.03 8.38 15.68
CA ALA B 184 53.90 5.50 18.14
CA LEU B 185 55.09 1.94 18.74
CA GLY B 186 53.57 -1.37 19.76
CA ARG B 187 50.14 -0.36 18.53
CA SER B 188 47.64 -3.21 18.32
CA GLY B 189 43.93 -3.96 18.40
CA LEU B 190 43.00 -3.74 14.73
CA ASN B 191 42.36 -7.48 14.84
CA ALA B 192 42.58 -9.12 18.27
CA GLU B 193 43.27 -12.53 16.70
CA ASN B 194 46.30 -11.32 14.72
CA TYR B 195 49.86 -10.96 15.95
CA GLU B 196 50.27 -7.20 15.74
CA ASN B 197 53.05 -5.04 17.16
CA PHE B 198 52.64 -2.19 14.69
CA ILE B 199 54.80 0.86 14.14
CA GLN B 200 52.68 3.95 13.60
CA THR B 201 53.65 6.70 11.18
CA ASP B 202 52.17 9.88 9.73
CA ALA B 203 53.95 9.10 6.46
CA ALA B 204 51.49 9.08 3.55
CA ILE B 205 50.22 5.54 2.99
CA ASN B 206 47.32 4.54 0.73
CA ARG B 207 45.87 1.57 -1.12
CA GLY B 208 48.81 -0.06 -2.87
CA ASN B 209 51.46 0.77 -0.28
CA ALA B 210 50.80 -2.58 1.37
CA GLY B 211 53.86 -4.79 1.49
CA GLY B 212 55.83 -1.63 0.85
CA ALA B 213 58.97 -0.63 2.73
CA LEU B 214 59.27 1.70 5.71
CA VAL B 215 62.90 2.73 6.16
CA ASN B 216 64.95 5.13 8.26
CA LEU B 217 67.18 7.93 6.98
CA ASN B 218 69.94 5.39 6.32
CA GLY B 219 67.71 3.43 3.96
CA GLU B 220 67.40 0.50 6.33
CA LEU B 221 64.10 -1.38 6.54
CA ILE B 222 62.41 -0.80 9.88
CA GLY B 223 58.96 -2.07 8.94
CA ILE B 224 56.47 -3.24 6.33
CA ASN B 225 53.51 -0.92 5.82
CA THR B 226 50.36 -3.00 6.28
CA ALA B 227 47.24 -1.00 7.12
CA ILE B 228 45.90 2.50 7.70
CA LEU B 229 43.16 4.11 9.78
CA ALA B 230 40.94 5.93 7.29
CA PRO B 231 37.16 6.56 7.42
CA ASP B 232 37.14 7.47 3.73
CA GLY B 233 39.63 4.98 2.30
CA GLY B 234 42.16 7.80 2.12
CA ASN B 235 45.20 8.40 4.34
CA ILE B 236 44.67 10.79 7.24
CA GLY B 237 48.11 10.56 8.84
CA ILE B 238 47.73 7.21 10.58
CA GLY B 239 49.55 4.27 9.00
CA PHE B 240 50.79 1.03 10.51
CA ALA B 241 53.78 -1.13 9.60
CA ILE B 242 55.03 -4.48 10.85
CA PRO B 243 58.38 -4.18 12.70
CA SER B 244 61.39 -5.39 10.70
CA ASN B 245 62.40 -7.80 13.46
CA MET B 246 59.08 -9.60 13.12
CA VAL B 247 59.59 -9.85 9.37
CA LYS B 248 63.15 -11.11 9.90
CA ASN B 249 61.81 -13.93 12.07
CA LEU B 250 58.78 -14.88 9.99
CA THR B 251 60.46 -14.89 6.58
CA SER B 252 63.54 -16.82 7.72
CA GLN B 253 61.22 -19.67 8.69
CA MET B 254 59.20 -19.57 5.47
CA VAL B 255 62.52 -19.85 3.62
CA GLU B 256 63.29 -23.15 5.34
CA TYR B 257 59.96 -24.73 6.19
CA GLY B 258 57.49 -23.04 3.87
CA GLN B 259 55.48 -22.17 6.95
CA VAL B 260 55.98 -20.90 10.49
CA LYS B 261 56.56 -23.33 13.35
CA ARG B 262 54.44 -21.54 15.95
CA GLY B 263 55.77 -21.79 19.49
CA GLU B 264 54.11 -20.65 22.70
CA LEU B 265 54.70 -20.09 26.39
CA GLY B 266 51.35 -21.70 27.05
CA ILE B 267 49.73 -18.98 29.12
CA MET B 268 46.30 -17.36 29.12
CA GLY B 269 45.97 -13.67 29.90
CA THR B 270 44.69 -10.19 29.09
CA GLU B 271 45.61 -6.50 28.97
CA LEU B 272 46.60 -4.97 32.30
CA ASN B 273 44.62 -1.75 32.66
CA SER B 274 44.47 0.69 35.57
CA GLU B 275 41.25 -0.88 36.88
CA LEU B 276 42.63 -4.43 36.99
CA ALA B 277 45.81 -3.06 38.60
CA LYS B 278 43.74 -1.69 41.48
CA ALA B 279 42.04 -5.04 42.09
CA MET B 280 45.29 -7.01 42.00
CA LYS B 281 47.16 -4.42 44.08
CA VAL B 282 49.65 -3.94 41.23
CA ASP B 283 51.81 -0.89 40.48
CA ALA B 284 52.13 -1.10 36.70
CA GLN B 285 49.13 0.21 34.75
CA ARG B 286 50.20 -1.72 31.67
CA GLY B 287 51.52 -5.15 30.76
CA ALA B 288 50.49 -8.76 30.28
CA PHE B 289 48.33 -10.23 33.06
CA VAL B 290 48.65 -13.99 33.43
CA SER B 291 45.15 -15.45 33.78
CA GLN B 292 46.50 -19.00 34.00
CA VAL B 293 49.41 -21.21 32.95
CA LEU B 294 48.83 -24.45 31.04
CA PRO B 295 50.19 -27.67 32.59
CA ASN B 296 53.31 -29.08 30.91
CA SER B 297 53.98 -25.72 29.24
CA SER B 298 57.37 -24.02 29.08
CA ALA B 299 55.96 -21.25 31.28
CA ALA B 300 54.84 -23.75 33.92
CA LYS B 301 58.25 -25.43 33.93
CA ALA B 302 59.83 -21.97 34.21
CA GLY B 303 57.89 -21.18 37.38
CA ILE B 304 55.31 -18.74 36.07
CA LYS B 305 52.12 -18.76 38.12
CA ALA B 306 48.76 -17.09 37.51
CA GLY B 307 48.15 -13.55 38.75
CA ASP B 308 51.60 -12.56 37.53
CA VAL B 309 52.22 -9.45 35.45
CA ILE B 310 54.82 -9.59 32.71
CA THR B 311 56.67 -6.30 32.33
CA SER B 312 59.63 -7.02 30.06
CA LEU B 313 60.89 -9.37 27.35
CA ASN B 314 64.61 -9.96 26.92
CA GLY B 315 65.12 -6.66 28.74
CA LYS B 316 62.79 -4.72 26.47
CA PRO B 317 59.75 -3.34 28.32
CA ILE B 318 56.30 -4.60 27.34
CA SER B 319 53.70 -2.21 25.95
CA SER B 320 50.80 -4.65 26.20
CA PHE B 321 49.70 -8.29 26.24
CA ALA B 322 48.87 -7.99 22.53
CA ALA B 323 52.43 -6.83 21.84
CA LEU B 324 54.00 -9.68 23.82
CA ARG B 325 51.77 -12.12 21.92
CA ALA B 326 53.07 -10.71 18.64
CA GLN B 327 56.68 -10.70 19.86
CA VAL B 328 56.89 -14.40 20.74
CA GLY B 329 54.43 -15.32 17.99
CA THR B 330 57.19 -14.58 15.49
CA MET B 331 60.04 -16.29 17.33
CA PRO B 332 61.09 -19.82 16.24
CA VAL B 333 60.39 -22.89 18.38
CA GLY B 334 63.07 -23.54 20.97
CA SER B 335 64.06 -19.88 21.15
CA LYS B 336 65.54 -19.25 24.59
CA LEU B 337 64.26 -15.97 26.03
CA THR B 338 63.86 -14.27 29.40
CA LEU B 339 60.85 -12.56 30.93
CA GLY B 340 60.45 -9.89 33.61
CA LEU B 341 57.60 -10.72 35.97
CA LEU B 342 55.86 -8.83 38.76
CA ARG B 343 54.23 -10.87 41.52
CA ASP B 344 53.29 -9.35 44.87
CA GLY B 345 55.13 -6.11 44.05
CA LYS B 346 58.22 -8.24 43.57
CA GLN B 347 60.49 -8.19 40.51
CA VAL B 348 61.17 -11.67 39.09
CA ASN B 349 63.31 -12.93 36.21
CA VAL B 350 62.78 -16.22 34.38
CA ASN B 351 64.46 -18.21 31.60
CA LEU B 352 62.13 -19.76 29.04
CA GLU B 353 62.25 -21.84 25.88
CA VAL B 362 42.45 -35.85 17.85
CA ASP B 363 39.28 -34.78 16.03
CA SER B 364 37.57 -36.77 13.28
CA SER B 365 37.41 -33.73 10.97
CA SER B 366 41.20 -34.10 10.69
CA ILE B 367 40.85 -37.47 8.98
CA PHE B 368 37.51 -37.32 7.13
CA ASN B 369 37.82 -33.67 6.11
CA GLY B 370 34.34 -32.52 7.14
CA ILE B 371 33.20 -34.95 9.83
CA GLU B 372 33.22 -33.20 13.22
CA GLY B 373 32.01 -34.19 16.68
CA ALA B 374 34.15 -37.26 17.34
CA GLU B 375 37.64 -37.54 18.82
CA MET B 376 39.73 -40.65 18.18
CA SER B 377 43.30 -41.96 18.45
CA ASN B 378 45.37 -45.13 18.11
CA LYS B 379 44.68 -48.01 20.49
CA GLY B 380 47.55 -49.65 22.35
CA LYS B 381 49.95 -51.08 19.78
CA ASP B 382 48.43 -51.48 16.33
CA GLN B 383 45.06 -52.55 17.74
CA GLY B 384 43.03 -50.19 15.55
CA VAL B 385 41.66 -46.66 15.90
CA VAL B 386 39.57 -46.28 19.05
CA VAL B 387 37.06 -43.43 19.37
CA ASN B 388 37.69 -41.44 22.54
CA ASN B 389 34.64 -39.18 22.75
CA VAL B 390 31.58 -38.26 20.68
CA LYS B 391 29.50 -35.05 20.67
CA THR B 392 25.73 -35.09 20.15
CA GLY B 393 24.14 -33.49 17.08
CA THR B 394 27.27 -33.79 14.94
CA PRO B 395 28.04 -35.14 11.42
CA ALA B 396 29.89 -38.09 12.98
CA ALA B 397 27.08 -39.36 15.22
CA GLN B 398 24.72 -38.92 12.25
CA ILE B 399 26.20 -42.05 10.67
CA GLY B 400 26.10 -44.03 13.92
CA LEU B 401 29.58 -43.49 15.36
CA LYS B 402 29.69 -43.81 19.15
CA LYS B 403 32.50 -43.46 21.69
CA GLY B 404 34.22 -46.73 22.58
CA ASP B 405 34.20 -48.11 19.05
CA VAL B 406 37.42 -49.59 17.68
CA ILE B 407 38.03 -49.47 13.92
CA ILE B 408 39.46 -52.85 12.89
CA GLY B 409 39.44 -52.14 9.15
CA ALA B 410 37.88 -50.32 6.20
CA ASN B 411 36.87 -51.56 2.74
CA GLN B 412 38.34 -55.03 3.36
CA GLN B 413 41.70 -53.49 4.31
CA ALA B 414 43.06 -54.06 7.82
CA VAL B 415 43.47 -50.96 10.01
CA LYS B 416 46.04 -51.01 12.81
CA ASN B 417 46.58 -47.26 13.25
CA ILE B 418 45.56 -43.86 11.90
CA ALA B 419 48.20 -44.06 9.15
CA GLU B 420 46.64 -47.19 7.61
CA LEU B 421 43.18 -45.67 7.85
CA ARG B 422 44.34 -42.49 6.13
CA LYS B 423 45.84 -44.69 3.39
CA VAL B 424 42.43 -46.08 2.55
CA LEU B 425 41.01 -42.55 2.38
CA ASP B 426 43.85 -41.52 0.05
CA SER B 427 42.35 -43.99 -2.41
CA LYS B 428 39.20 -41.86 -2.18
CA PRO B 429 36.49 -44.54 -2.59
CA SER B 430 32.90 -43.50 -3.37
CA VAL B 431 31.60 -45.39 -0.33
CA LEU B 432 33.48 -46.02 2.91
CA ALA B 433 32.76 -49.16 4.94
CA LEU B 434 34.22 -49.16 8.45
CA ASN B 435 34.59 -52.48 10.24
CA ILE B 436 34.36 -51.27 13.85
CA GLN B 437 33.53 -53.25 16.99
CA ARG B 438 31.21 -52.22 19.81
CA GLY B 439 31.76 -54.34 22.88
CA ASP B 440 31.63 -57.99 21.94
CA SER B 441 30.03 -57.38 18.54
CA THR B 442 31.41 -56.60 15.08
CA ILE B 443 29.51 -54.09 12.96
CA TYR B 444 29.90 -51.89 9.88
CA LEU B 445 29.42 -48.19 9.23
CA LEU B 446 28.78 -46.90 5.71
CA MET B 447 29.62 -43.44 4.36
CA GLN B 448 28.40 -41.68 1.19
CA GLN C 11 69.56 27.92 17.14
CA MET C 12 66.84 26.06 15.23
CA PRO C 13 66.59 25.21 11.49
CA SER C 14 63.67 26.88 9.72
CA LEU C 15 62.11 27.69 6.36
CA ALA C 16 61.07 31.13 7.65
CA PRO C 17 64.21 32.91 6.34
CA MET C 18 63.66 31.60 2.81
CA LEU C 19 59.88 32.08 2.96
CA GLU C 20 59.81 35.74 3.93
CA LYS C 21 61.59 36.49 0.65
CA VAL C 22 59.47 34.20 -1.52
CA MET C 23 55.93 34.51 -0.13
CA PRO C 24 55.32 38.01 -1.54
CA SER C 25 55.81 36.38 -4.95
CA VAL C 26 52.77 34.14 -4.44
CA VAL C 27 49.35 35.71 -4.91
CA SER C 28 45.81 34.42 -4.56
CA ILE C 29 43.29 34.74 -7.38
CA ASN C 30 39.56 35.51 -7.11
CA VAL C 31 37.34 34.89 -10.13
CA GLU C 32 33.76 35.58 -11.21
CA GLY C 33 32.30 34.06 -14.37
CA SER C 34 29.40 32.47 -16.22
CA THR C 35 28.74 29.44 -18.41
CA GLN C 82 24.56 30.77 -14.69
CA LYS C 83 27.07 32.75 -12.64
CA PHE C 84 29.84 31.03 -10.67
CA MET C 85 32.63 32.00 -8.27
CA ALA C 86 36.04 30.35 -7.94
CA LEU C 87 39.39 30.97 -6.25
CA GLY C 88 42.95 29.71 -6.55
CA SER C 89 46.55 30.87 -6.51
CA GLY C 90 49.17 32.30 -8.83
CA VAL C 91 52.84 33.21 -9.06
CA ILE C 92 54.34 36.52 -10.11
CA ILE C 93 56.70 35.81 -13.01
CA ASP C 94 57.50 39.41 -13.99
CA ALA C 95 57.38 41.97 -11.18
CA ASP C 96 57.45 44.78 -13.74
CA LYS C 97 54.91 43.74 -16.33
CA GLY C 98 52.77 42.24 -13.58
CA TYR C 99 52.66 38.84 -15.27
CA VAL C 100 51.14 36.09 -13.16
CA VAL C 101 51.00 32.41 -14.06
CA THR C 102 48.24 30.08 -12.92
CA ASN C 103 46.15 27.05 -13.86
CA ASN C 104 43.93 27.44 -16.90
CA HIS C 105 41.11 25.71 -14.99
CA VAL C 106 41.20 28.47 -12.36
CA VAL C 107 40.68 31.39 -14.71
CA ASP C 108 38.68 29.60 -17.41
CA ASN C 109 35.46 31.34 -18.51
CA ALA C 110 36.25 34.33 -16.30
CA THR C 111 34.50 37.69 -16.60
CA VAL C 112 36.26 39.27 -13.60
CA ILE C 113 39.75 38.52 -12.31
CA LYS C 114 41.14 40.08 -9.15
CA VAL C 115 44.52 39.34 -7.57
CA GLN C 116 45.28 39.74 -3.86
CA LEU C 117 48.90 40.01 -2.74
CA SER C 118 50.48 38.70 0.46
CA ASP C 119 50.36 42.15 2.07
CA GLY C 120 46.63 42.38 1.43
CA ARG C 121 46.78 44.64 -1.63
CA LYS C 122 44.16 43.99 -4.33
CA PHE C 123 44.51 44.52 -8.08
CA ASP C 124 42.54 43.78 -11.22
CA ALA C 125 43.96 41.40 -13.81
CA LYS C 126 43.30 40.75 -17.48
CA MET C 127 43.85 37.45 -19.32
CA VAL C 128 46.97 37.27 -21.49
CA GLY C 129 47.10 33.67 -22.68
CA LYS C 130 45.64 30.25 -21.90
CA ASP C 131 46.50 26.68 -22.85
CA PRO C 132 43.87 24.08 -21.79
CA ARG C 133 46.04 21.23 -23.09
CA SER C 134 48.71 21.96 -20.46
CA ASP C 135 46.41 23.64 -17.92
CA ILE C 136 48.68 26.69 -17.86
CA ALA C 137 47.33 30.22 -18.12
CA LEU C 138 48.93 33.66 -17.92
CA ILE C 139 47.30 36.81 -16.56
CA GLN C 140 48.59 40.36 -16.13
CA ILE C 141 48.09 42.62 -13.14
CA GLN C 142 46.67 46.00 -14.11
CA ASN C 143 48.68 48.95 -12.76
CA PRO C 144 51.54 46.85 -11.33
CA LYS C 145 53.08 48.66 -8.37
CA ASN C 146 55.96 47.40 -6.24
CA LEU C 147 55.70 43.66 -6.96
CA THR C 148 58.03 40.75 -6.23
CA ALA C 149 58.72 38.09 -8.86
CA ILE C 150 60.01 34.59 -8.17
CA LYS C 151 63.17 33.02 -9.60
CA MET C 152 62.61 29.78 -11.51
CA ALA C 153 64.86 26.74 -11.14
CA ASP C 154 65.69 24.11 -13.76
CA SER C 155 63.12 21.38 -13.13
CA ASP C 156 65.40 18.97 -15.02
CA ALA C 157 67.67 18.95 -11.97
CA LEU C 158 64.94 17.64 -9.71
CA ARG C 159 65.43 14.20 -8.19
CA VAL C 160 62.99 12.11 -6.17
CA GLY C 161 63.86 12.88 -2.56
CA ASP C 162 64.47 16.62 -2.99
CA TYR C 163 62.63 18.70 -0.37
CA THR C 164 59.65 20.78 -1.50
CA VAL C 165 57.54 23.65 -0.15
CA ALA C 166 54.01 24.40 -1.36
CA ILE C 167 52.45 27.85 -1.26
CA GLY C 168 48.83 28.64 -2.07
CA ASN C 169 45.37 29.62 -0.85
CA PRO C 170 43.55 26.49 0.43
CA PHE C 171 39.83 27.07 0.93
CA GLY C 172 40.57 30.79 0.64
CA LEU C 173 42.08 30.72 4.13
CA GLY C 174 44.90 32.89 2.83
CA GLU C 175 48.54 32.33 1.94
CA THR C 176 49.33 28.90 3.38
CA VAL C 177 52.71 27.18 3.32
CA THR C 178 53.21 23.43 3.55
CA SER C 179 56.24 21.21 2.94
CA GLY C 180 57.16 17.75 1.70
CA ILE C 181 59.39 15.93 -0.78
CA VAL C 182 59.46 14.93 -4.43
CA SER C 183 57.51 11.66 -4.41
CA ALA C 184 58.01 10.94 -8.10
CA LEU C 185 58.63 12.57 -11.48
CA GLY C 186 57.17 12.41 -14.97
CA ARG C 187 53.82 11.20 -13.68
CA SER C 188 51.03 11.28 -16.24
CA GLY C 189 47.72 9.66 -17.13
CA LEU C 190 45.24 11.88 -15.31
CA ASN C 191 44.02 13.04 -18.72
CA ALA C 192 45.50 11.24 -21.73
CA GLU C 193 44.71 14.20 -24.01
CA ASN C 194 46.63 16.72 -21.87
CA TYR C 195 50.35 17.42 -21.94
CA GLU C 196 51.32 16.22 -18.47
CA ASN C 197 54.79 15.65 -17.07
CA PHE C 198 53.82 16.12 -13.42
CA ILE C 199 56.01 16.34 -10.35
CA GLN C 200 54.53 14.40 -7.48
CA THR C 201 54.76 15.56 -3.88
CA ASP C 202 53.41 14.59 -0.46
CA ALA C 203 53.27 18.28 0.43
CA ALA C 204 49.78 19.26 1.61
CA ILE C 205 47.74 20.52 -1.35
CA ASN C 206 43.99 21.19 -1.35
CA ARG C 207 41.30 23.10 -3.22
CA GLY C 208 42.71 26.58 -3.72
CA ASN C 209 46.36 25.61 -4.02
CA ALA C 210 45.92 25.43 -7.80
CA GLY C 211 48.21 27.81 -9.66
CA GLY C 212 50.21 27.96 -6.44
CA ALA C 213 53.98 27.70 -6.26
CA LEU C 214 56.07 24.63 -5.53
CA VAL C 215 59.62 25.68 -4.64
CA ASN C 216 62.83 24.12 -3.36
CA LEU C 217 64.69 25.05 -0.17
CA ASN C 218 66.28 27.99 -1.99
CA GLY C 219 62.88 29.47 -2.76
CA GLU C 220 63.16 28.75 -6.47
CA LEU C 221 60.06 27.71 -8.39
CA ILE C 222 60.26 24.08 -9.50
CA GLY C 223 56.61 23.61 -10.37
CA ILE C 224 53.01 24.81 -10.34
CA ASN C 225 50.66 22.74 -8.20
CA THR C 226 47.76 21.68 -10.42
CA ALA C 227 45.84 18.63 -9.18
CA ILE C 228 45.63 16.05 -6.40
CA LEU C 229 44.56 12.43 -6.07
CA ALA C 230 41.82 12.44 -3.44
CA PRO C 231 38.74 10.17 -3.13
CA ASP C 232 37.17 12.58 -0.63
CA GLY C 233 38.17 15.95 -2.06
CA GLY C 234 40.81 16.17 0.65
CA ASN C 235 44.58 15.78 0.33
CA ILE C 236 45.95 12.32 1.09
CA GLY C 237 49.62 12.93 0.33
CA ILE C 238 49.47 12.82 -3.45
CA GLY C 239 49.73 16.16 -5.25
CA PHE C 240 50.89 17.00 -8.76
CA ALA C 241 52.64 20.11 -10.10
CA ILE C 242 53.66 21.18 -13.59
CA PRO C 243 57.46 21.34 -13.99
CA SER C 244 58.89 24.87 -14.00
CA ASN C 245 60.60 24.31 -17.35
CA MET C 246 57.23 23.63 -18.96
CA VAL C 247 55.87 26.83 -17.45
CA LYS C 248 58.95 28.75 -18.62
CA ASN C 249 58.27 27.62 -22.20
CA LEU C 250 54.49 28.07 -22.24
CA THR C 251 54.35 31.50 -20.61
CA SER C 252 57.17 32.99 -22.69
CA GLN C 253 55.08 32.27 -25.78
CA MET C 254 51.85 33.66 -24.32
CA VAL C 255 53.79 36.84 -23.57
CA GLU C 256 54.64 37.31 -27.24
CA TYR C 257 51.84 35.64 -29.20
CA GLY C 258 48.94 35.46 -26.76
CA GLN C 259 48.83 31.74 -27.50
CA VAL C 260 51.18 28.79 -27.96
CA LYS C 261 52.54 27.92 -31.40
CA ARG C 262 52.27 24.15 -31.11
CA GLY C 263 55.04 22.25 -32.87
CA GLU C 264 55.31 18.51 -33.40
CA LEU C 265 57.67 15.78 -34.56
CA GLY C 266 54.78 14.28 -36.48
CA ILE C 267 54.87 10.75 -35.07
CA MET C 268 52.23 8.35 -33.82
CA GLY C 269 53.00 6.05 -30.90
CA THR C 270 52.19 4.56 -27.51
CA GLU C 271 53.63 3.58 -24.13
CA LEU C 272 56.33 0.92 -24.24
CA ASN C 273 55.41 -1.69 -21.65
CA SER C 274 57.11 -5.00 -20.82
CA GLU C 275 54.64 -6.94 -22.98
CA LEU C 276 55.22 -4.85 -26.10
CA ALA C 277 58.97 -5.04 -25.47
CA LYS C 278 58.80 -8.84 -25.67
CA ALA C 279 56.97 -8.76 -29.01
CA MET C 280 59.35 -6.23 -30.55
CA LYS C 281 62.44 -7.93 -29.11
CA VAL C 282 63.35 -4.73 -27.24
CA ASP C 283 65.44 -4.35 -24.09
CA ALA C 284 63.90 -1.25 -22.53
CA GLN C 285 60.66 -1.83 -20.63
CA ARG C 286 59.76 1.85 -20.88
CA GLY C 287 59.82 4.64 -23.45
CA ALA C 288 58.02 5.99 -26.49
CA PHE C 289 57.18 3.41 -29.16
CA VAL C 290 56.90 4.85 -32.66
CA SER C 291 53.77 3.45 -34.30
CA GLN C 292 54.37 5.45 -37.48
CA VAL C 293 55.96 8.63 -38.81
CA LEU C 294 53.95 11.12 -40.86
CA PRO C 295 55.23 11.99 -44.36
CA ASN C 296 56.87 15.42 -44.69
CA SER C 297 57.30 15.61 -40.91
CA SER C 298 60.48 16.73 -39.14
CA ALA C 299 60.82 13.21 -37.76
CA ALA C 300 60.61 11.69 -41.23
CA LYS C 301 63.24 14.09 -42.56
CA ALA C 302 65.39 13.23 -39.54
CA GLY C 303 65.36 9.53 -40.39
CA ILE C 304 62.99 8.19 -37.76
CA LYS C 305 61.18 5.06 -38.86
CA ALA C 306 58.32 3.13 -37.26
CA GLY C 307 59.05 0.40 -34.73
CA ASP C 308 61.65 2.64 -33.12
CA VAL C 309 61.80 3.24 -29.38
CA ILE C 310 62.74 6.68 -28.12
CA THR C 311 64.79 6.52 -24.93
CA SER C 312 66.14 10.03 -24.37
CA LEU C 313 65.50 13.69 -25.16
CA ASN C 314 68.41 16.14 -25.31
CA GLY C 315 70.33 13.65 -23.17
CA LYS C 316 67.62 13.38 -20.54
CA PRO C 317 66.12 9.86 -20.31
CA ILE C 318 62.45 9.39 -21.16
CA SER C 319 60.01 8.14 -18.53
CA SER C 320 57.16 7.52 -20.96
CA PHE C 321 55.53 8.46 -24.26
CA ALA C 322 53.14 10.71 -22.34
CA ALA C 323 56.11 12.53 -20.83
CA LEU C 324 57.85 13.02 -24.18
CA ARG C 325 54.58 14.36 -25.59
CA ALA C 326 54.42 16.90 -22.77
CA GLN C 327 58.10 17.79 -23.14
CA VAL C 328 57.99 18.79 -26.81
CA GLY C 329 54.41 20.01 -26.51
CA THR C 330 55.76 22.98 -24.56
CA MET C 331 58.75 23.75 -26.78
CA PRO C 332 58.47 26.57 -29.36
CA VAL C 333 58.29 25.88 -33.10
CA GLY C 334 61.69 25.53 -34.73
CA SER C 335 63.32 24.37 -31.50
CA LYS C 336 66.33 22.25 -32.43
CA LEU C 337 66.52 19.15 -30.26
CA THR C 338 68.09 15.68 -30.29
CA LEU C 339 66.53 12.28 -29.63
CA GLY C 340 67.96 8.95 -28.50
CA LEU C 341 66.45 6.08 -30.45
CA LEU C 342 66.60 2.31 -30.15
CA ARG C 343 66.10 0.25 -33.30
CA ASP C 344 67.16 -3.39 -33.52
CA GLY C 345 68.98 -3.21 -30.19
CA LYS C 346 71.01 -0.40 -31.70
CA GLN C 347 71.55 3.05 -30.14
CA VAL C 348 70.81 5.91 -32.55
CA ASN C 349 71.06 9.69 -32.25
CA VAL C 350 69.12 12.19 -34.35
CA ASN C 351 68.89 15.97 -34.78
CA LEU C 352 65.38 17.37 -35.09
CA GLU C 353 63.60 20.69 -35.50
CA VAL C 362 33.63 26.04 -47.45
CA ASP C 363 30.52 25.42 -45.35
CA SER C 364 27.14 27.08 -45.89
CA SER C 365 26.89 28.09 -42.22
CA SER C 366 29.71 30.55 -42.98
CA ILE C 367 27.48 32.50 -45.37
CA PHE C 368 23.93 32.03 -44.07
CA ASN C 369 24.87 32.14 -40.38
CA GLY C 370 22.93 29.08 -39.24
CA ILE C 371 22.53 26.88 -42.31
CA GLU C 372 24.76 23.81 -41.99
CA GLY C 373 25.14 20.63 -44.03
CA ALA C 374 26.20 22.06 -47.38
CA GLU C 375 29.66 22.94 -48.70
CA MET C 376 30.03 25.38 -51.60
CA SER C 377 32.62 27.50 -53.41
CA ASN C 378 33.11 29.70 -56.46
CA LYS C 379 32.76 28.11 -59.90
CA GLY C 380 35.46 28.66 -62.51
CA LYS C 381 35.69 32.37 -63.19
CA ASP C 382 32.65 34.34 -62.03
CA GLN C 383 30.25 31.57 -63.08
CA GLY C 384 28.31 31.58 -59.81
CA VAL C 385 28.51 29.69 -56.52
CA VAL C 386 28.47 25.92 -57.05
CA VAL C 387 27.54 23.57 -54.21
CA ASN C 388 30.24 20.96 -53.67
CA ASN C 389 28.60 18.53 -51.25
CA VAL C 390 25.41 18.19 -49.20
CA LYS C 391 24.76 16.27 -45.97
CA THR C 392 21.45 14.54 -45.26
CA GLY C 393 19.19 15.68 -42.42
CA THR C 394 20.58 19.21 -42.33
CA PRO C 395 19.05 22.74 -42.34
CA ALA C 396 20.35 23.27 -45.90
CA ALA C 397 18.75 20.21 -47.50
CA GLN C 398 15.54 21.10 -45.65
CA ILE C 399 14.94 23.92 -48.13
CA GLY C 400 15.80 21.78 -51.14
CA LEU C 401 19.50 22.50 -51.70
CA LYS C 402 21.33 19.64 -53.44
CA LYS C 403 24.97 19.16 -54.47
CA GLY C 404 25.72 20.22 -58.04
CA ASP C 405 23.52 23.31 -57.98
CA VAL C 406 25.00 26.57 -59.27
CA ILE C 407 23.70 29.85 -57.83
CA ILE C 408 23.26 32.29 -60.73
CA GLY C 409 21.65 35.04 -58.67
CA ALA C 410 19.54 36.05 -55.67
CA ASN C 411 16.63 38.49 -55.35
CA GLN C 412 17.00 39.66 -58.96
CA GLN C 413 20.69 40.45 -58.40
CA ALA C 414 23.31 38.60 -60.43
CA VAL C 415 25.72 36.38 -58.48
CA LYS C 416 29.15 35.64 -59.94
CA ASN C 417 31.03 34.71 -56.75
CA ILE C 418 30.65 34.39 -52.98
CA ALA C 419 31.38 38.10 -52.51
CA GLU C 420 28.35 39.18 -54.57
CA LEU C 421 26.15 36.65 -52.79
CA ARG C 422 27.30 37.92 -49.40
CA LYS C 423 26.47 41.45 -50.58
CA VAL C 424 22.83 40.50 -51.05
CA LEU C 425 22.75 39.00 -47.56
CA ASP C 426 24.25 42.21 -46.14
CA SER C 427 21.03 43.88 -47.26
CA LYS C 428 19.29 41.39 -44.95
CA PRO C 429 16.02 40.81 -46.85
CA SER C 430 13.08 39.14 -45.11
CA VAL C 431 12.88 36.46 -47.79
CA LEU C 432 15.78 35.12 -49.86
CA ALA C 433 15.16 33.87 -53.40
CA LEU C 434 18.05 31.92 -54.93
CA ASN C 435 18.14 31.50 -58.70
CA ILE C 436 20.11 28.25 -58.91
CA GLN C 437 20.30 25.76 -61.80
CA ARG C 438 20.14 21.98 -61.59
CA GLY C 439 21.40 20.38 -64.77
CA ASP C 440 19.63 21.91 -67.74
CA SER C 441 16.89 23.54 -65.68
CA THR C 442 16.58 26.85 -63.85
CA ILE C 443 14.82 26.86 -60.48
CA TYR C 444 14.36 28.99 -57.36
CA LEU C 445 14.85 28.35 -53.65
CA LEU C 446 13.04 30.44 -51.06
CA MET C 447 14.20 31.18 -47.50
CA GLN C 448 12.24 32.56 -44.53
CA GLN D 11 -47.53 36.82 -45.31
CA MET D 12 -44.07 35.95 -43.98
CA PRO D 13 -40.84 35.13 -45.86
CA SER D 14 -39.55 31.60 -45.28
CA LEU D 15 -37.14 28.92 -46.44
CA ALA D 16 -39.78 26.24 -45.87
CA PRO D 17 -41.06 26.29 -49.48
CA MET D 18 -37.58 25.71 -50.89
CA LEU D 19 -36.62 23.22 -48.16
CA GLU D 20 -39.53 20.81 -48.54
CA LYS D 21 -38.32 20.15 -52.09
CA VAL D 22 -34.62 19.86 -51.23
CA MET D 23 -34.53 18.06 -47.87
CA PRO D 24 -35.46 14.64 -49.29
CA SER D 25 -32.23 14.94 -51.29
CA VAL D 26 -30.14 15.02 -48.11
CA VAL D 27 -29.55 11.70 -46.34
CA SER D 28 -27.74 10.73 -43.15
CA ILE D 29 -25.05 8.04 -43.15
CA ASN D 30 -24.38 5.42 -40.46
CA VAL D 31 -21.10 3.53 -40.53
CA GLU D 32 -19.46 0.58 -38.76
CA GLY D 33 -15.79 -0.25 -39.21
CA SER D 34 -12.48 -1.40 -37.78
CA THR D 35 -8.83 -0.31 -37.78
CA GLN D 82 -10.79 -2.42 -32.80
CA LYS D 83 -14.35 -1.71 -33.93
CA PHE D 84 -15.67 1.85 -34.27
CA MET D 85 -18.95 3.59 -35.09
CA ALA D 86 -19.38 6.89 -36.93
CA LEU D 87 -22.14 8.96 -38.51
CA GLY D 88 -22.43 11.85 -40.95
CA SER D 89 -24.47 13.10 -43.89
CA GLY D 90 -24.64 12.75 -47.65
CA VAL D 91 -26.33 14.14 -50.74
CA ILE D 92 -28.16 12.18 -53.44
CA ILE D 93 -26.53 13.07 -56.76
CA ASP D 94 -28.33 10.55 -58.97
CA ALA D 95 -31.83 9.57 -57.88
CA ASP D 96 -31.77 6.64 -60.31
CA LYS D 97 -28.40 5.03 -59.76
CA GLY D 98 -28.67 5.86 -56.05
CA TYR D 99 -25.36 7.71 -56.06
CA VAL D 100 -24.61 9.59 -52.85
CA VAL D 101 -21.67 11.90 -52.27
CA THR D 102 -20.06 12.43 -48.86
CA ASN D 103 -16.79 13.13 -47.05
CA ASN D 104 -14.10 10.50 -47.42
CA HIS D 105 -13.38 10.80 -43.69
CA VAL D 106 -16.95 9.73 -42.91
CA VAL D 107 -16.91 6.46 -44.81
CA ASP D 108 -13.19 5.67 -44.49
CA ASN D 109 -12.33 2.15 -43.32
CA ALA D 110 -16.00 1.17 -43.37
CA THR D 111 -17.24 -2.42 -43.23
CA VAL D 112 -20.93 -1.53 -43.12
CA ILE D 113 -22.63 1.51 -44.66
CA LYS D 114 -26.31 2.24 -44.18
CA VAL D 115 -28.18 5.29 -45.47
CA GLN D 116 -31.31 6.74 -43.85
CA LEU D 117 -33.56 9.03 -45.89
CA SER D 118 -35.57 12.03 -44.70
CA ASP D 119 -38.77 9.98 -44.59
CA GLY D 120 -37.14 7.42 -42.32
CA ARG D 121 -36.41 4.78 -44.96
CA LYS D 122 -33.19 2.79 -44.54
CA PHE D 123 -30.99 1.30 -47.25
CA ASP D 124 -27.62 -0.39 -47.55
CA ALA D 125 -24.85 1.29 -49.50
CA LYS D 126 -21.62 0.11 -51.11
CA MET D 127 -18.50 2.22 -51.70
CA VAL D 128 -17.97 3.40 -55.27
CA GLY D 129 -14.97 5.72 -55.08
CA LYS D 130 -12.91 7.67 -52.56
CA ASP D 131 -10.35 10.47 -52.75
CA PRO D 132 -8.57 11.24 -49.44
CA ARG D 133 -6.69 14.14 -51.02
CA SER D 134 -9.93 16.06 -51.56
CA ASP D 135 -11.93 14.38 -48.79
CA ILE D 136 -14.65 13.46 -51.28
CA ALA D 137 -16.15 9.98 -51.46
CA LEU D 138 -18.98 8.45 -53.47
CA ILE D 139 -21.28 5.65 -52.35
CA GLN D 140 -24.22 3.94 -54.03
CA ILE D 141 -27.54 3.02 -52.46
CA GLN D 142 -28.42 -0.63 -52.98
CA ASN D 143 -31.89 -1.17 -54.46
CA PRO D 144 -32.63 2.53 -55.07
CA LYS D 145 -36.38 3.12 -54.89
CA ASN D 146 -38.13 6.46 -55.33
CA LEU D 147 -35.24 8.81 -54.52
CA THR D 148 -34.80 12.56 -54.95
CA ALA D 149 -31.56 14.01 -56.33
CA ILE D 150 -30.36 17.58 -55.85
CA LYS D 151 -29.52 20.06 -58.60
CA MET D 152 -25.99 21.46 -58.44
CA ALA D 153 -25.19 25.14 -59.01
CA ASP D 154 -22.03 26.64 -60.48
CA SER D 155 -19.89 27.38 -57.44
CA ASP D 156 -17.88 29.82 -59.58
CA ALA D 157 -20.84 32.21 -59.37
CA LEU D 158 -20.65 32.39 -55.59
CA ARG D 159 -19.79 35.74 -54.03
CA VAL D 160 -19.07 36.57 -50.41
CA GLY D 161 -22.39 37.76 -49.04
CA ASP D 162 -24.60 35.21 -50.79
CA TYR D 163 -27.06 33.51 -48.42
CA THR D 164 -26.49 29.86 -47.53
CA VAL D 165 -28.44 26.99 -45.96
CA ALA D 166 -26.79 23.98 -44.34
CA ILE D 167 -28.42 20.56 -44.11
CA GLY D 168 -27.04 17.60 -42.19
CA ASN D 169 -27.27 15.30 -39.18
CA PRO D 170 -25.59 16.99 -36.16
CA PHE D 171 -24.98 14.59 -33.29
CA GLY D 172 -27.32 12.18 -35.06
CA LEU D 173 -30.27 14.31 -34.00
CA GLY D 174 -31.70 13.89 -37.50
CA GLU D 175 -32.02 16.10 -40.55
CA THR D 176 -31.22 19.59 -39.26
CA VAL D 177 -31.34 22.81 -41.29
CA THR D 178 -29.38 25.94 -40.45
CA SER D 179 -28.66 29.12 -42.42
CA GLY D 180 -25.99 31.77 -42.86
CA ILE D 181 -23.92 33.54 -45.51
CA VAL D 182 -20.76 33.04 -47.54
CA SER D 183 -18.07 34.34 -45.17
CA ALA D 184 -15.20 33.87 -47.61
CA LEU D 185 -14.04 31.86 -50.62
CA GLY D 186 -10.96 29.91 -51.65
CA ARG D 187 -9.93 29.32 -48.05
CA SER D 188 -7.19 26.74 -47.62
CA GLY D 189 -4.39 25.71 -45.27
CA LEU D 190 -6.15 23.28 -42.97
CA ASN D 191 -4.02 20.53 -44.51
CA ALA D 192 -1.33 21.67 -46.96
CA GLU D 193 -1.26 18.23 -48.62
CA ASN D 194 -4.98 18.23 -49.42
CA TYR D 195 -6.69 19.84 -52.39
CA GLU D 196 -8.75 22.49 -50.61
CA ASN D 197 -10.62 25.42 -52.13
CA PHE D 198 -13.13 25.78 -49.30
CA ILE D 199 -16.21 27.95 -49.08
CA GLN D 200 -16.53 29.52 -45.65
CA THR D 201 -19.87 30.05 -43.93
CA ASP D 202 -21.18 31.18 -40.56
CA ALA D 203 -24.03 28.67 -40.95
CA ALA D 204 -24.22 26.35 -37.95
CA ILE D 205 -22.18 23.21 -38.63
CA ASN D 206 -21.25 20.55 -36.07
CA ARG D 207 -20.14 16.93 -35.81
CA GLY D 208 -22.43 15.00 -38.13
CA ASN D 209 -22.93 17.72 -40.72
CA ALA D 210 -19.99 16.30 -42.68
CA GLY D 211 -20.96 15.22 -46.18
CA GLY D 212 -24.02 17.38 -45.71
CA ALA D 213 -25.34 19.82 -48.29
CA LEU D 214 -24.72 23.55 -48.49
CA VAL D 215 -27.26 25.14 -50.84
CA ASN D 216 -28.35 28.60 -51.97
CA LEU D 217 -31.82 30.11 -51.62
CA ASN D 218 -32.92 28.21 -54.74
CA GLY D 219 -32.07 24.88 -53.15
CA GLU D 220 -29.11 24.30 -55.44
CA LEU D 221 -26.01 22.59 -54.06
CA ILE D 222 -23.08 25.00 -53.86
CA GLY D 223 -20.87 22.93 -51.58
CA ILE D 224 -20.35 19.97 -49.28
CA ASN D 225 -19.75 20.88 -45.64
CA THR D 226 -16.50 19.21 -44.58
CA ALA D 227 -14.82 20.78 -41.54
CA ILE D 228 -15.13 23.53 -38.94
CA LEU D 229 -12.75 25.69 -36.91
CA ALA D 230 -13.64 25.01 -33.28
CA PRO D 231 -11.38 25.01 -30.19
CA ASP D 232 -14.06 23.18 -28.19
CA GLY D 233 -15.47 20.78 -30.76
CA GLY D 234 -18.46 23.09 -31.08
CA ASN D 235 -19.33 25.46 -33.94
CA ILE D 236 -18.24 29.07 -33.48
CA GLY D 237 -19.39 30.47 -36.81
CA ILE D 238 -16.60 29.15 -39.01
CA GLY D 239 -17.46 26.22 -41.26
CA PHE D 240 -15.92 25.05 -44.52
CA ALA D 241 -17.49 23.30 -47.51
CA ILE D 242 -16.06 21.89 -50.72
CA PRO D 243 -17.24 23.83 -53.81
CA SER D 244 -19.90 22.06 -55.86
CA ASN D 245 -17.80 22.30 -59.03
CA MET D 246 -15.05 20.28 -57.36
CA VAL D 247 -17.59 17.66 -56.33
CA LYS D 248 -19.04 17.62 -59.87
CA ASN D 249 -15.59 16.82 -61.25
CA LEU D 250 -14.47 14.29 -58.64
CA THR D 251 -17.68 12.25 -58.49
CA SER D 252 -18.14 12.06 -62.28
CA GLN D 253 -14.76 10.29 -62.45
CA MET D 254 -15.49 7.91 -59.58
CA VAL D 255 -18.67 6.96 -61.43
CA GLU D 256 -16.67 5.83 -64.46
CA TYR D 257 -13.27 4.75 -63.15
CA GLY D 258 -13.85 4.07 -59.47
CA GLN D 259 -11.00 6.48 -58.79
CA VAL D 260 -9.70 9.85 -59.95
CA LYS D 261 -7.24 10.08 -62.83
CA ARG D 262 -5.03 12.81 -61.38
CA GLY D 263 -3.60 15.20 -63.94
CA GLU D 264 -1.04 17.93 -63.42
CA LEU D 265 0.60 20.90 -65.08
CA GLY D 266 3.91 19.68 -63.72
CA ILE D 267 5.05 22.82 -61.92
CA MET D 268 6.58 23.49 -58.51
CA GLY D 269 5.66 26.64 -56.63
CA THR D 270 4.46 28.44 -53.51
CA GLU D 271 2.17 31.18 -52.20
CA LEU D 272 2.91 34.67 -53.50
CA ASN D 273 3.01 36.97 -50.48
CA SER D 274 3.85 40.68 -50.27
CA GLU D 275 7.44 39.93 -49.24
CA LEU D 276 8.16 37.64 -52.18
CA ALA D 277 6.49 40.16 -54.50
CA LYS D 278 9.02 42.80 -53.41
CA ALA D 279 11.97 40.52 -54.15
CA MET D 280 10.66 39.50 -57.57
CA LYS D 281 9.59 43.05 -58.46
CA VAL D 282 5.99 41.85 -58.89
CA ASP D 283 2.78 43.89 -58.58
CA ALA D 284 0.33 41.25 -57.38
CA GLN D 285 0.51 40.46 -53.66
CA ARG D 286 -1.25 37.15 -54.20
CA GLY D 287 -1.16 34.24 -56.62
CA ALA D 288 0.80 31.13 -57.56
CA PHE D 289 4.56 31.61 -57.87
CA VAL D 290 6.24 29.17 -60.24
CA SER D 291 9.37 27.83 -58.55
CA GLN D 292 10.18 25.60 -61.53
CA VAL D 293 8.60 23.71 -64.42
CA LEU D 294 9.22 19.99 -64.92
CA PRO D 295 10.70 18.88 -68.26
CA ASN D 296 8.26 17.18 -70.64
CA SER D 297 5.32 18.61 -68.68
CA SER D 298 2.25 20.23 -70.24
CA ALA D 299 3.32 23.50 -68.64
CA ALA D 300 6.78 23.31 -70.20
CA LYS D 301 5.30 22.59 -73.63
CA ALA D 302 2.93 25.52 -73.10
CA GLY D 303 5.81 27.94 -72.54
CA ILE D 304 5.61 28.46 -68.80
CA LYS D 305 8.97 29.34 -67.27
CA ALA D 306 10.03 29.67 -63.63
CA GLY D 307 9.66 32.99 -61.82
CA ASP D 308 6.22 33.39 -63.37
CA VAL D 309 3.17 34.35 -61.33
CA ILE D 310 -0.17 32.78 -62.22
CA THR D 311 -3.06 35.20 -61.71
CA SER D 312 -6.07 33.59 -63.36
CA LEU D 313 -7.53 30.25 -64.43
CA ASN D 314 -9.97 30.08 -67.33
CA GLY D 315 -10.63 33.77 -66.72
CA LYS D 316 -11.36 33.31 -63.02
CA PRO D 317 -8.84 35.12 -60.78
CA ILE D 318 -6.64 33.05 -58.49
CA SER D 319 -6.85 33.46 -54.72
CA SER D 320 -3.74 31.44 -53.96
CA PHE D 321 -1.41 28.65 -55.07
CA ALA D 322 -3.29 26.27 -52.77
CA ALA D 323 -6.53 27.17 -54.53
CA LEU D 324 -5.09 26.64 -58.01
CA ARG D 325 -3.74 23.28 -56.87
CA ALA D 326 -7.24 22.30 -55.74
CA GLN D 327 -8.83 23.64 -58.92
CA VAL D 328 -6.82 21.57 -61.38
CA GLY D 329 -6.50 18.69 -58.93
CA THR D 330 -10.18 17.97 -59.56
CA MET D 331 -10.15 18.37 -63.33
CA PRO D 332 -9.95 15.23 -65.52
CA VAL D 333 -6.83 14.33 -67.51
CA GLY D 334 -6.68 15.99 -70.91
CA SER D 335 -8.82 18.91 -69.79
CA LYS D 336 -7.94 21.89 -71.96
CA LEU D 337 -7.66 25.05 -69.87
CA THR D 338 -6.05 28.49 -70.06
CA LEU D 339 -3.89 30.32 -67.54
CA GLY D 340 -3.15 34.00 -66.94
CA LEU D 341 0.53 34.57 -66.22
CA LEU D 342 2.57 37.55 -65.07
CA ARG D 343 6.23 37.68 -66.07
CA ASP D 344 8.25 40.89 -65.94
CA GLY D 345 5.13 42.97 -65.27
CA LYS D 346 3.75 41.56 -68.50
CA GLN D 347 0.35 39.87 -68.90
CA VAL D 348 0.56 36.49 -70.65
CA ASN D 349 -2.07 33.95 -71.73
CA VAL D 350 -1.42 30.25 -72.33
CA ASN D 351 -3.36 27.19 -73.49
CA LEU D 352 -2.74 24.01 -71.52
CA GLU D 353 -3.86 20.39 -71.41
CA VAL D 362 6.82 2.84 -55.04
CA ASP D 363 6.59 1.12 -51.66
CA SER D 364 5.22 -2.39 -51.08
CA SER D 365 2.90 -1.20 -48.31
CA SER D 366 0.93 0.53 -51.07
CA ILE D 367 0.03 -2.81 -52.65
CA PHE D 368 -0.04 -5.30 -49.78
CA ASN D 369 -1.55 -2.88 -47.23
CA GLY D 370 0.84 -3.58 -44.36
CA ILE D 371 4.03 -4.89 -45.93
CA GLU D 372 6.77 -2.24 -45.68
CA GLY D 373 10.48 -2.24 -46.45
CA ALA D 374 10.44 -3.00 -50.17
CA GLU D 375 10.15 -0.67 -53.15
CA MET D 376 9.00 -2.01 -56.52
CA SER D 377 7.73 -0.88 -59.92
CA ASN D 378 6.86 -2.15 -63.39
CA LYS D 379 9.63 -3.67 -65.51
CA GLY D 380 10.12 -2.51 -69.08
CA LYS D 381 6.95 -3.24 -71.00
CA ASP D 382 4.68 -5.78 -69.30
CA GLN D 383 7.63 -7.88 -68.09
CA GLY D 384 6.37 -8.17 -64.52
CA VAL D 385 6.86 -6.24 -61.30
CA VAL D 386 10.55 -5.84 -60.44
CA VAL D 387 11.64 -5.04 -56.89
CA ASN D 388 13.86 -1.96 -56.82
CA ASN D 389 15.20 -1.94 -53.25
CA VAL D 390 14.71 -3.82 -49.97
CA LYS D 391 15.25 -2.66 -46.39
CA THR D 392 16.57 -4.99 -43.67
CA GLY D 393 14.43 -5.95 -40.69
CA THR D 394 11.13 -5.29 -42.45
CA PRO D 395 7.86 -7.27 -42.94
CA ALA D 396 8.73 -7.74 -46.63
CA ALA D 397 12.16 -9.32 -46.16
CA GLN D 398 10.62 -11.51 -43.45
CA ILE D 399 8.95 -13.60 -46.15
CA GLY D 400 12.08 -13.78 -48.30
CA LEU D 401 11.64 -10.87 -50.72
CA LYS D 402 14.96 -9.52 -52.02
CA LYS D 403 15.81 -6.67 -54.41
CA GLY D 404 16.19 -7.73 -58.04
CA ASP D 405 13.29 -10.17 -58.00
CA VAL D 406 10.78 -10.00 -60.84
CA ILE D 407 7.19 -11.09 -60.17
CA ILE D 408 6.04 -13.17 -63.15
CA GLY D 409 2.70 -14.17 -61.65
CA ALA D 410 0.62 -14.90 -58.56
CA ASN D 411 -1.77 -17.76 -57.77
CA GLN D 412 -1.49 -19.20 -61.29
CA GLN D 413 -2.42 -15.85 -62.81
CA ALA D 414 0.08 -14.08 -65.07
CA VAL D 415 1.41 -10.72 -63.86
CA LYS D 416 2.66 -8.19 -66.40
CA ASN D 417 2.33 -4.99 -64.36
CA ILE D 418 1.18 -3.63 -60.99
CA ALA D 419 -2.43 -3.43 -62.20
CA GLU D 420 -2.65 -7.19 -62.83
CA LEU D 421 -1.01 -7.92 -59.49
CA ARG D 422 -3.46 -5.66 -57.68
CA LYS D 423 -6.28 -7.52 -59.46
CA VAL D 424 -5.24 -10.76 -57.84
CA LEU D 425 -5.18 -9.06 -54.43
CA ASP D 426 -8.68 -7.68 -55.05
CA SER D 427 -9.81 -11.31 -55.03
CA LYS D 428 -8.40 -11.42 -51.49
CA PRO D 429 -7.15 -15.03 -51.32
CA SER D 430 -6.29 -16.58 -47.95
CA VAL D 431 -2.78 -17.46 -49.15
CA LEU D 432 -0.74 -15.56 -51.75
CA ALA D 433 1.75 -17.42 -53.93
CA LEU D 434 4.15 -15.20 -55.86
CA ASN D 435 5.96 -16.68 -58.85
CA ILE D 436 9.07 -14.46 -58.84
CA GLN D 437 12.46 -15.10 -60.45
CA ARG D 438 15.89 -14.51 -58.93
CA GLY D 439 18.58 -14.49 -61.56
CA ASP D 440 18.28 -17.61 -63.68
CA SER D 441 15.98 -19.43 -61.27
CA THR D 442 12.22 -19.48 -60.75
CA ILE D 443 10.93 -19.58 -57.18
CA TYR D 444 7.77 -19.00 -55.14
CA LEU D 445 6.95 -16.85 -52.12
CA LEU D 446 4.02 -17.68 -49.87
CA MET D 447 2.00 -15.26 -47.75
CA GLN D 448 -0.43 -15.94 -44.87
CA GLN E 11 -34.13 52.08 -45.96
CA MET E 12 -32.92 48.93 -44.21
CA PRO E 13 -34.86 45.81 -43.14
CA SER E 14 -34.98 45.24 -39.39
CA LEU E 15 -36.61 43.31 -36.56
CA ALA E 16 -36.63 46.43 -34.39
CA PRO E 17 -40.18 47.48 -35.38
CA MET E 18 -41.60 44.09 -34.40
CA LEU E 19 -39.41 43.77 -31.31
CA GLU E 20 -40.33 47.06 -29.62
CA LYS E 21 -43.90 45.79 -29.43
CA VAL E 22 -43.04 42.27 -28.27
CA MET E 23 -40.10 42.70 -25.88
CA PRO E 24 -42.20 44.17 -23.03
CA SER E 25 -44.04 40.84 -23.09
CA VAL E 26 -40.87 38.95 -22.14
CA VAL E 27 -39.78 39.09 -18.51
CA SER E 28 -36.82 37.68 -16.60
CA ILE E 29 -37.29 35.55 -13.49
CA ASN E 30 -35.17 35.54 -10.32
CA VAL E 31 -35.55 32.66 -7.88
CA GLU E 32 -34.37 31.72 -4.38
CA GLY E 33 -34.91 28.25 -2.96
CA SER E 34 -33.67 25.28 -0.94
CA THR E 35 -33.39 21.51 -1.27
CA GLN E 82 -28.97 24.11 1.32
CA LYS E 83 -30.01 27.40 -0.27
CA PHE E 84 -29.65 28.01 -4.01
CA MET E 85 -30.18 30.85 -6.48
CA ALA E 86 -31.32 30.56 -10.09
CA LEU E 87 -32.52 32.78 -12.92
CA GLY E 88 -34.33 32.39 -16.23
CA SER E 89 -37.01 33.98 -18.38
CA GLY E 90 -40.77 34.00 -18.80
CA VAL E 91 -43.56 35.23 -21.05
CA ILE E 92 -46.62 37.23 -20.05
CA ILE E 93 -49.67 35.28 -21.22
CA ASP E 94 -52.36 37.39 -19.57
CA ALA E 95 -51.56 41.08 -19.09
CA ASP E 96 -54.53 41.42 -16.73
CA LYS E 97 -54.23 38.46 -14.42
CA GLY E 98 -50.44 38.77 -14.56
CA TYR E 99 -50.02 35.17 -15.71
CA VAL E 100 -46.49 34.26 -16.75
CA VAL E 101 -45.40 30.98 -18.29
CA THR E 102 -41.93 29.50 -17.83
CA ASN E 103 -39.96 26.28 -17.52
CA ASN E 104 -40.78 24.11 -14.54
CA HIS E 105 -37.06 23.56 -13.97
CA VAL E 106 -36.58 27.30 -13.50
CA VAL E 107 -39.08 27.77 -10.70
CA ASP E 108 -38.87 24.28 -9.17
CA ASN E 109 -38.39 24.16 -5.39
CA ALA E 110 -38.71 27.94 -5.17
CA THR E 111 -39.31 29.84 -1.93
CA VAL E 112 -39.09 33.30 -3.48
CA ILE E 113 -40.03 34.30 -7.02
CA LYS E 114 -39.48 37.81 -8.36
CA VAL E 115 -40.18 39.00 -11.90
CA GLN E 116 -38.37 41.89 -13.59
CA LEU E 117 -39.95 43.55 -16.62
CA SER E 118 -38.22 45.03 -19.67
CA ASP E 119 -38.59 48.57 -18.31
CA GLY E 120 -36.84 47.57 -15.09
CA ARG E 121 -39.94 47.20 -12.91
CA LYS E 122 -39.85 44.42 -10.29
CA PHE E 123 -42.76 42.40 -8.95
CA ASP E 124 -43.33 39.40 -6.72
CA ALA E 125 -44.86 36.24 -8.17
CA LYS E 126 -46.60 33.21 -6.71
CA MET E 127 -46.71 29.73 -8.25
CA VAL E 128 -49.97 28.78 -9.97
CA GLY E 129 -49.26 25.42 -11.58
CA LYS E 130 -46.37 23.18 -12.57
CA ASP E 131 -45.95 20.13 -14.81
CA PRO E 132 -42.52 18.43 -14.56
CA ARG E 133 -43.46 15.94 -17.30
CA SER E 134 -43.66 18.74 -19.87
CA ASP E 135 -41.33 21.17 -18.11
CA ILE E 136 -43.99 23.87 -18.24
CA ALA E 137 -44.88 25.98 -15.22
CA LEU E 138 -47.22 28.92 -14.68
CA ILE E 139 -46.72 31.77 -12.22
CA GLN E 140 -48.76 34.88 -11.47
CA ILE E 141 -47.47 38.39 -10.93
CA GLN E 142 -48.72 39.91 -7.68
CA ASN E 143 -50.34 43.33 -8.11
CA PRO E 144 -50.21 43.33 -11.94
CA LYS E 145 -49.99 46.91 -13.21
CA ASN E 146 -49.79 47.98 -16.84
CA LEU E 147 -48.48 44.75 -18.39
CA THR E 148 -48.15 43.59 -21.99
CA ALA E 149 -49.15 40.07 -23.01
CA ILE E 150 -47.96 38.25 -26.13
CA LYS E 151 -50.13 36.80 -28.88
CA MET E 152 -49.64 33.09 -29.51
CA ALA E 153 -49.44 31.59 -33.00
CA ASP E 154 -50.53 28.12 -34.11
CA SER E 155 -47.35 26.06 -33.83
CA ASP E 156 -48.94 23.51 -36.20
CA ALA E 157 -48.31 25.97 -39.03
CA LEU E 158 -44.57 25.96 -38.43
CA ARG E 159 -42.36 24.59 -41.20
CA VAL E 160 -38.62 23.93 -41.16
CA GLY E 161 -37.11 27.05 -42.69
CA ASP E 162 -39.38 29.59 -41.01
CA TYR E 163 -37.45 32.45 -39.38
CA THR E 164 -37.28 32.62 -35.59
CA VAL E 165 -36.35 35.17 -32.92
CA ALA E 166 -35.33 34.21 -29.39
CA ILE E 167 -35.82 36.45 -26.37
CA GLY E 168 -34.50 35.75 -22.90
CA ASN E 169 -32.02 36.59 -20.15
CA PRO E 170 -28.68 34.80 -20.88
CA PHE E 171 -26.34 34.81 -17.90
CA GLY E 172 -28.60 37.45 -16.37
CA LEU E 173 -27.19 40.02 -18.79
CA GLY E 174 -30.72 41.30 -19.33
CA GLU E 175 -33.28 41.02 -22.11
CA THR E 176 -31.31 39.66 -25.06
CA VAL E 177 -32.66 39.05 -28.56
CA THR E 178 -31.18 36.59 -31.04
CA SER E 179 -32.46 35.18 -34.33
CA GLY E 180 -32.32 32.04 -36.45
CA ILE E 181 -34.52 29.53 -38.26
CA VAL E 182 -36.55 26.41 -37.56
CA SER E 183 -33.93 23.66 -37.82
CA ALA E 184 -36.35 20.80 -37.28
CA LEU E 185 -39.67 19.87 -35.69
CA GLY E 186 -41.02 17.16 -33.41
CA ARG E 187 -37.59 16.46 -31.96
CA SER E 188 -37.62 14.28 -28.86
CA GLY E 189 -35.48 11.85 -26.88
CA LEU E 190 -33.74 14.17 -24.43
CA ASN E 191 -35.75 12.50 -21.67
CA ALA E 192 -37.87 9.51 -22.71
CA GLU E 193 -40.19 9.99 -19.71
CA ASN E 194 -41.04 13.59 -20.59
CA TYR E 195 -43.66 14.81 -23.04
CA GLU E 196 -41.44 16.43 -25.65
CA ASN E 197 -42.37 17.64 -29.13
CA PHE E 198 -39.58 20.20 -29.41
CA ILE E 199 -38.99 22.82 -32.06
CA GLN E 200 -35.32 23.03 -32.97
CA THR E 201 -33.60 26.30 -33.80
CA ASP E 202 -30.09 27.58 -34.50
CA ALA E 203 -31.02 30.82 -32.72
CA ALA E 204 -28.55 31.60 -29.94
CA ILE E 205 -29.81 30.16 -26.65
CA ASN E 206 -27.81 29.88 -23.43
CA ARG E 207 -28.24 29.49 -19.68
CA GLY E 208 -30.95 31.96 -18.71
CA ASN E 209 -32.95 31.79 -21.93
CA ALA E 210 -35.11 29.07 -20.36
CA GLY E 211 -38.77 30.01 -20.18
CA GLY E 212 -37.92 32.64 -22.76
CA ALA E 213 -39.99 33.34 -25.86
CA LEU E 214 -39.45 32.02 -29.38
CA VAL E 215 -41.49 34.07 -31.84
CA ASN E 216 -41.91 34.43 -35.60
CA LEU E 217 -41.35 37.58 -37.66
CA ASN E 218 -44.80 38.83 -36.64
CA GLY E 219 -43.88 38.72 -32.97
CA GLU E 220 -46.19 35.78 -32.27
CA LEU E 221 -45.12 33.14 -29.76
CA ILE E 222 -44.39 29.84 -31.47
CA GLY E 223 -42.52 28.18 -28.61
CA ILE E 224 -40.84 28.36 -25.23
CA ASN E 225 -37.09 27.80 -25.29
CA THR E 226 -36.32 24.99 -22.85
CA ALA E 227 -33.00 23.22 -23.45
CA ILE E 228 -29.91 23.15 -25.64
CA LEU E 229 -27.45 20.54 -26.88
CA ALA E 230 -24.04 21.74 -25.71
CA PRO E 231 -20.97 19.70 -24.67
CA ASP E 232 -19.42 22.78 -23.06
CA GLY E 233 -22.44 24.47 -21.51
CA GLY E 234 -22.36 26.94 -24.38
CA ASN E 235 -24.71 27.20 -27.36
CA ILE E 236 -23.51 25.48 -30.54
CA GLY E 237 -26.52 26.15 -32.75
CA ILE E 238 -28.88 23.55 -31.37
CA GLY E 239 -31.70 24.81 -29.14
CA PHE E 240 -35.09 23.33 -28.34
CA ALA E 241 -38.40 25.03 -27.53
CA ILE E 242 -41.80 23.71 -26.52
CA PRO E 243 -44.45 24.32 -29.21
CA SER E 244 -46.87 27.15 -28.41
CA ASN E 245 -49.89 24.87 -28.83
CA MET E 246 -48.60 22.65 -26.04
CA VAL E 247 -48.16 25.68 -23.81
CA LYS E 248 -51.66 26.91 -24.73
CA ASN E 249 -53.11 23.59 -23.56
CA LEU E 250 -51.03 23.13 -20.41
CA THR E 251 -51.36 26.66 -19.03
CA SER E 252 -55.11 26.92 -19.66
CA GLN E 253 -55.57 23.94 -17.35
CA MET E 254 -53.24 25.27 -14.65
CA VAL E 255 -55.31 28.45 -14.70
CA GLU E 256 -58.46 26.53 -13.80
CA TYR E 257 -57.33 23.47 -11.86
CA GLY E 258 -53.86 24.38 -10.60
CA GLN E 259 -52.67 21.18 -12.24
CA VAL E 260 -53.11 19.20 -15.46
CA LYS E 261 -55.83 16.57 -15.75
CA ARG E 262 -53.83 14.00 -17.67
CA GLY E 263 -55.84 11.99 -20.18
CA GLU E 264 -54.75 9.00 -22.20
CA LEU E 265 -55.75 6.74 -25.07
CA GLY E 266 -54.59 3.80 -22.98
CA ILE E 267 -52.18 2.20 -25.44
CA MET E 268 -48.69 0.76 -25.14
CA GLY E 269 -46.23 1.18 -28.00
CA THR E 270 -42.84 2.20 -29.36
CA GLU E 271 -41.06 4.00 -32.18
CA LEU E 272 -41.63 2.55 -35.64
CA ASN E 273 -38.20 2.20 -37.26
CA SER E 274 -37.25 0.70 -40.62
CA GLU E 275 -36.32 -2.63 -39.01
CA LEU E 276 -39.65 -3.08 -37.23
CA ALA E 277 -41.44 -2.04 -40.43
CA LYS E 278 -39.80 -4.95 -42.26
CA ALA E 279 -40.93 -7.46 -39.64
CA MET E 280 -44.51 -6.17 -39.57
CA LYS E 281 -44.70 -5.85 -43.36
CA VAL E 282 -45.42 -2.12 -43.00
CA ASP E 283 -44.77 0.67 -45.51
CA ALA E 284 -44.16 3.63 -43.22
CA GLN E 285 -40.67 3.81 -41.71
CA ARG E 286 -41.90 6.13 -38.97
CA GLY E 287 -44.85 6.46 -36.62
CA ALA E 288 -46.36 5.06 -33.43
CA PHE E 289 -46.48 1.27 -33.22
CA VAL E 290 -49.26 -0.07 -31.00
CA SER E 291 -47.82 -2.78 -28.78
CA GLN E 292 -51.15 -3.33 -27.04
CA VAL E 293 -54.41 -1.60 -26.08
CA LEU E 294 -55.61 -1.54 -22.48
CA PRO E 295 -59.08 -2.97 -21.77
CA ASN E 296 -61.80 -0.39 -21.06
CA SER E 297 -59.64 2.34 -22.63
CA SER E 298 -60.91 4.95 -25.09
CA ALA E 299 -58.67 3.38 -27.73
CA ALA E 300 -60.17 -0.06 -27.16
CA LYS E 301 -63.70 1.33 -27.41
CA ALA E 302 -62.64 3.13 -30.60
CA GLY E 303 -61.56 -0.10 -32.25
CA ILE E 304 -57.79 0.20 -32.08
CA LYS E 305 -56.06 -3.17 -31.98
CA ALA E 306 -52.41 -4.07 -31.39
CA GLY E 307 -49.99 -4.22 -34.31
CA ASP E 308 -51.49 -1.02 -35.67
CA VAL E 309 -49.36 1.91 -36.80
CA ILE E 310 -50.61 5.43 -36.10
CA THR E 311 -49.67 7.84 -38.89
CA SER E 312 -51.67 11.01 -38.24
CA LEU E 313 -53.41 13.00 -35.52
CA ASN E 314 -56.33 15.26 -36.38
CA GLY E 315 -55.01 15.25 -39.94
CA LYS E 316 -51.49 16.27 -38.94
CA PRO E 317 -48.89 13.58 -39.76
CA ILE E 318 -47.02 11.94 -36.90
CA SER E 319 -43.24 12.28 -36.61
CA SER E 320 -42.85 9.65 -33.92
CA PHE E 321 -44.43 7.83 -31.00
CA ALA E 322 -42.69 10.24 -28.64
CA ALA E 323 -44.30 13.16 -30.47
CA LEU E 324 -47.79 11.64 -30.35
CA ARG E 325 -47.31 11.02 -26.63
CA ALA E 326 -46.47 14.69 -26.15
CA GLN E 327 -49.34 15.82 -28.36
CA VAL E 328 -52.14 14.09 -26.45
CA GLY E 329 -50.29 14.47 -23.15
CA THR E 330 -51.12 18.17 -23.28
CA MET E 331 -54.74 17.86 -24.39
CA PRO E 332 -57.51 18.13 -21.74
CA VAL E 333 -59.57 15.11 -20.65
CA GLY E 334 -62.57 14.47 -22.87
CA SER E 335 -60.94 16.09 -25.89
CA LYS E 336 -62.45 14.55 -28.99
CA LEU E 337 -59.77 13.78 -31.58
CA THR E 338 -59.25 11.56 -34.62
CA LEU E 339 -56.37 9.24 -35.47
CA GLY E 340 -55.04 7.86 -38.75
CA LEU E 341 -54.16 4.19 -38.44
CA LEU E 342 -52.39 1.70 -40.70
CA ARG E 343 -53.28 -1.98 -40.29
CA ASP E 344 -52.48 -4.54 -42.97
CA GLY E 345 -51.46 -1.84 -45.46
CA LYS E 346 -54.93 -0.40 -44.97
CA GLN E 347 -55.73 3.22 -44.09
CA VAL E 348 -58.12 3.55 -41.14
CA ASN E 349 -59.73 6.53 -39.42
CA VAL E 350 -61.03 6.56 -35.84
CA ASN E 351 -62.82 8.96 -33.49
CA LEU E 352 -61.50 9.07 -29.94
CA GLU E 353 -62.14 10.84 -26.65
CA VAL E 362 -59.12 -2.48 0.42
CA ASP E 363 -55.73 -2.80 2.14
CA SER E 364 -55.06 -2.14 5.82
CA SER E 365 -52.13 0.15 5.05
CA SER E 366 -54.73 2.60 3.72
CA ILE E 367 -56.25 3.01 7.18
CA PHE E 368 -53.39 2.41 9.61
CA ASN E 369 -50.73 4.14 7.49
CA GLY E 370 -48.04 1.46 7.73
CA ILE E 371 -49.86 -1.79 8.46
CA GLU E 372 -49.80 -4.02 5.36
CA GLY E 373 -50.83 -7.61 4.70
CA ALA E 374 -54.55 -7.43 5.49
CA GLU E 375 -57.49 -6.50 3.28
CA MET E 376 -60.76 -5.37 4.84
CA SER E 377 -64.06 -3.67 3.98
CA ASN E 378 -67.46 -2.78 5.41
CA LYS E 379 -69.79 -5.62 6.43
CA GLY E 380 -73.38 -5.64 5.23
CA LYS E 381 -75.07 -2.50 6.54
CA ASP E 382 -73.21 -0.86 9.43
CA GLN E 383 -72.23 -4.22 10.94
CA GLY E 384 -68.58 -3.30 11.43
CA VAL E 385 -65.39 -3.68 9.41
CA VAL E 386 -64.81 -7.29 8.36
CA VAL E 387 -61.34 -8.48 7.35
CA ASN E 388 -61.43 -10.11 3.92
CA ASN E 389 -57.97 -11.68 3.63
CA VAL E 390 -54.68 -11.78 5.54
CA LYS E 391 -51.14 -12.37 4.26
CA THR E 392 -48.54 -14.28 6.29
CA GLY E 393 -45.40 -12.57 7.59
CA THR E 394 -46.91 -9.09 7.55
CA PRO E 395 -47.17 -6.20 10.08
CA ALA E 396 -50.92 -6.86 10.43
CA ALA E 397 -50.71 -10.55 11.37
CA GLN E 398 -47.91 -9.62 13.78
CA ILE E 399 -50.48 -8.16 16.16
CA GLY E 400 -52.85 -11.10 15.79
CA LEU E 401 -55.22 -9.98 13.03
CA LYS E 402 -56.76 -12.88 11.11
CA LYS E 403 -59.19 -13.04 8.18
CA GLY E 404 -62.84 -13.33 9.18
CA ASP E 405 -62.60 -10.93 12.10
CA VAL E 406 -65.25 -8.22 12.42
CA ILE E 407 -64.32 -4.94 14.11
CA ILE E 408 -67.22 -3.97 16.39
CA GLY E 409 -65.47 -0.98 17.96
CA ALA E 410 -62.24 0.70 19.03
CA ASN E 411 -61.29 2.48 22.27
CA GLN E 412 -64.83 2.21 23.66
CA GLN E 413 -66.26 3.83 20.53
CA ALA E 414 -68.69 1.86 18.37
CA VAL E 415 -67.56 1.07 14.82
CA LYS E 416 -70.17 0.48 12.13
CA ASN E 417 -68.11 1.23 9.03
CA ILE E 418 -64.66 2.34 7.86
CA ALA E 419 -65.59 6.01 8.31
CA GLU E 420 -66.22 5.60 12.06
CA LEU E 421 -63.02 3.61 12.46
CA ARG E 422 -61.01 6.29 10.65
CA LYS E 423 -62.59 8.86 13.00
CA VAL E 424 -61.06 7.14 15.99
CA LEU E 425 -57.66 7.13 14.27
CA ASP E 426 -58.01 10.85 13.55
CA SER E 427 -57.93 11.32 17.31
CA LYS E 428 -54.50 9.66 17.14
CA PRO E 429 -54.45 7.77 20.47
CA SER E 430 -51.16 6.39 21.82
CA VAL E 431 -52.62 2.90 22.06
CA LEU E 432 -55.34 1.42 19.85
CA ALA E 433 -57.72 -1.20 21.26
CA LEU E 434 -59.82 -3.01 18.66
CA ASN E 435 -62.94 -4.84 19.82
CA ILE E 436 -63.15 -7.49 17.09
CA GLN E 437 -65.00 -10.81 17.13
CA ARG E 438 -63.73 -14.18 15.92
CA GLY E 439 -66.57 -16.62 15.45
CA ASP E 440 -68.67 -16.73 18.58
CA SER E 441 -66.11 -14.98 20.76
CA THR E 442 -65.32 -11.33 21.48
CA ILE E 443 -61.64 -10.35 21.77
CA TYR E 444 -59.38 -7.30 21.76
CA LEU E 445 -56.30 -6.34 19.76
CA LEU E 446 -53.84 -3.77 21.08
CA MET E 447 -51.56 -1.51 19.03
CA GLN E 448 -48.51 0.53 20.11
CA GLN F 11 -32.60 37.74 -58.43
CA MET F 12 -31.38 37.04 -54.89
CA PRO F 13 -30.79 39.43 -51.97
CA SER F 14 -27.17 39.65 -50.83
CA LEU F 15 -24.66 41.55 -48.73
CA ALA F 16 -22.02 41.11 -51.43
CA PRO F 17 -22.75 44.46 -53.14
CA MET F 18 -22.31 46.39 -49.90
CA LEU F 19 -19.35 44.28 -48.76
CA GLU F 20 -17.15 44.69 -51.82
CA LYS F 21 -17.08 48.42 -51.09
CA VAL F 22 -16.51 48.11 -47.34
CA MET F 23 -14.14 45.15 -46.93
CA PRO F 24 -11.06 47.01 -48.24
CA SER F 25 -11.61 49.33 -45.26
CA VAL F 26 -11.04 46.49 -42.80
CA VAL F 27 -7.45 45.40 -42.18
CA SER F 28 -5.85 42.70 -40.05
CA ILE F 29 -3.12 43.50 -37.55
CA ASN F 30 -0.04 41.42 -36.70
CA VAL F 31 1.92 42.24 -33.56
CA GLU F 32 5.19 41.24 -31.90
CA GLY F 33 6.05 42.30 -28.37
CA SER F 34 7.56 41.53 -24.97
CA THR F 35 6.61 41.82 -21.30
CA GLN F 82 9.50 37.07 -22.75
CA LYS F 83 8.48 37.59 -26.37
CA PHE F 84 4.87 37.13 -27.51
CA MET F 85 2.91 37.21 -30.76
CA ALA F 86 -0.69 38.37 -31.23
CA LEU F 87 -3.10 39.21 -34.04
CA GLY F 88 -6.39 41.05 -34.46
CA SER F 89 -8.21 43.44 -36.76
CA GLY F 90 -8.53 47.16 -37.42
CA VAL F 91 -10.50 49.71 -39.40
CA ILE F 92 -9.13 52.44 -41.65
CA ILE F 93 -10.52 55.74 -40.38
CA ASP F 94 -8.51 58.10 -42.59
CA ALA F 95 -7.46 56.75 -45.98
CA ASP F 96 -5.02 59.63 -46.39
CA LYS F 97 -3.22 59.80 -43.08
CA GLY F 98 -3.39 56.01 -42.84
CA TYR F 99 -5.10 56.13 -39.45
CA VAL F 100 -6.34 52.78 -38.21
CA VAL F 101 -8.42 52.19 -35.09
CA THR F 102 -8.28 48.99 -33.05
CA ASN F 103 -8.52 47.53 -29.55
CA ASN F 104 -5.90 48.69 -27.08
CA HIS F 105 -5.52 45.09 -25.90
CA VAL F 106 -4.46 44.04 -29.39
CA VAL F 107 -1.57 46.47 -29.78
CA ASP F 108 -0.62 46.78 -26.09
CA ASN F 109 3.09 46.34 -25.30
CA ALA F 110 3.91 46.09 -29.00
CA THR F 111 7.42 46.41 -30.42
CA VAL F 112 6.44 45.66 -34.01
CA ILE F 113 3.12 46.43 -35.71
CA LYS F 114 2.35 45.34 -39.26
CA VAL F 115 -0.94 45.84 -41.09
CA GLN F 116 -2.18 43.60 -43.92
CA LEU F 117 -4.88 44.90 -46.26
CA SER F 118 -7.69 42.96 -47.93
CA ASP F 119 -5.77 42.79 -51.21
CA GLY F 120 -2.78 41.22 -49.45
CA ARG F 121 -0.63 44.35 -49.21
CA LYS F 122 1.51 44.70 -46.07
CA PHE F 123 2.57 47.89 -44.32
CA ASP F 124 4.31 48.91 -41.11
CA ALA F 125 2.40 50.90 -38.51
CA LYS F 126 3.38 53.09 -35.58
CA MET F 127 1.31 53.71 -32.43
CA VAL F 128 -0.46 57.07 -32.29
CA GLY F 129 -2.61 56.87 -29.15
CA LYS F 130 -3.99 54.36 -26.69
CA ASP F 131 -6.70 54.39 -24.02
CA PRO F 132 -6.80 51.26 -21.81
CA ARG F 133 -9.88 52.56 -19.97
CA SER F 134 -11.97 52.33 -23.14
CA ASP F 135 -9.90 49.65 -24.88
CA ILE F 136 -9.54 51.88 -27.93
CA ALA F 137 -6.19 52.45 -29.64
CA LEU F 138 -5.14 54.32 -32.77
CA ILE F 139 -2.27 53.39 -35.07
CA GLN F 140 -0.99 54.95 -38.29
CA ILE F 141 0.08 53.14 -41.44
CA GLN F 142 3.55 54.16 -42.58
CA ASN F 143 3.70 55.23 -46.23
CA PRO F 144 -0.08 55.10 -46.84
CA LYS F 145 -0.76 54.34 -50.49
CA ASN F 146 -4.18 53.96 -52.10
CA LEU F 147 -6.25 53.14 -49.00
CA THR F 148 -10.00 52.98 -48.39
CA ALA F 149 -11.55 54.49 -45.27
CA ILE F 150 -14.94 53.58 -43.82
CA LYS F 151 -17.84 55.95 -43.18
CA MET F 152 -19.07 56.02 -39.58
CA ALA F 153 -22.75 56.05 -38.66
CA ASP F 154 -24.39 57.63 -35.61
CA SER F 155 -24.50 54.81 -33.07
CA ASP F 156 -27.21 56.75 -31.21
CA ALA F 157 -29.62 55.75 -33.98
CA LEU F 158 -29.12 52.06 -33.32
CA ARG F 159 -32.11 50.08 -32.09
CA VAL F 160 -32.26 46.49 -30.87
CA GLY F 161 -33.30 44.51 -33.94
CA ASP F 162 -31.18 46.38 -36.48
CA TYR F 163 -29.17 44.03 -38.72
CA THR F 164 -25.41 43.86 -38.25
CA VAL F 165 -22.38 42.56 -40.16
CA ALA F 166 -19.07 41.71 -38.50
CA ILE F 167 -15.73 41.86 -40.28
CA GLY F 168 -12.42 40.67 -38.84
CA ASN F 169 -9.63 38.10 -38.84
CA PRO F 170 -10.71 35.08 -36.72
CA PHE F 171 -7.81 32.77 -35.89
CA GLY F 172 -5.83 34.61 -38.56
CA LEU F 173 -7.84 32.82 -41.24
CA GLY F 174 -8.11 36.11 -43.10
CA GLU F 175 -10.84 38.68 -43.67
CA THR F 176 -14.00 36.93 -42.52
CA VAL F 177 -17.53 38.34 -42.69
CA THR F 178 -20.40 37.24 -40.47
CA SER F 179 -23.85 38.70 -39.82
CA GLY F 180 -26.44 39.04 -37.07
CA ILE F 181 -28.59 41.59 -35.25
CA VAL F 182 -28.34 44.07 -32.40
CA SER F 183 -29.10 41.88 -29.37
CA ALA F 184 -28.97 44.73 -26.85
CA LEU F 185 -27.49 48.16 -26.19
CA GLY F 186 -25.64 49.91 -23.38
CA ARG F 187 -24.39 46.63 -21.96
CA SER F 188 -21.68 47.00 -19.33
CA GLY F 189 -20.16 45.26 -16.33
CA LEU F 190 -17.41 43.19 -17.92
CA ASN F 191 -14.91 45.45 -16.16
CA ALA F 192 -16.37 47.99 -13.72
CA GLU F 193 -13.28 50.22 -14.06
CA ASN F 194 -13.56 50.52 -17.84
CA TYR F 195 -15.72 52.91 -19.82
CA GLU F 196 -18.09 50.46 -21.48
CA ASN F 197 -21.30 51.19 -23.36
CA PHE F 198 -21.24 48.03 -25.48
CA ILE F 199 -23.44 47.04 -28.39
CA GLN F 200 -24.39 43.39 -28.18
CA THR F 201 -24.72 41.18 -31.25
CA ASP F 202 -25.28 37.51 -32.07
CA ALA F 203 -22.99 37.96 -35.09
CA ALA F 204 -20.17 35.40 -35.04
CA ILE F 205 -17.13 36.87 -33.28
CA ASN F 206 -14.03 34.95 -32.19
CA ARG F 207 -10.38 35.46 -31.27
CA GLY F 208 -8.98 37.76 -33.94
CA ASN F 209 -12.14 39.76 -34.58
CA ALA F 210 -10.98 42.30 -32.01
CA GLY F 211 -10.57 45.78 -33.44
CA GLY F 212 -12.72 44.54 -36.31
CA ALA F 213 -15.63 46.46 -37.79
CA LEU F 214 -19.32 46.11 -36.99
CA VAL F 215 -21.38 47.81 -39.70
CA ASN F 216 -25.02 48.16 -40.72
CA LEU F 217 -26.56 47.11 -44.04
CA ASN F 218 -25.30 50.33 -45.60
CA GLY F 219 -21.71 49.46 -44.76
CA GLU F 220 -21.43 52.19 -42.14
CA LEU F 221 -19.39 51.54 -39.00
CA ILE F 222 -21.63 51.31 -35.94
CA GLY F 223 -19.12 49.74 -33.58
CA ILE F 224 -15.77 48.06 -32.96
CA ASN F 225 -16.01 44.44 -31.86
CA THR F 226 -14.06 44.11 -28.61
CA ALA F 227 -15.01 41.09 -26.48
CA ILE F 228 -17.26 38.04 -26.31
CA LEU F 229 -18.94 36.00 -23.58
CA ALA F 230 -17.66 32.45 -24.05
CA PRO F 231 -17.04 29.73 -21.43
CA ASP F 232 -14.98 27.74 -23.95
CA GLY F 233 -13.11 30.48 -25.80
CA GLY F 234 -15.55 30.00 -28.67
CA ASN F 235 -18.41 32.27 -29.75
CA ILE F 236 -21.84 31.35 -28.40
CA GLY F 237 -23.86 34.22 -29.87
CA ILE F 238 -22.85 36.95 -27.46
CA GLY F 239 -20.40 39.54 -28.76
CA PHE F 240 -19.77 43.13 -27.70
CA ALA F 241 -18.64 46.14 -29.72
CA ILE F 242 -17.78 49.71 -28.78
CA PRO F 243 -20.27 52.23 -30.21
CA SER F 244 -18.99 54.19 -33.20
CA ASN F 245 -19.70 57.52 -31.50
CA MET F 246 -17.33 56.59 -28.68
CA VAL F 247 -14.67 55.71 -31.23
CA LYS F 248 -15.29 58.97 -33.09
CA ASN F 249 -14.64 60.92 -29.89
CA LEU F 250 -11.64 58.94 -28.61
CA THR F 251 -9.73 58.74 -31.89
CA SER F 252 -10.23 62.40 -32.81
CA GLN F 253 -8.40 63.32 -29.60
CA MET F 254 -5.57 60.82 -30.10
CA VAL F 255 -5.08 62.39 -33.54
CA GLU F 256 -4.42 65.79 -31.98
CA TYR F 257 -3.03 65.15 -28.52
CA GLY F 258 -1.71 61.59 -28.68
CA GLN F 259 -3.86 60.88 -25.64
CA VAL F 260 -7.34 61.61 -24.29
CA LYS F 261 -7.99 64.71 -22.19
CA ARG F 262 -10.34 63.11 -19.68
CA GLY F 263 -13.10 65.39 -18.45
CA GLU F 264 -15.60 64.75 -15.68
CA LEU F 265 -18.77 66.08 -14.08
CA GLY F 266 -17.20 65.39 -10.70
CA ILE F 267 -19.93 63.24 -9.19
CA MET F 268 -19.94 60.01 -7.21
CA GLY F 269 -22.74 57.50 -7.71
CA THR F 270 -23.99 53.99 -8.40
CA GLU F 271 -26.54 51.94 -10.36
CA LEU F 272 -30.18 52.72 -9.59
CA ASN F 273 -31.89 49.37 -8.98
CA SER F 274 -35.47 48.65 -7.92
CA GLU F 275 -34.43 48.25 -4.27
CA LEU F 276 -32.68 51.60 -4.06
CA ALA F 277 -35.63 53.21 -5.84
CA LYS F 278 -37.93 52.03 -3.06
CA ALA F 279 -35.72 53.53 -0.35
CA MET F 280 -35.37 56.87 -2.13
CA LYS F 281 -39.06 56.99 -3.10
CA VAL F 282 -38.09 57.14 -6.78
CA ASP F 283 -40.15 56.07 -9.80
CA ALA F 284 -37.42 55.02 -12.24
CA GLN F 285 -35.98 51.55 -11.64
CA ARG F 286 -32.87 52.43 -13.65
CA GLY F 287 -30.43 55.30 -14.03
CA ALA F 288 -27.49 57.01 -12.39
CA PHE F 289 -27.88 57.71 -8.67
CA VAL F 290 -25.85 60.67 -7.43
CA SER F 291 -24.12 59.67 -4.20
CA GLN F 292 -22.42 63.06 -3.90
CA VAL F 293 -21.13 66.00 -5.92
CA LEU F 294 -17.54 67.21 -5.58
CA PRO F 295 -17.00 70.85 -4.58
CA ASN F 296 -15.82 73.15 -7.40
CA SER F 297 -16.98 70.60 -9.99
CA SER F 298 -18.97 71.45 -13.12
CA ALA F 299 -21.86 69.46 -11.68
CA ALA F 300 -21.83 71.47 -8.46
CA LYS F 301 -21.78 74.76 -10.39
CA ALA F 302 -24.65 73.42 -12.49
CA GLY F 303 -26.82 72.84 -9.45
CA ILE F 304 -26.68 69.06 -9.15
CA LYS F 305 -27.17 67.86 -5.59
CA ALA F 306 -26.80 64.40 -4.06
CA GLY F 307 -29.76 62.01 -4.01
CA ASP F 308 -30.55 63.01 -7.59
CA VAL F 309 -31.24 60.45 -10.32
CA ILE F 310 -29.97 61.16 -13.82
CA THR F 311 -32.36 59.86 -16.47
CA SER F 312 -31.17 61.35 -19.76
CA LEU F 313 -28.13 62.76 -21.53
CA ASN F 314 -28.56 65.33 -24.31
CA GLY F 315 -32.10 64.00 -24.67
CA LYS F 316 -31.02 60.37 -24.98
CA PRO F 317 -32.31 58.21 -22.09
CA ILE F 318 -29.79 56.60 -19.75
CA SER F 319 -29.54 52.83 -19.48
CA SER F 320 -27.30 52.84 -16.41
CA PHE F 321 -24.68 54.71 -14.41
CA ALA F 322 -22.00 52.63 -16.12
CA ALA F 323 -23.31 53.77 -19.50
CA LEU F 324 -23.36 57.44 -18.53
CA ARG F 325 -19.81 57.08 -17.25
CA ALA F 326 -18.75 55.70 -20.62
CA GLN F 327 -20.69 58.35 -22.52
CA VAL F 328 -19.03 61.38 -20.94
CA GLY F 329 -15.75 59.51 -20.49
CA THR F 330 -15.27 59.78 -24.25
CA MET F 331 -16.34 63.39 -24.66
CA PRO F 332 -13.63 66.10 -24.92
CA VAL F 333 -12.98 68.60 -22.12
CA GLY F 334 -15.22 71.65 -22.30
CA SER F 335 -17.97 69.78 -24.12
CA LYS F 336 -21.25 71.50 -23.34
CA LEU F 337 -23.98 68.97 -22.61
CA THR F 338 -27.35 68.77 -20.86
CA LEU F 339 -28.63 66.27 -18.30
CA GLY F 340 -32.11 65.15 -17.28
CA LEU F 341 -32.41 64.84 -13.51
CA LEU F 342 -35.07 63.47 -11.18
CA ARG F 343 -35.24 64.91 -7.66
CA ASP F 344 -38.31 64.49 -5.47
CA GLY F 345 -40.34 63.07 -8.36
CA LYS F 346 -39.57 66.28 -10.20
CA GLN F 347 -38.10 66.52 -13.72
CA VAL F 348 -35.08 68.84 -13.93
CA ASN F 349 -32.88 69.99 -16.80
CA VAL F 350 -29.32 71.28 -16.44
CA ASN F 351 -26.58 72.69 -18.68
CA LEU F 352 -23.08 71.39 -18.01
CA GLU F 353 -19.54 71.76 -19.31
CA VAL F 362 11.22 59.88 2.33
CA ASP F 363 12.21 56.20 2.33
CA SER F 364 15.80 54.90 2.26
CA SER F 365 15.05 52.56 -0.64
CA SER F 366 14.76 55.71 -2.76
CA ILE F 367 18.42 56.53 -2.22
CA PHE F 368 20.15 53.16 -1.74
CA ASN F 369 18.03 51.29 -4.29
CA GLY F 370 17.20 48.25 -2.17
CA ILE F 371 17.50 49.36 1.45
CA GLU F 372 14.03 49.63 3.00
CA GLY F 373 12.77 50.23 6.53
CA ALA F 374 14.22 53.68 7.20
CA GLU F 375 12.80 57.12 6.44
CA MET F 376 15.10 60.14 6.26
CA SER F 377 15.22 63.75 5.08
CA ASN F 378 17.37 66.87 5.13
CA LYS F 379 18.13 68.49 8.50
CA GLY F 380 17.58 72.22 8.96
CA LYS F 381 19.82 74.04 6.50
CA ASP F 382 22.64 71.90 5.10
CA GLN F 383 23.18 70.15 8.44
CA GLY F 384 23.23 66.64 6.97
CA VAL F 385 20.66 63.92 6.35
CA VAL F 386 18.76 63.03 9.52
CA VAL F 387 16.93 59.72 9.83
CA ASN F 388 13.29 60.26 10.78
CA ASN F 389 12.07 56.75 11.58
CA VAL F 390 13.32 53.15 11.42
CA LYS F 391 11.36 49.91 11.09
CA THR F 392 12.45 46.69 12.83
CA GLY F 393 13.53 43.64 10.84
CA THR F 394 14.53 45.63 7.75
CA PRO F 395 17.63 45.78 5.49
CA ALA F 396 18.47 49.23 6.89
CA ALA F 397 18.52 48.29 10.59
CA GLN F 398 20.55 45.22 9.63
CA ILE F 399 23.60 47.45 9.14
CA GLY F 400 23.02 49.37 12.36
CA LEU F 401 21.01 52.40 11.20
CA LYS F 402 18.80 53.86 13.93
CA LYS F 403 16.36 56.79 13.99
CA GLY F 404 17.88 60.07 15.14
CA ASP F 405 21.18 59.59 13.33
CA VAL F 406 22.52 62.49 11.28
CA ILE F 407 24.71 61.72 8.26
CA ILE F 408 27.61 64.20 8.29
CA GLY F 409 29.48 62.63 5.38
CA ALA F 410 30.32 59.53 3.35
CA ASN F 411 33.66 58.21 2.06
CA GLN F 412 35.54 61.30 3.26
CA GLN F 413 33.15 63.58 1.37
CA ALA F 414 31.05 66.08 3.32
CA VAL F 415 27.27 65.61 3.21
CA LYS F 416 25.00 68.60 3.76
CA ASN F 417 21.83 67.34 2.06
CA ILE F 418 20.37 64.41 0.12
CA ALA F 419 21.77 65.77 -3.15
CA GLU F 420 25.39 65.55 -1.95
CA LEU F 421 24.78 62.07 -0.55
CA ARG F 422 23.30 60.91 -3.84
CA LYS F 423 26.39 62.33 -5.58
CA VAL F 424 28.63 59.98 -3.65
CA LEU F 425 26.40 57.03 -4.60
CA ASP F 426 26.57 58.08 -8.27
CA SER F 427 30.28 57.30 -8.02
CA LYS F 428 29.16 53.77 -7.09
CA PRO F 429 31.94 52.75 -4.66
CA SER F 430 32.36 49.08 -3.70
CA VAL F 431 32.08 49.92 0.01
CA LEU F 432 30.10 52.80 1.51
CA ALA F 433 31.28 54.41 4.75
CA LEU F 434 28.73 56.71 6.40
CA ASN F 435 29.98 59.22 8.97
CA ILE F 436 26.81 59.60 11.05
CA GLN F 437 26.44 60.89 14.61
CA ARG F 438 24.31 59.42 17.39
CA GLY F 439 23.81 61.89 20.19
CA ASP F 440 27.16 63.27 21.28
CA SER F 441 29.19 60.59 19.51
CA THR F 442 30.56 60.22 15.98
CA ILE F 443 30.43 56.76 14.41
CA TYR F 444 30.69 55.01 11.04
CA LEU F 445 28.46 52.60 9.16
CA LEU F 446 29.87 50.32 6.47
CA MET F 447 28.02 48.88 3.48
CA GLN F 448 28.97 46.01 1.13
CA GLN G 11 -32.74 9.18 68.27
CA MET G 12 -31.13 7.20 65.45
CA PRO G 13 -28.46 4.46 65.57
CA SER G 14 -25.20 5.38 63.85
CA LEU G 15 -21.56 4.47 63.35
CA ALA G 16 -20.57 8.14 63.47
CA PRO G 17 -19.80 8.12 67.24
CA MET G 18 -17.39 5.19 66.88
CA LEU G 19 -15.94 6.47 63.60
CA GLU G 20 -14.93 9.95 64.74
CA LYS G 21 -12.58 8.29 67.22
CA VAL G 22 -11.18 5.68 64.83
CA MET G 23 -10.88 7.48 61.48
CA PRO G 24 -7.84 9.58 62.50
CA SER G 25 -6.07 6.23 62.94
CA VAL G 26 -6.48 5.41 59.26
CA VAL G 27 -4.11 7.12 56.82
CA SER G 28 -3.75 7.07 53.04
CA ILE G 29 -0.42 6.27 51.39
CA ASN G 30 1.05 7.82 48.24
CA VAL G 31 3.97 6.09 46.54
CA GLU G 32 6.45 6.80 43.73
CA GLY G 33 8.77 4.10 42.41
CA SER G 34 10.53 2.41 39.50
CA THR G 35 11.07 -1.10 38.14
CA GLN G 82 10.22 2.99 34.20
CA LYS G 83 8.63 5.19 36.85
CA PHE G 84 5.24 4.34 38.37
CA MET G 85 2.78 5.88 40.82
CA ALA G 86 0.51 4.03 43.25
CA LEU G 87 -1.76 4.75 46.21
CA GLY G 88 -3.40 2.81 49.03
CA SER G 89 -4.16 2.98 52.73
CA GLY G 90 -2.54 2.23 56.07
CA VAL G 91 -3.24 2.01 59.79
CA ILE G 92 -1.34 3.73 62.58
CA ILE G 93 -0.21 1.01 64.99
CA ASP G 94 2.00 3.12 67.25
CA ALA G 95 1.03 6.78 67.60
CA ASP G 96 4.41 7.52 69.19
CA LYS G 97 6.90 5.78 66.95
CA GLY G 98 4.73 6.63 63.95
CA TYR G 99 4.49 2.99 62.87
CA VAL G 100 2.04 2.34 60.07
CA VAL G 101 1.05 -1.06 58.72
CA THR G 102 -0.01 -1.66 55.13
CA ASN G 103 0.04 -4.15 52.25
CA ASN G 104 3.46 -5.10 50.93
CA HIS G 105 2.11 -4.76 47.38
CA VAL G 106 1.29 -1.10 48.02
CA VAL G 107 4.77 -0.01 49.08
CA ASP G 108 6.79 -2.53 47.07
CA ASN G 109 9.65 -1.10 45.00
CA ALA G 110 9.03 2.36 46.43
CA THR G 111 11.50 5.23 46.18
CA VAL G 112 9.24 7.81 47.83
CA ILE G 113 6.59 7.20 50.48
CA LYS G 114 4.31 9.95 51.77
CA VAL G 115 1.49 9.54 54.27
CA GLN G 116 -1.57 11.81 54.45
CA LEU G 117 -3.64 11.87 57.64
CA SER G 118 -7.39 12.32 58.01
CA ASP G 119 -6.99 16.00 58.90
CA GLY G 120 -5.02 16.62 55.71
CA ARG G 121 -1.54 16.62 57.25
CA LYS G 122 1.25 15.14 55.12
CA PHE G 123 4.37 13.34 56.31
CA ASP G 124 7.25 11.39 54.81
CA ALA G 125 7.67 7.73 55.66
CA LYS G 126 10.54 5.25 55.49
CA MET G 127 10.23 1.48 55.07
CA VAL G 128 10.77 -0.57 58.23
CA GLY G 129 9.95 -4.13 57.19
CA LYS G 130 8.20 -6.09 54.45
CA ASP G 131 6.94 -9.64 54.05
CA PRO G 132 5.79 -10.54 50.50
CA ARG G 133 4.68 -14.00 51.62
CA SER G 134 1.98 -12.50 53.85
CA ASP G 135 1.57 -9.23 51.94
CA ILE G 136 2.17 -7.26 55.13
CA ALA G 137 4.56 -4.32 55.29
CA LEU G 138 5.47 -1.83 58.00
CA ILE G 139 6.47 1.79 57.47
CA GLN G 140 7.37 4.57 59.90
CA ILE G 141 6.24 8.18 59.76
CA GLN G 142 9.15 10.61 59.92
CA ASN G 143 8.77 13.28 62.61
CA PRO G 144 5.58 11.82 64.15
CA LYS G 145 3.52 14.60 65.71
CA ASN G 146 0.19 14.20 67.47
CA LEU G 147 -0.94 10.89 65.96
CA THR G 148 -3.75 8.49 66.84
CA ALA G 149 -3.16 4.74 66.94
CA ILE G 150 -5.86 2.08 66.67
CA LYS G 151 -6.59 -0.66 69.20
CA MET G 152 -6.42 -4.20 67.82
CA ALA G 153 -8.98 -6.88 68.66
CA ASP G 154 -8.45 -10.64 68.88
CA SER G 155 -9.33 -11.88 65.41
CA ASP G 156 -9.79 -15.37 66.90
CA ALA G 157 -13.05 -14.13 68.41
CA LEU G 158 -14.52 -13.29 65.03
CA ARG G 159 -17.56 -15.25 63.91
CA VAL G 160 -19.31 -15.23 60.54
CA GLY G 161 -22.15 -12.75 60.97
CA ASP G 162 -20.24 -10.16 63.00
CA TYR G 163 -20.66 -6.62 61.65
CA THR G 164 -17.70 -4.97 59.92
CA VAL G 165 -16.65 -1.47 58.85
CA ALA G 166 -14.06 -0.81 56.14
CA ILE G 167 -11.92 2.32 56.01
CA GLY G 168 -9.59 3.26 53.17
CA ASN G 169 -8.87 5.49 50.18
CA PRO G 170 -10.73 4.12 47.11
CA PHE G 171 -9.54 5.67 43.86
CA GLY G 172 -7.79 8.29 45.98
CA LEU G 173 -11.15 9.90 46.70
CA GLY G 174 -10.07 10.28 50.32
CA GLU G 175 -10.93 8.54 53.58
CA THR G 176 -14.02 6.48 52.74
CA VAL G 177 -16.01 4.35 55.17
CA THR G 178 -18.18 1.40 54.17
CA SER G 179 -19.82 -1.37 56.20
CA GLY G 180 -20.83 -5.01 55.95
CA ILE G 181 -20.51 -8.35 57.73
CA VAL G 182 -18.09 -11.24 58.08
CA SER G 183 -18.97 -13.41 55.07
CA ALA G 184 -16.54 -16.19 55.92
CA LEU G 185 -13.28 -16.95 57.70
CA GLY G 186 -10.03 -18.76 56.94
CA ARG G 187 -10.45 -18.27 53.20
CA SER G 188 -7.36 -19.05 51.16
CA GLY G 189 -6.23 -20.13 47.71
CA LEU G 190 -5.74 -16.80 45.96
CA ASN G 191 -2.02 -17.56 45.91
CA ALA G 192 -1.00 -21.03 47.12
CA GLU G 193 2.53 -19.81 47.93
CA ASN G 194 1.33 -17.02 50.24
CA TYR G 195 0.40 -17.29 53.90
CA GLU G 196 -3.30 -16.48 53.70
CA ASN G 197 -5.95 -16.88 56.38
CA PHE G 198 -8.29 -14.21 55.02
CA ILE G 199 -11.42 -12.76 56.55
CA GLN G 200 -14.14 -12.33 53.95
CA THR G 201 -16.54 -9.40 53.95
CA ASP G 202 -19.26 -7.94 51.74
CA ALA G 203 -18.15 -4.47 52.83
CA ALA G 204 -17.38 -2.28 49.84
CA ILE G 205 -13.68 -2.52 48.99
CA ASN G 206 -12.02 -1.18 45.83
CA ARG G 207 -8.64 -0.16 44.45
CA GLY G 208 -7.07 2.01 47.12
CA ASN G 209 -8.60 0.28 50.13
CA ALA G 210 -5.51 -1.92 50.35
CA GLY G 211 -3.70 -1.60 53.65
CA GLY G 212 -6.91 -0.08 54.95
CA ALA G 213 -8.54 -0.99 58.24
CA LEU G 214 -11.35 -3.46 58.86
CA VAL G 215 -12.81 -2.88 62.32
CA ASN G 216 -15.75 -4.08 64.42
CA LEU G 217 -18.53 -1.92 65.88
CA ASN G 218 -16.22 -0.97 68.75
CA GLY G 219 -13.67 0.50 66.37
CA GLU G 220 -11.15 -2.26 67.02
CA LEU G 221 -8.98 -3.50 64.15
CA ILE G 222 -9.92 -7.05 63.17
CA GLY G 223 -8.15 -7.15 59.82
CA ILE G 224 -6.30 -5.39 57.01
CA ASN G 225 -8.17 -5.31 53.70
CA THR G 226 -5.87 -6.79 51.07
CA ALA G 227 -7.64 -8.08 47.96
CA ILE G 228 -11.02 -8.49 46.30
CA LEU G 229 -12.64 -10.95 43.89
CA ALA G 230 -13.76 -8.84 40.93
CA PRO G 231 -14.00 -9.80 37.22
CA ASP G 232 -14.28 -6.12 36.25
CA GLY G 233 -11.88 -4.49 38.69
CA GLY G 234 -14.89 -3.33 40.69
CA ASN G 235 -16.16 -4.64 44.02
CA ILE G 236 -18.93 -7.24 43.82
CA GLY G 237 -19.34 -7.98 47.52
CA ILE G 238 -16.31 -10.19 48.03
CA GLY G 239 -13.36 -8.63 49.85
CA PHE G 240 -10.55 -10.22 51.86
CA ALA G 241 -8.61 -8.90 54.85
CA ILE G 242 -5.67 -10.26 56.81
CA PRO G 243 -6.63 -11.19 60.40
CA SER G 244 -5.45 -8.70 63.03
CA ASN G 245 -3.64 -11.43 64.98
CA MET G 246 -1.47 -12.16 61.95
CA VAL G 247 -0.66 -8.46 61.65
CA LYS G 248 0.10 -8.28 65.38
CA ASN G 249 2.66 -11.07 64.98
CA LEU G 250 4.26 -9.93 61.73
CA THR G 251 4.65 -6.25 62.59
CA SER G 252 6.02 -6.86 66.09
CA GLN G 253 8.91 -8.74 64.48
CA MET G 254 9.56 -6.11 61.81
CA VAL G 255 9.78 -3.58 64.64
CA GLU G 256 12.65 -5.49 66.24
CA TYR G 257 14.42 -7.33 63.43
CA GLY G 258 13.41 -5.46 60.29
CA GLN G 259 12.26 -8.80 58.91
CA VAL G 260 10.38 -11.91 60.01
CA LYS G 261 12.23 -14.85 61.55
CA ARG G 262 10.28 -17.61 59.83
CA GLY G 263 9.79 -20.72 61.93
CA GLU G 264 8.33 -24.04 60.87
CA LEU G 265 7.10 -27.38 62.20
CA GLY G 266 8.94 -29.05 59.35
CA ILE G 267 6.10 -31.06 57.85
CA MET G 268 4.88 -31.67 54.31
CA GLY G 269 1.17 -32.00 53.63
CA THR G 270 -1.97 -31.06 51.70
CA GLU G 271 -5.66 -30.22 52.04
CA LEU G 272 -7.81 -32.97 53.52
CA ASN G 273 -10.82 -33.36 51.23
CA SER G 274 -13.68 -35.88 51.38
CA GLU G 275 -12.00 -38.12 48.80
CA LEU G 276 -8.70 -38.37 50.66
CA ALA G 277 -10.64 -38.96 53.89
CA LYS G 278 -12.24 -42.05 52.34
CA ALA G 279 -8.88 -43.50 51.30
CA MET G 280 -7.28 -42.89 54.70
CA LYS G 281 -10.36 -44.08 56.60
CA VAL G 282 -10.63 -40.68 58.30
CA ASP G 283 -13.73 -39.02 59.77
CA ALA G 284 -12.94 -35.34 59.28
CA GLN G 285 -13.58 -34.03 55.76
CA ARG G 286 -11.29 -31.06 56.38
CA GLY G 287 -7.92 -30.33 57.94
CA ALA G 288 -4.19 -30.61 57.37
CA PHE G 289 -2.98 -33.99 56.11
CA VAL G 290 0.62 -34.79 57.04
CA SER G 291 2.37 -36.16 53.96
CA GLN G 292 5.66 -36.52 55.82
CA VAL G 293 7.69 -35.10 58.71
CA LEU G 294 11.24 -33.85 58.19
CA PRO G 295 13.99 -35.44 60.30
CA ASN G 296 15.32 -33.26 63.15
CA SER G 297 12.23 -31.05 62.94
CA SER G 298 10.23 -29.85 65.93
CA ALA G 299 7.30 -31.92 64.66
CA ALA G 300 9.43 -35.07 64.53
CA LYS G 301 10.71 -34.49 68.06
CA ALA G 302 7.11 -33.91 69.15
CA GLY G 303 6.01 -37.32 67.87
CA ILE G 304 4.12 -36.36 64.74
CA LYS G 305 4.16 -39.09 62.11
CA ALA G 306 2.97 -39.09 58.50
CA GLY G 307 -0.64 -39.96 57.68
CA ASP G 308 -1.77 -37.82 60.60
CA VAL G 309 -4.56 -35.25 60.29
CA ILE G 310 -4.24 -32.00 62.21
CA THR G 311 -7.61 -30.74 63.43
CA SER G 312 -6.85 -27.95 65.88
CA LEU G 313 -4.23 -25.37 66.84
CA ASN G 314 -4.00 -24.13 70.42
CA GLY G 315 -7.58 -25.31 70.84
CA LYS G 316 -8.85 -23.42 67.79
CA PRO G 317 -10.19 -25.75 65.07
CA ILE G 318 -8.42 -25.83 61.71
CA SER G 319 -10.24 -24.79 58.55
CA SER G 320 -7.58 -26.06 56.16
CA PHE G 321 -3.90 -26.84 55.64
CA ALA G 322 -3.51 -23.45 53.98
CA ALA G 323 -4.90 -21.78 57.09
CA LEU G 324 -2.60 -23.67 59.45
CA ARG G 325 0.34 -22.72 57.23
CA ALA G 326 -0.64 -19.06 57.55
CA GLN G 327 -1.24 -19.36 61.30
CA VAL G 328 2.21 -20.65 62.23
CA GLY G 329 3.84 -18.73 59.38
CA THR G 330 3.23 -15.55 61.38
CA MET G 331 4.30 -16.86 64.78
CA PRO G 332 7.82 -16.04 66.05
CA VAL G 333 10.56 -18.69 66.29
CA GLY G 334 10.47 -20.62 69.56
CA SER G 335 6.75 -20.05 70.03
CA LYS G 336 5.40 -22.90 72.13
CA LEU G 337 2.09 -24.16 70.73
CA THR G 338 -0.09 -27.26 70.86
CA LEU G 339 -1.70 -29.24 68.04
CA GLY G 340 -4.71 -31.55 67.87
CA LEU G 341 -3.98 -34.62 65.77
CA LEU G 342 -6.10 -37.46 64.44
CA ARG G 343 -4.38 -40.79 63.77
CA ASP G 344 -6.33 -44.03 63.39
CA GLY G 345 -9.56 -42.36 64.52
CA LYS G 346 -7.72 -41.44 67.70
CA GLN G 347 -7.52 -37.94 69.20
CA VAL G 348 -3.95 -36.88 70.04
CA ASN G 349 -2.47 -33.77 71.65
CA VAL G 350 1.11 -32.58 71.21
CA ASN G 351 3.34 -29.78 72.50
CA LEU G 352 5.54 -28.08 69.90
CA GLU G 353 8.09 -25.30 69.60
CA VAL G 362 20.81 -21.54 43.04
CA ASP G 363 21.18 -19.52 39.83
CA SER G 364 24.02 -17.11 39.08
CA SER G 365 21.61 -14.33 38.10
CA SER G 366 20.70 -14.17 41.79
CA ILE G 367 24.22 -13.04 42.70
CA PHE G 368 25.50 -11.14 39.65
CA ASN G 369 22.15 -9.53 38.80
CA GLY G 370 22.12 -10.30 35.09
CA ILE G 371 24.35 -13.34 34.61
CA GLU G 372 22.21 -16.39 33.81
CA GLY G 373 23.00 -19.94 32.75
CA ALA G 374 25.02 -21.14 35.74
CA GLU G 375 23.87 -22.70 39.00
CA MET G 376 26.14 -22.63 42.05
CA SER G 377 26.11 -23.17 45.82
CA ASN G 378 28.38 -23.40 48.85
CA LYS G 379 30.94 -26.22 48.98
CA GLY G 380 31.20 -28.38 52.09
CA LYS G 381 32.10 -26.13 55.00
CA ASP G 382 33.51 -22.76 53.96
CA GLN G 383 35.45 -24.27 51.05
CA GLY G 384 34.28 -21.70 48.52
CA VAL G 385 31.42 -21.41 46.04
CA VAL G 386 31.30 -24.43 43.70
CA VAL G 387 29.45 -24.22 40.39
CA ASN G 388 26.90 -27.03 40.08
CA ASN G 389 25.81 -26.80 36.44
CA VAL G 390 26.31 -24.56 33.40
CA LYS G 391 24.06 -23.97 30.39
CA THR G 392 25.45 -23.40 26.89
CA GLY G 393 24.96 -20.09 25.09
CA THR G 394 24.50 -18.08 28.28
CA PRO G 395 26.03 -14.84 29.70
CA ALA G 396 27.91 -16.90 32.32
CA ALA G 397 29.69 -19.28 29.94
CA GLN G 398 30.54 -16.24 27.80
CA ILE G 399 33.19 -15.24 30.33
CA GLY G 400 34.56 -18.76 30.67
CA LEU G 401 32.67 -20.16 33.66
CA LYS G 402 32.34 -23.95 33.59
CA LYS G 403 30.67 -26.45 35.94
CA GLY G 404 32.99 -27.89 38.58
CA ASP G 405 34.83 -24.64 39.26
CA VAL G 406 35.31 -23.59 42.89
CA ILE G 407 35.56 -19.89 43.69
CA ILE G 408 38.37 -19.45 46.23
CA GLY G 409 38.28 -15.64 46.25
CA ALA G 410 37.57 -12.42 44.39
CA ASN G 411 39.59 -9.19 44.09
CA GLN G 412 42.21 -10.40 46.60
CA GLN G 413 39.50 -11.14 49.18
CA ALA G 414 39.03 -14.71 50.39
CA VAL G 415 35.69 -16.37 49.59
CA LYS G 416 34.43 -19.17 51.82
CA ASN G 417 30.70 -18.99 51.05
CA ILE G 418 28.09 -17.06 49.05
CA ALA G 419 27.81 -14.44 51.79
CA GLU G 420 31.48 -13.42 51.49
CA LEU G 421 31.21 -13.34 47.70
CA ARG G 422 28.13 -11.14 47.87
CA LYS G 423 30.06 -8.83 50.21
CA VAL G 424 32.64 -8.18 47.52
CA LEU G 425 29.87 -7.39 45.03
CA ASP G 426 28.32 -4.96 47.52
CA SER G 427 31.50 -2.93 47.12
CA LYS G 428 30.54 -2.75 43.43
CA PRO G 429 34.01 -2.75 41.80
CA SER G 430 34.38 -1.75 38.14
CA VAL G 431 36.12 -5.04 37.32
CA LEU G 432 35.57 -8.37 39.06
CA ALA G 433 38.42 -10.88 39.30
CA LEU G 434 37.40 -14.36 40.40
CA ASN G 435 40.08 -16.70 41.72
CA ILE G 436 38.48 -20.05 40.85
CA GLN G 437 40.13 -23.46 40.49
CA ARG G 438 39.53 -26.03 37.76
CA GLY G 439 40.85 -29.42 38.77
CA ASP G 440 44.42 -29.11 39.93
CA SER G 441 44.92 -25.62 38.47
CA THR G 442 44.25 -22.11 39.76
CA ILE G 443 42.89 -19.56 37.28
CA TYR G 444 41.17 -16.17 37.15
CA LEU G 445 38.00 -14.89 35.50
CA LEU G 446 37.56 -11.20 34.73
CA MET G 447 34.28 -9.30 34.48
CA GLN G 448 33.53 -5.86 32.97
CA GLN H 11 -39.97 -9.67 65.94
CA MET H 12 -37.50 -8.54 63.28
CA PRO H 13 -36.05 -5.06 62.60
CA SER H 14 -37.00 -3.61 59.22
CA LEU H 15 -37.07 -0.49 57.06
CA ALA H 16 -40.50 -1.45 55.73
CA PRO H 17 -42.43 0.61 58.31
CA MET H 18 -40.52 3.78 57.44
CA LEU H 19 -40.52 3.04 53.70
CA GLU H 20 -44.26 2.59 53.21
CA LYS H 21 -44.69 6.19 54.33
CA VAL H 22 -41.82 7.63 52.29
CA MET H 23 -41.90 5.71 49.00
CA PRO H 24 -45.02 7.46 47.65
CA SER H 25 -42.93 10.64 47.86
CA VAL H 26 -40.43 9.30 45.32
CA VAL H 27 -41.46 9.39 41.67
CA SER H 28 -39.80 8.25 38.45
CA ILE H 29 -39.35 10.61 35.51
CA ASN H 30 -39.66 9.80 31.80
CA VAL H 31 -38.29 12.27 29.26
CA GLU H 32 -38.32 12.79 25.49
CA GLY H 33 -36.15 15.41 23.81
CA SER H 34 -33.92 16.50 20.95
CA THR H 35 -30.52 18.10 20.42
CA GLN H 82 -31.88 13.93 16.72
CA LYS H 83 -34.48 12.64 19.18
CA PHE H 84 -33.47 10.96 22.45
CA MET H 85 -35.15 9.24 25.39
CA ALA H 86 -34.02 9.28 29.02
CA LEU H 87 -35.33 8.30 32.44
CA GLY H 88 -34.50 9.04 36.07
CA SER H 89 -36.11 9.78 39.42
CA GLY H 90 -37.48 12.70 41.40
CA VAL H 91 -38.78 13.69 44.82
CA ILE H 92 -42.06 15.44 45.61
CA ILE H 93 -41.20 18.58 47.59
CA ASP H 94 -44.65 20.16 47.68
CA ALA H 95 -47.60 17.76 47.59
CA ASP H 96 -49.94 20.66 46.84
CA LYS H 97 -48.19 22.59 44.12
CA GLY H 98 -46.89 19.33 42.68
CA TYR H 99 -43.28 20.49 42.84
CA VAL H 100 -40.73 17.79 42.08
CA VAL H 101 -36.97 18.14 42.37
CA THR H 102 -34.52 16.21 40.21
CA ASN H 103 -31.14 16.36 38.49
CA ASN H 104 -30.74 18.98 35.80
CA HIS H 105 -29.01 16.40 33.60
CA VAL H 106 -32.13 14.23 33.67
CA VAL H 107 -34.55 16.84 32.36
CA ASP H 108 -32.10 18.87 30.26
CA ASN H 109 -33.21 19.63 26.69
CA ALA H 110 -36.60 18.02 27.34
CA THR H 111 -39.61 18.46 25.08
CA VAL H 112 -41.87 16.08 27.00
CA ILE H 113 -41.78 15.31 30.72
CA LYS H 114 -44.01 12.69 32.32
CA VAL H 115 -43.98 11.64 35.97
CA GLN H 116 -45.06 8.21 37.23
CA LEU H 117 -45.96 7.78 40.90
CA SER H 118 -45.40 4.75 43.13
CA ASP H 119 -49.01 3.64 42.73
CA GLY H 120 -48.66 3.65 38.95
CA ARG H 121 -50.40 6.97 38.28
CA LYS H 122 -49.00 9.06 35.42
CA PHE H 123 -48.95 12.85 35.10
CA ASP H 124 -47.48 15.47 32.81
CA ALA H 125 -44.91 17.90 34.16
CA LYS H 126 -43.60 21.29 33.06
CA MET H 127 -40.14 22.71 33.82
CA VAL H 128 -40.01 25.35 36.56
CA GLY H 129 -36.31 26.03 37.06
CA LYS H 130 -32.91 24.55 36.28
CA ASP H 131 -29.36 25.13 37.50
CA PRO H 132 -26.66 23.28 35.51
CA ARG H 133 -23.94 24.53 37.87
CA SER H 134 -25.42 22.54 40.76
CA ASP H 135 -27.18 19.90 38.65
CA ILE H 136 -30.46 20.65 40.41
CA ALA H 137 -33.70 21.16 38.50
CA LEU H 138 -37.30 21.71 39.58
CA ILE H 139 -40.39 20.55 37.71
CA GLN H 140 -44.10 20.83 38.50
CA ILE H 141 -46.74 18.14 38.12
CA GLN H 142 -49.71 19.31 36.06
CA ASN H 143 -53.06 18.74 37.78
CA PRO H 144 -51.61 17.56 41.11
CA LYS H 145 -54.05 15.19 42.80
CA ASN H 146 -53.53 13.44 46.13
CA LEU H 147 -49.72 13.58 46.33
CA THR H 148 -47.28 12.89 49.17
CA ALA H 149 -44.35 15.20 49.85
CA ILE H 150 -41.20 14.27 51.75
CA LYS H 151 -39.84 16.00 54.85
CA MET H 152 -36.29 17.31 54.50
CA ALA H 153 -33.66 16.93 57.23
CA ASP H 154 -30.77 19.25 58.03
CA SER H 155 -27.88 17.81 56.04
CA ASP H 156 -25.50 19.72 58.34
CA ALA H 157 -26.27 17.15 61.03
CA LEU H 158 -24.98 14.28 58.90
CA ARG H 159 -21.93 12.41 60.14
CA VAL H 160 -19.91 9.73 58.39
CA GLY H 161 -21.36 6.47 59.68
CA ASP H 162 -25.02 7.49 59.63
CA TYR H 163 -27.26 4.92 57.91
CA THR H 164 -28.73 5.78 54.50
CA VAL H 165 -31.47 4.50 52.22
CA ALA H 166 -31.56 5.17 48.48
CA ILE H 167 -34.76 5.28 46.44
CA GLY H 168 -34.93 5.55 42.66
CA ASN H 169 -35.65 3.89 39.33
CA PRO H 170 -32.56 1.90 38.22
CA PHE H 171 -32.73 0.85 34.57
CA GLY H 172 -36.42 1.76 34.67
CA LEU H 173 -37.11 -1.38 36.70
CA GLY H 174 -39.39 0.67 38.93
CA GLU H 175 -39.16 2.11 42.43
CA THR H 176 -36.14 0.36 43.95
CA VAL H 177 -34.88 0.76 47.50
CA THR H 178 -31.31 0.11 48.60
CA SER H 179 -29.43 0.92 51.80
CA GLY H 180 -25.94 1.82 53.03
CA ILE H 181 -24.05 4.37 55.11
CA VAL H 182 -22.49 7.80 54.78
CA SER H 183 -19.04 7.00 53.37
CA ALA H 184 -17.81 10.59 53.40
CA LEU H 185 -18.94 14.21 53.25
CA GLY H 186 -18.03 17.33 51.31
CA ARG H 187 -16.63 15.33 48.43
CA SER H 188 -15.94 17.36 45.29
CA GLY H 189 -13.79 17.42 42.17
CA LEU H 190 -15.94 15.51 39.69
CA ASN H 191 -16.37 18.79 37.81
CA ALA H 192 -14.32 21.74 39.07
CA GLU H 193 -16.75 24.23 37.49
CA ASN H 194 -19.79 22.83 39.31
CA TYR H 195 -20.95 23.64 42.82
CA GLU H 196 -20.46 20.26 44.49
CA ASN H 197 -20.56 19.41 48.18
CA PHE H 198 -21.49 15.76 47.72
CA ILE H 199 -22.48 13.19 50.29
CA GLN H 200 -20.86 9.84 49.57
CA THR H 201 -22.62 6.53 50.17
CA ASP H 202 -22.03 2.84 49.52
CA ALA H 203 -25.77 2.45 48.95
CA ALA H 204 -26.47 0.84 45.58
CA ILE H 205 -26.98 3.53 42.94
CA ASN H 206 -27.15 2.97 39.18
CA ARG H 207 -28.37 4.60 35.98
CA GLY H 208 -31.88 5.81 36.75
CA ASN H 209 -31.34 6.60 40.41
CA ALA H 210 -30.50 10.19 39.44
CA GLY H 211 -32.82 12.73 41.02
CA GLY H 212 -33.74 9.96 43.44
CA ALA H 213 -33.99 10.40 47.19
CA LEU H 214 -31.38 9.63 49.82
CA VAL H 215 -33.00 9.53 53.26
CA ASN H 216 -32.09 8.62 56.83
CA LEU H 217 -33.75 5.96 58.99
CA ASN H 218 -36.54 8.41 59.80
CA GLY H 219 -37.44 8.78 56.14
CA GLU H 220 -36.16 12.34 55.97
CA LEU H 221 -34.44 13.54 52.79
CA ILE H 222 -30.74 14.15 53.39
CA GLY H 223 -29.66 14.30 49.75
CA ILE H 224 -30.40 13.81 46.07
CA ASN H 225 -28.40 11.04 44.42
CA THR H 226 -26.64 12.54 41.40
CA ALA H 227 -23.61 10.58 40.19
CA ILE H 228 -21.51 7.48 40.80
CA LEU H 229 -17.88 6.47 40.35
CA ALA H 230 -17.96 3.42 38.07
CA PRO H 231 -15.40 2.27 35.47
CA ASP H 232 -17.97 -0.10 33.95
CA GLY H 233 -21.16 1.93 34.19
CA GLY H 234 -22.16 -0.22 37.15
CA ASN H 235 -22.19 0.70 40.84
CA ILE H 236 -19.11 -0.29 42.82
CA GLY H 237 -20.06 1.18 46.19
CA ILE H 238 -19.32 4.82 45.49
CA GLY H 239 -22.33 7.09 44.96
CA PHE H 240 -22.74 10.82 45.43
CA ALA H 241 -25.77 12.87 46.45
CA ILE H 242 -26.40 16.59 46.76
CA PRO H 243 -26.98 17.67 50.39
CA SER H 244 -30.61 18.41 51.24
CA ASN H 245 -29.74 21.90 52.48
CA MET H 246 -28.38 22.79 49.05
CA VAL H 247 -31.59 21.52 47.46
CA LYS H 248 -33.67 23.46 50.00
CA ASN H 249 -31.90 26.67 48.96
CA LEU H 250 -31.84 26.12 45.20
CA THR H 251 -35.44 24.98 44.78
CA SER H 252 -36.93 27.70 46.99
CA GLN H 253 -35.46 30.26 44.59
CA MET H 254 -36.64 28.46 41.44
CA VAL H 255 -40.12 28.50 42.98
CA GLU H 256 -40.10 32.30 43.17
CA TYR H 257 -37.80 33.50 40.40
CA GLY H 258 -37.64 30.58 37.98
CA GLN H 259 -33.87 30.77 38.31
CA VAL H 260 -31.20 31.22 40.97
CA LYS H 261 -29.97 34.69 41.92
CA ARG H 262 -26.30 33.84 42.28
CA GLY H 263 -24.49 35.77 44.99
CA GLU H 264 -20.80 35.83 45.76
CA LEU H 265 -18.24 36.99 48.30
CA GLY H 266 -16.08 38.14 45.42
CA ILE H 267 -12.88 36.30 46.26
CA MET H 268 -10.38 34.28 44.23
CA GLY H 269 -8.71 31.26 45.78
CA THR H 270 -7.69 27.61 45.73
CA GLU H 271 -7.46 24.44 47.80
CA LEU H 272 -5.19 24.64 50.83
CA ASN H 273 -2.94 21.59 50.73
CA SER H 274 -0.05 20.62 53.02
CA GLU H 275 2.52 22.03 50.58
CA LEU H 276 0.90 25.47 50.33
CA ALA H 277 0.50 25.47 54.13
CA LYS H 278 4.27 25.11 54.51
CA ALA H 279 4.97 28.06 52.20
CA MET H 280 2.43 30.32 53.91
CA LYS H 281 3.48 29.22 57.40
CA VAL H 282 -0.06 28.01 58.09
CA ASP H 283 -1.22 25.34 60.55
CA ALA H 284 -4.32 23.99 58.82
CA GLN H 285 -3.63 21.50 56.02
CA ARG H 286 -7.08 22.09 54.55
CA GLY H 287 -9.39 24.99 53.79
CA ALA H 288 -9.99 27.83 51.36
CA PHE H 289 -6.95 29.93 50.53
CA VAL H 290 -7.75 33.51 49.50
CA SER H 291 -5.71 34.36 46.41
CA GLN H 292 -7.23 37.83 46.20
CA VAL H 293 -10.33 39.86 47.07
CA LEU H 294 -12.19 41.84 44.41
CA PRO H 295 -12.63 45.58 45.00
CA ASN H 296 -16.14 46.67 46.02
CA SER H 297 -17.01 43.09 46.99
CA SER H 298 -18.78 42.08 50.20
CA ALA H 299 -15.60 40.31 51.27
CA ALA H 300 -13.52 43.45 50.78
CA LYS H 301 -16.01 45.53 52.77
CA ALA H 302 -15.92 42.84 55.47
CA GLY H 303 -12.16 43.14 55.88
CA ILE H 304 -10.98 39.98 54.16
CA LYS H 305 -7.50 40.32 52.70
CA ALA H 306 -5.50 37.99 50.45
CA GLY H 307 -3.33 35.27 51.98
CA ASP H 308 -6.12 34.47 54.40
CA VAL H 309 -7.32 30.92 55.04
CA ILE H 310 -11.02 30.33 55.61
CA THR H 311 -11.63 27.55 58.13
CA SER H 312 -15.33 27.74 59.00
CA LEU H 313 -18.71 28.91 57.70
CA ASN H 314 -21.45 29.87 60.14
CA GLY H 315 -19.60 27.79 62.72
CA LYS H 316 -19.42 24.71 60.51
CA PRO H 317 -15.82 23.73 59.63
CA ILE H 318 -14.76 23.87 55.98
CA SER H 319 -13.64 20.71 54.19
CA SER H 320 -12.28 22.50 51.13
CA PHE H 321 -12.46 25.56 48.90
CA ALA H 322 -14.66 23.59 46.52
CA ALA H 323 -17.08 22.88 49.37
CA LEU H 324 -17.24 26.52 50.47
CA ARG H 325 -17.90 27.51 46.87
CA ALA H 326 -20.82 25.09 46.75
CA GLN H 327 -22.10 26.21 50.16
CA VAL H 328 -22.47 29.91 49.34
CA GLY H 329 -23.26 29.15 45.70
CA THR H 330 -26.66 27.91 46.86
CA MET H 331 -27.43 30.69 49.33
CA PRO H 332 -29.73 33.55 48.22
CA VAL H 333 -28.43 37.07 47.57
CA GLY H 334 -28.26 39.20 50.71
CA SER H 335 -27.86 36.19 52.97
CA LYS H 336 -26.02 37.31 56.09
CA LEU H 337 -23.36 34.80 57.09
CA THR H 338 -20.17 34.62 59.13
CA LEU H 339 -16.74 33.24 58.24
CA GLY H 340 -13.85 31.92 60.31
CA LEU H 341 -10.53 33.17 58.97
CA LEU H 342 -6.90 32.38 59.76
CA ARG H 343 -4.32 35.08 59.09
CA ASP H 344 -0.85 34.98 60.64
CA GLY H 345 -1.81 32.07 62.90
CA LYS H 346 -4.57 34.29 64.23
CA GLN H 347 -8.25 33.34 64.47
CA VAL H 348 -10.57 35.94 62.94
CA ASN H 349 -14.36 36.21 62.65
CA VAL H 350 -16.22 38.29 60.06
CA ASN H 351 -19.82 39.17 59.19
CA LEU H 352 -20.69 39.07 55.50
CA GLU H 353 -23.66 39.62 53.20
CA VAL H 362 -19.54 52.32 21.10
CA ASP H 363 -18.66 49.96 18.24
CA SER H 364 -20.52 49.75 14.93
CA SER H 365 -20.86 45.96 15.19
CA SER H 366 -23.31 46.66 18.01
CA ILE H 367 -25.74 48.37 15.64
CA PHE H 368 -25.16 46.71 12.25
CA ASN H 369 -24.59 43.21 13.65
CA GLY H 370 -21.45 42.36 11.68
CA ILE H 371 -19.84 45.69 10.78
CA GLU H 372 -16.69 46.20 12.85
CA GLY H 373 -13.90 48.78 12.80
CA ALA H 374 -15.87 51.95 13.52
CA GLU H 375 -16.85 53.53 16.83
CA MET H 376 -19.74 56.00 16.98
CA SER H 377 -22.06 57.74 19.44
CA ASN H 378 -24.76 60.41 19.68
CA LYS H 379 -23.81 64.00 18.83
CA GLY H 380 -24.72 66.80 21.22
CA LYS H 381 -28.49 66.86 21.57
CA ASP H 382 -30.32 64.99 18.80
CA GLN H 383 -27.87 66.17 16.14
CA GLY H 384 -27.36 62.72 14.63
CA VAL H 385 -24.92 59.87 15.13
CA VAL H 386 -21.31 61.03 14.81
CA VAL H 387 -18.53 58.54 14.09
CA ASN H 388 -15.76 58.80 16.68
CA ASN H 389 -13.00 56.65 15.22
CA VAL H 390 -12.42 54.28 12.29
CA LYS H 391 -9.97 51.38 11.94
CA THR H 392 -8.27 50.55 8.64
CA GLY H 393 -8.96 47.28 6.82
CA THR H 394 -12.37 46.76 8.40
CA PRO H 395 -15.90 45.98 7.09
CA ALA H 396 -17.00 49.52 7.97
CA ALA H 397 -14.33 51.41 6.01
CA GLN H 398 -14.99 49.03 3.11
CA ILE H 399 -18.23 50.89 2.38
CA GLY H 400 -16.63 54.31 2.73
CA LEU H 401 -17.30 55.21 6.37
CA LYS H 402 -14.74 57.64 7.80
CA LYS H 403 -14.32 59.21 11.25
CA GLY H 404 -15.97 62.61 11.63
CA ASP H 405 -19.08 61.72 9.64
CA VAL H 406 -22.46 62.63 11.13
CA ILE H 407 -25.47 60.48 10.20
CA ILE H 408 -28.39 62.84 9.55
CA GLY H 409 -30.80 60.15 8.37
CA ALA H 410 -31.32 56.77 6.71
CA ASN H 411 -33.77 55.67 4.00
CA GLN H 412 -35.56 59.03 3.98
CA GLN H 413 -36.11 58.83 7.75
CA ALA H 414 -34.55 61.48 10.00
CA VAL H 415 -31.94 60.27 12.49
CA LYS H 416 -31.35 62.27 15.67
CA ASN H 417 -29.81 59.57 17.87
CA ILE H 418 -28.84 55.89 17.95
CA ALA H 419 -32.38 54.88 18.94
CA GLU H 420 -33.90 56.31 15.75
CA LEU H 421 -31.19 54.72 13.64
CA ARG H 422 -31.79 51.33 15.26
CA LYS H 423 -35.50 51.78 14.50
CA VAL H 424 -34.78 51.93 10.79
CA LEU H 425 -32.68 48.77 11.05
CA ASP H 426 -35.53 47.02 12.89
CA SER H 427 -37.49 47.41 9.66
CA LYS H 428 -34.70 45.35 8.08
CA PRO H 429 -34.58 46.89 4.57
CA SER H 430 -32.73 45.08 1.78
CA VAL H 431 -30.57 48.14 1.09
CA LEU H 432 -29.52 50.77 3.63
CA ALA H 433 -28.94 54.36 2.51
CA LEU H 434 -27.19 56.56 5.08
CA ASN H 435 -27.45 60.33 4.68
CA ILE H 436 -24.21 61.36 6.41
CA GLN H 437 -22.28 64.62 6.12
CA ARG H 438 -18.52 65.05 5.76
CA GLY H 439 -17.47 68.59 6.52
CA ASP H 440 -19.57 70.99 4.50
CA SER H 441 -20.89 68.34 2.13
CA THR H 442 -23.85 65.95 2.23
CA ILE H 443 -23.31 62.43 0.90
CA TYR H 444 -24.86 58.95 0.96
CA LEU H 445 -23.56 55.51 1.86
CA LEU H 446 -25.23 52.38 0.51
CA MET H 447 -25.28 48.93 2.13
CA GLN H 448 -26.18 45.53 0.64
CA GLN I 11 -22.73 -7.14 73.65
CA MET I 12 -22.96 -6.76 69.87
CA PRO I 13 -25.81 -7.63 67.47
CA SER I 14 -24.97 -10.35 64.96
CA LEU I 15 -26.35 -12.76 62.39
CA ALA I 16 -23.92 -15.45 63.56
CA PRO I 17 -26.40 -17.05 66.01
CA MET I 18 -29.04 -17.47 63.31
CA LEU I 19 -26.50 -18.47 60.64
CA GLU I 20 -24.84 -21.34 62.48
CA LYS I 21 -28.21 -23.09 62.50
CA VAL I 22 -29.12 -22.32 58.89
CA MET I 23 -25.84 -22.62 56.96
CA PRO I 24 -25.68 -26.43 57.13
CA SER I 25 -28.95 -26.33 55.16
CA VAL I 26 -27.25 -24.63 52.22
CA VAL I 27 -25.14 -26.82 49.94
CA SER I 28 -23.01 -26.12 46.87
CA ILE I 29 -23.52 -28.03 43.63
CA ASN I 30 -20.86 -29.24 41.18
CA VAL I 31 -21.93 -30.33 37.71
CA GLU I 32 -20.38 -32.01 34.66
CA GLY I 33 -22.24 -32.24 31.36
CA SER I 34 -22.25 -32.09 27.57
CA THR I 35 -24.23 -30.43 24.78
CA GLN I 82 -18.55 -30.76 23.95
CA LYS I 83 -18.05 -31.23 27.69
CA PHE I 84 -18.68 -28.40 30.16
CA MET I 85 -18.35 -27.78 33.88
CA ALA I 86 -20.58 -25.58 36.05
CA LEU I 87 -21.20 -24.85 39.72
CA GLY I 88 -23.90 -23.26 41.85
CA SER I 89 -25.79 -23.65 45.10
CA GLY I 90 -28.80 -25.47 46.51
CA VAL I 91 -30.99 -25.75 49.58
CA ILE I 92 -31.91 -28.89 51.49
CA ILE I 93 -35.70 -29.08 51.59
CA ASP I 94 -36.06 -32.55 53.11
CA ALA I 95 -33.26 -33.68 55.41
CA ASP I 96 -34.55 -37.25 55.25
CA LYS I 97 -35.20 -37.85 51.59
CA GLY I 98 -32.18 -35.72 50.75
CA TYR I 99 -34.21 -33.42 48.50
CA VAL I 100 -32.35 -30.34 47.32
CA VAL I 101 -33.83 -27.47 45.34
CA THR I 102 -31.85 -25.37 42.88
CA ASN I 103 -32.01 -23.42 39.62
CA ASN I 104 -32.85 -25.43 36.52
CA HIS I 105 -30.11 -23.58 34.64
CA VAL I 106 -27.52 -24.90 37.10
CA VAL I 107 -28.27 -28.59 36.64
CA ASP I 108 -29.50 -28.47 33.03
CA ASN I 109 -27.95 -31.02 30.67
CA ALA I 110 -26.05 -32.62 33.54
CA THR I 111 -24.39 -36.03 33.34
CA VAL I 112 -22.83 -35.88 36.81
CA ILE I 113 -24.17 -34.07 39.87
CA LYS I 114 -22.26 -33.90 43.14
CA VAL I 115 -23.31 -32.01 46.27
CA GLN I 116 -20.88 -30.67 48.88
CA LEU I 117 -22.19 -29.81 52.34
CA SER I 118 -21.05 -27.01 54.67
CA ASP I 119 -18.92 -29.43 56.72
CA GLY I 120 -17.08 -30.54 53.59
CA ARG I 121 -18.94 -33.82 53.05
CA LYS I 122 -19.53 -34.83 49.41
CA PHE I 123 -22.44 -36.82 48.00
CA ASP I 124 -23.79 -37.83 44.61
CA ALA I 125 -27.17 -36.56 43.48
CA LYS I 126 -29.70 -37.64 40.88
CA MET I 127 -32.21 -35.39 39.11
CA VAL I 128 -35.80 -35.62 40.36
CA GLY I 129 -37.64 -32.89 38.46
CA LYS I 130 -37.00 -29.77 36.42
CA ASP I 131 -39.09 -26.84 35.22
CA PRO I 132 -37.31 -24.52 32.73
CA ARG I 133 -40.31 -22.16 32.65
CA SER I 134 -39.78 -21.25 36.32
CA ASP I 135 -36.06 -22.06 36.46
CA ILE I 136 -36.66 -24.36 39.43
CA ALA I 137 -35.19 -27.86 39.62
CA LEU I 138 -35.17 -30.56 42.28
CA ILE I 139 -32.40 -33.06 42.91
CA GLN I 140 -32.01 -35.82 45.50
CA ILE I 141 -28.90 -36.66 47.49
CA GLN I 142 -27.95 -40.32 47.21
CA ASN I 143 -27.45 -42.03 50.57
CA PRO I 144 -28.62 -39.07 52.70
CA LYS I 145 -26.90 -39.17 56.08
CA ASN I 146 -27.35 -36.66 58.89
CA LEU I 147 -28.64 -33.68 56.89
CA THR I 148 -30.22 -30.39 57.92
CA ALA I 149 -33.26 -29.01 56.11
CA ILE I 150 -34.38 -25.39 56.11
CA LYS I 151 -37.76 -24.06 57.23
CA MET I 152 -39.64 -22.08 54.58
CA ALA I 153 -41.47 -18.83 55.34
CA ASP I 154 -44.58 -17.45 53.65
CA SER I 155 -43.20 -15.19 50.93
CA ASP I 156 -46.59 -13.45 50.81
CA ALA I 157 -45.68 -11.77 54.09
CA LEU I 158 -42.63 -10.11 52.60
CA ARG I 159 -42.61 -6.32 52.44
CA VAL I 160 -40.11 -4.02 50.75
CA GLY I 161 -37.73 -3.04 53.53
CA ASP I 162 -37.51 -6.43 55.23
CA TYR I 163 -33.92 -7.51 55.93
CA THR I 164 -32.44 -10.34 53.86
CA VAL I 165 -29.44 -12.68 54.02
CA ALA I 166 -28.02 -14.46 50.97
CA ILE I 167 -26.17 -17.76 51.14
CA GLY I 168 -24.38 -19.42 48.24
CA ASN I 169 -21.11 -20.37 46.56
CA PRO I 170 -19.79 -17.34 44.58
CA PHE I 171 -16.99 -18.28 42.18
CA GLY I 172 -16.76 -21.58 44.04
CA LEU I 173 -15.08 -19.80 46.94
CA GLY I 174 -17.25 -21.80 49.30
CA GLU I 175 -20.29 -21.06 51.45
CA THR I 176 -20.51 -17.27 51.47
CA VAL I 177 -23.04 -15.18 53.39
CA THR I 178 -24.06 -11.66 52.45
CA SER I 179 -26.92 -9.43 53.63
CA GLY I 180 -29.25 -6.71 52.37
CA ILE I 181 -32.91 -5.74 52.14
CA VAL I 182 -35.95 -6.40 49.98
CA SER I 183 -35.54 -3.80 47.21
CA ALA I 184 -38.80 -4.64 45.46
CA LEU I 185 -41.33 -7.41 44.88
CA GLY I 186 -43.11 -8.99 41.93
CA ARG I 187 -40.37 -7.93 39.53
CA SER I 188 -40.59 -9.57 36.10
CA GLY I 189 -39.63 -9.05 32.48
CA LEU I 190 -36.20 -10.68 32.33
CA ASN I 191 -37.75 -13.36 30.12
CA ALA I 192 -41.37 -12.78 29.07
CA GLU I 193 -41.88 -16.52 28.45
CA ASN I 194 -40.84 -17.52 31.97
CA TYR I 195 -42.99 -17.56 35.09
CA GLU I 196 -41.26 -14.86 37.12
CA ASN I 197 -42.46 -13.16 40.29
CA PHE I 198 -39.01 -12.21 41.55
CA ILE I 199 -37.98 -10.74 44.88
CA GLN I 200 -35.36 -8.05 44.43
CA THR I 201 -32.51 -7.53 46.87
CA ASP I 202 -29.35 -5.44 47.16
CA ALA I 203 -27.69 -8.39 48.93
CA ALA I 204 -24.45 -9.36 47.21
CA ILE I 205 -25.11 -12.07 44.62
CA ASN I 206 -22.67 -13.30 41.98
CA ARG I 207 -21.98 -16.25 39.70
CA GLY I 208 -22.37 -19.32 41.88
CA ASN I 209 -25.06 -17.96 44.18
CA ALA I 210 -27.69 -19.47 41.87
CA GLY I 211 -29.92 -21.98 43.62
CA GLY I 212 -28.68 -20.42 46.83
CA ALA I 213 -30.90 -19.47 49.75
CA LEU I 214 -32.37 -16.07 50.55
CA VAL I 215 -33.62 -16.03 54.15
CA ASN I 216 -34.99 -13.55 56.67
CA LEU I 217 -33.50 -12.71 60.08
CA ASN I 218 -35.13 -15.84 61.51
CA GLY I 219 -33.27 -18.06 59.07
CA GLU I 220 -36.42 -18.94 57.14
CA LEU I 221 -36.22 -19.36 53.37
CA ILE I 222 -38.05 -16.55 51.58
CA GLY I 223 -36.60 -17.11 48.13
CA ILE I 224 -34.09 -18.79 45.83
CA ASN I 225 -31.54 -16.43 44.29
CA THR I 226 -31.70 -16.91 40.52
CA ALA I 227 -30.33 -14.00 38.48
CA ILE I 228 -28.72 -10.58 38.73
CA LEU I 229 -28.69 -7.39 36.66
CA ALA I 230 -25.02 -6.76 35.87
CA PRO I 231 -23.46 -5.13 32.78
CA ASP I 232 -20.03 -6.49 33.75
CA GLY I 233 -20.91 -9.92 35.11
CA GLY I 234 -20.43 -8.53 38.59
CA ASN I 235 -23.07 -7.67 41.20
CA ILE I 236 -24.16 -4.04 41.31
CA GLY I 237 -26.82 -4.28 43.99
CA ILE I 238 -29.62 -5.80 41.94
CA GLY I 239 -30.33 -9.49 42.52
CA PHE I 240 -33.48 -11.53 41.98
CA ALA I 241 -34.81 -14.56 43.84
CA ILE I 242 -37.80 -16.82 43.30
CA PRO I 243 -40.40 -16.48 46.10
CA SER I 244 -40.43 -19.39 48.55
CA ASN I 245 -44.14 -20.01 47.97
CA MET I 246 -43.45 -20.67 44.30
CA VAL I 247 -40.71 -23.10 45.25
CA LYS I 248 -43.00 -24.78 47.78
CA ASN I 249 -45.56 -25.39 45.02
CA LEU I 250 -43.19 -26.45 42.25
CA THR I 251 -41.04 -28.85 44.28
CA SER I 252 -43.97 -30.58 45.99
CA GLN I 253 -45.21 -31.60 42.54
CA MET I 254 -41.79 -32.76 41.32
CA VAL I 255 -41.64 -34.95 44.43
CA GLU I 256 -44.81 -36.77 43.40
CA TYR I 257 -44.99 -36.59 39.62
CA GLY I 258 -41.43 -35.88 38.54
CA GLN I 259 -42.81 -32.91 36.64
CA VAL I 260 -45.29 -30.08 37.08
CA LYS I 261 -48.93 -30.53 36.08
CA ARG I 262 -49.45 -27.08 34.56
CA GLY I 263 -52.93 -25.66 35.07
CA GLU I 264 -54.41 -22.51 33.58
CA LEU I 265 -57.37 -20.17 33.77
CA GLY I 266 -57.42 -20.12 29.99
CA ILE I 267 -57.26 -16.38 29.40
CA MET I 268 -55.28 -14.16 27.07
CA GLY I 269 -54.11 -10.76 28.23
CA THR I 270 -51.41 -8.14 28.74
CA GLU I 271 -49.98 -5.59 31.17
CA LEU I 272 -52.36 -2.82 32.19
CA ASN I 273 -50.46 0.45 31.77
CA SER I 274 -51.68 4.03 32.23
CA GLU I 275 -52.27 4.43 28.48
CA LEU I 276 -54.47 1.36 28.16
CA ALA I 277 -56.32 2.43 31.31
CA LYS I 278 -57.29 5.69 29.62
CA ALA I 279 -58.67 3.91 26.55
CA MET I 280 -60.67 1.41 28.60
CA LYS I 281 -61.88 4.06 31.05
CA VAL I 282 -60.27 2.15 33.92
CA ASP I 283 -59.07 3.50 37.27
CA ALA I 284 -56.21 1.13 38.07
CA GLN I 285 -52.94 1.90 36.29
CA ARG I 286 -51.69 -1.64 36.89
CA GLY I 287 -52.99 -5.19 36.71
CA ALA I 288 -53.86 -7.99 34.31
CA PHE I 289 -55.98 -6.97 31.32
CA VAL I 290 -58.11 -9.78 29.91
CA SER I 291 -57.77 -9.74 26.12
CA GLN I 292 -60.05 -12.76 25.76
CA VAL I 293 -61.27 -15.89 27.55
CA LEU I 294 -60.97 -19.32 25.93
CA PRO I 295 -64.18 -21.34 25.48
CA ASN I 296 -64.61 -24.26 27.91
CA SER I 297 -61.97 -22.77 30.22
CA SER I 298 -62.32 -22.48 34.00
CA ALA I 299 -62.34 -18.70 33.59
CA ALA I 300 -65.20 -18.84 31.10
CA LYS I 301 -67.23 -21.10 33.40
CA ALA I 302 -66.47 -18.70 36.25
CA GLY I 303 -67.97 -15.76 34.37
CA ILE I 304 -64.86 -13.87 33.34
CA LYS I 305 -65.35 -11.85 30.17
CA ALA I 306 -62.87 -9.93 28.02
CA GLY I 307 -62.05 -6.31 28.81
CA ASP I 308 -61.89 -7.19 32.49
CA VAL I 309 -59.01 -6.11 34.73
CA ILE I 310 -57.80 -8.49 37.42
CA THR I 311 -56.68 -6.65 40.54
CA SER I 312 -56.25 -9.31 43.22
CA LEU I 313 -55.58 -13.01 43.74
CA ASN I 314 -56.87 -14.75 46.87
CA GLY I 315 -57.04 -11.31 48.45
CA LYS I 316 -53.45 -10.42 47.58
CA PRO I 317 -53.21 -7.45 45.19
CA ILE I 318 -51.72 -8.01 41.74
CA SER I 319 -48.56 -6.21 40.69
CA SER I 320 -48.80 -7.16 37.02
CA PHE I 321 -50.07 -9.66 34.47
CA ALA I 322 -46.62 -11.27 34.45
CA ALA I 323 -46.84 -11.76 38.21
CA LEU I 324 -50.32 -13.31 38.06
CA ARG I 325 -49.06 -15.65 35.33
CA ALA I 326 -46.24 -16.75 37.62
CA GLN I 327 -48.54 -17.07 40.62
CA VAL I 328 -51.01 -19.52 39.07
CA GLY I 329 -48.29 -21.10 36.93
CA THR I 330 -46.94 -22.70 40.09
CA MET I 331 -50.25 -23.79 41.58
CA PRO I 332 -51.34 -27.45 41.16
CA VAL I 333 -54.22 -28.44 38.87
CA GLY I 334 -57.61 -28.25 40.55
CA SER I 335 -56.46 -25.58 42.99
CA LYS I 336 -59.51 -23.57 44.03
CA LEU I 337 -58.73 -19.85 44.09
CA THR I 338 -60.55 -16.52 43.94
CA LEU I 339 -59.91 -13.47 41.75
CA GLY I 340 -60.74 -9.79 42.13
CA LEU I 341 -61.98 -8.32 38.87
CA LEU I 342 -62.76 -4.79 37.70
CA ARG I 343 -65.32 -4.38 34.93
CA ASP I 344 -67.01 -1.05 34.22
CA GLY I 345 -65.56 0.50 37.38
CA LYS I 346 -67.27 -2.29 39.28
CA GLN I 347 -65.59 -4.61 41.81
CA VAL I 348 -66.26 -8.30 41.12
CA ASN I 349 -65.28 -11.50 42.94
CA VAL I 350 -65.08 -14.94 41.34
CA ASN I 351 -64.35 -18.53 42.40
CA LEU I 352 -62.10 -20.50 40.08
CA GLU I 353 -60.53 -23.94 39.77
CA VAL I 362 -47.05 -21.84 14.70
CA ASP I 363 -43.70 -21.71 12.92
CA SER I 364 -42.01 -24.66 11.21
CA SER I 365 -38.73 -24.04 13.03
CA SER I 366 -40.55 -25.21 16.16
CA ILE I 367 -40.98 -28.70 14.73
CA PHE I 368 -38.01 -29.21 12.39
CA ASN I 369 -35.50 -27.36 14.58
CA GLY I 370 -33.94 -25.19 11.89
CA ILE I 371 -36.55 -24.87 9.14
CA GLU I 372 -37.98 -21.34 9.15
CA GLY I 373 -40.33 -19.45 6.82
CA ALA I 374 -43.45 -21.61 7.09
CA GLU I 375 -46.32 -21.47 9.58
CA MET I 376 -48.54 -24.51 10.10
CA SER I 377 -51.15 -25.94 12.46
CA ASN I 378 -53.59 -28.82 12.87
CA LYS I 379 -56.45 -29.12 10.39
CA GLY I 380 -60.00 -29.56 11.63
CA LYS I 381 -60.14 -32.78 13.65
CA ASP I 382 -57.21 -35.12 13.00
CA GLN I 383 -57.14 -34.28 9.28
CA GLY I 384 -53.39 -33.70 9.17
CA VAL I 385 -51.09 -30.70 9.53
CA VAL I 386 -52.06 -27.89 7.16
CA VAL I 387 -49.56 -25.17 6.24
CA ASN I 388 -51.00 -21.72 6.93
CA ASN I 389 -48.47 -19.39 5.31
CA VAL I 390 -45.06 -19.56 3.61
CA LYS I 391 -42.34 -16.90 3.32
CA THR I 392 -40.17 -16.56 0.21
CA GLY I 393 -36.43 -17.19 0.33
CA THR I 394 -36.61 -19.45 3.37
CA PRO I 395 -35.25 -22.94 4.26
CA ALA I 396 -38.81 -24.34 4.11
CA ALA I 397 -39.68 -23.19 0.58
CA GLN I 398 -36.25 -24.43 -0.51
CA ILE I 399 -37.54 -28.01 -0.31
CA GLY I 400 -40.79 -27.20 -2.08
CA LEU I 401 -43.19 -26.50 0.79
CA LYS I 402 -46.05 -24.18 -0.19
CA LYS I 403 -48.99 -22.75 1.78
CA GLY I 404 -52.17 -24.80 1.53
CA ASP I 405 -50.44 -28.18 1.72
CA VAL I 406 -51.84 -30.76 4.13
CA ILE I 407 -49.47 -33.33 5.61
CA ILE I 408 -51.23 -36.72 5.54
CA GLY I 409 -48.25 -38.73 6.73
CA ALA I 410 -44.47 -39.14 6.95
CA ASN I 411 -42.24 -42.17 6.35
CA GLN I 412 -45.22 -44.49 5.88
CA GLN I 413 -46.70 -43.40 9.22
CA ALA I 414 -50.09 -41.69 9.28
CA VAL I 415 -50.16 -38.08 10.52
CA LYS I 416 -53.37 -36.72 12.02
CA ASN I 417 -51.94 -33.85 14.10
CA ILE I 418 -48.69 -32.15 15.12
CA ALA I 419 -48.17 -34.67 17.94
CA GLU I 420 -48.01 -37.64 15.54
CA LEU I 421 -45.70 -35.74 13.22
CA ARG I 422 -43.37 -34.86 16.09
CA LYS I 423 -43.37 -38.57 17.03
CA VAL I 424 -41.87 -39.47 13.68
CA LEU I 425 -39.19 -36.81 14.13
CA ASP I 426 -38.38 -38.20 17.59
CA SER I 427 -37.28 -41.34 15.76
CA LYS I 428 -34.78 -39.06 13.99
CA PRO I 429 -34.60 -40.72 10.55
CA SER I 430 -31.78 -39.82 8.15
CA VAL I 431 -34.27 -38.86 5.44
CA LEU I 432 -37.77 -37.48 5.97
CA ALA I 433 -40.50 -38.20 3.43
CA LEU I 434 -43.64 -36.10 3.82
CA ASN I 435 -46.85 -37.31 2.18
CA ILE I 436 -48.59 -33.96 1.67
CA GLN I 437 -51.42 -33.08 -0.71
CA ARG I 438 -51.72 -30.00 -2.90
CA GLY I 439 -55.25 -29.54 -4.14
CA ASP I 440 -56.48 -32.74 -5.71
CA SER I 441 -53.03 -34.31 -5.97
CA THR I 442 -50.87 -36.36 -3.60
CA ILE I 443 -47.14 -35.64 -3.57
CA TYR I 444 -44.01 -36.24 -1.47
CA LEU I 445 -41.35 -33.97 -0.02
CA LEU I 446 -37.92 -35.30 0.88
CA MET I 447 -35.54 -33.93 3.51
CA GLN I 448 -31.81 -34.59 4.04
CA GLN J 11 1.39 -62.69 -37.18
CA MET J 12 0.44 -60.01 -34.64
CA PRO J 13 -3.02 -58.82 -33.50
CA SER J 14 -3.77 -55.20 -34.35
CA LEU J 15 -6.46 -52.53 -34.57
CA ALA J 16 -4.92 -51.19 -37.78
CA PRO J 17 -7.15 -53.28 -40.09
CA MET J 18 -10.32 -51.98 -38.45
CA LEU J 19 -8.99 -48.43 -38.11
CA GLU J 20 -8.04 -47.82 -41.73
CA LYS J 21 -11.72 -48.28 -42.61
CA VAL J 22 -13.11 -46.18 -39.76
CA MET J 23 -10.68 -43.27 -39.39
CA PRO J 24 -11.82 -41.48 -42.57
CA SER J 25 -15.21 -41.25 -40.84
CA VAL J 26 -13.76 -39.12 -38.04
CA VAL J 27 -13.13 -35.45 -38.79
CA SER J 28 -11.66 -32.58 -36.79
CA ILE J 29 -13.55 -29.30 -36.37
CA ASN J 30 -12.11 -25.78 -36.32
CA VAL J 31 -14.26 -22.93 -35.03
CA GLU J 32 -14.16 -19.14 -34.84
CA GLY J 33 -16.70 -17.16 -32.82
CA SER J 34 -17.53 -14.27 -30.50
CA THR J 35 -19.40 -13.68 -27.24
CA GLN J 82 -14.55 -10.67 -27.91
CA LYS J 83 -13.39 -13.17 -30.54
CA PHE J 84 -12.41 -16.72 -29.60
CA MET J 85 -11.01 -19.82 -31.32
CA ALA J 86 -11.78 -23.44 -30.48
CA LEU J 87 -11.24 -26.91 -31.93
CA GLY J 88 -12.66 -30.40 -31.45
CA SER J 89 -13.74 -33.48 -33.36
CA GLY J 90 -16.78 -34.86 -35.16
CA VAL J 91 -18.16 -37.97 -36.80
CA ILE J 92 -19.64 -38.27 -40.29
CA ILE J 93 -23.13 -39.72 -39.91
CA ASP J 94 -24.31 -39.34 -43.49
CA ALA J 95 -21.61 -39.51 -46.17
CA ASP J 96 -24.07 -38.14 -48.74
CA LYS J 97 -25.71 -35.23 -46.99
CA GLY J 98 -22.42 -34.44 -45.27
CA TYR J 99 -24.00 -34.61 -41.81
CA VAL J 100 -21.51 -34.47 -38.95
CA VAL J 101 -22.33 -34.90 -35.28
CA THR J 102 -20.37 -33.25 -32.49
CA ASN J 103 -20.59 -31.71 -29.02
CA ASN J 104 -22.77 -28.64 -28.69
CA HIS J 105 -20.07 -27.02 -26.56
CA VAL J 106 -17.62 -27.28 -29.44
CA VAL J 107 -19.67 -25.41 -32.01
CA ASP J 108 -21.60 -23.13 -29.63
CA ASN J 109 -21.63 -19.43 -30.55
CA ALA J 110 -19.78 -20.15 -33.78
CA THR J 111 -19.50 -17.69 -36.66
CA VAL J 112 -17.23 -19.86 -38.80
CA ILE J 113 -17.10 -23.66 -38.91
CA LYS J 114 -14.55 -25.57 -40.97
CA VAL J 115 -14.11 -29.33 -41.10
CA GLN J 116 -10.84 -31.09 -41.92
CA LEU J 117 -10.92 -34.73 -43.04
CA SER J 118 -8.38 -37.47 -42.34
CA ASP J 119 -6.82 -37.06 -45.78
CA GLY J 120 -6.25 -33.36 -45.16
CA ARG J 121 -9.20 -32.04 -47.17
CA LYS J 122 -10.94 -28.94 -45.78
CA PHE J 123 -14.60 -27.99 -46.09
CA ASP J 124 -16.96 -25.37 -44.73
CA ALA J 125 -19.86 -26.43 -42.52
CA LYS J 126 -23.13 -24.84 -41.48
CA MET J 127 -25.05 -25.53 -38.26
CA VAL J 128 -28.09 -27.79 -38.61
CA GLY J 129 -29.26 -28.35 -35.04
CA LYS J 130 -28.06 -28.03 -31.45
CA ASP J 131 -29.23 -29.34 -28.08
CA PRO J 132 -27.39 -27.84 -25.07
CA ARG J 133 -29.31 -30.10 -22.66
CA SER J 134 -27.67 -33.21 -24.14
CA ASP J 135 -24.53 -31.48 -25.46
CA ILE J 136 -25.20 -32.89 -28.93
CA ALA J 137 -25.01 -30.77 -32.05
CA LEU J 138 -25.32 -31.52 -35.76
CA ILE J 139 -23.53 -29.72 -38.58
CA GLN J 140 -23.53 -30.23 -42.34
CA ILE J 141 -20.53 -30.17 -44.66
CA GLN J 142 -21.01 -27.79 -47.57
CA ASN J 143 -20.36 -29.39 -50.97
CA PRO J 144 -19.90 -32.95 -49.65
CA LYS J 145 -17.58 -34.88 -51.96
CA ASN J 146 -16.48 -38.48 -51.51
CA LEU J 147 -17.08 -38.87 -47.76
CA THR J 148 -17.12 -41.91 -45.48
CA ALA J 149 -19.84 -42.34 -42.85
CA ILE J 150 -19.60 -44.55 -39.77
CA LYS J 151 -21.95 -47.38 -38.83
CA MET J 152 -23.58 -47.02 -35.42
CA ALA J 153 -23.94 -49.91 -32.96
CA ASP J 154 -26.69 -50.46 -30.40
CA SER J 155 -25.28 -48.91 -27.23
CA ASP J 156 -27.79 -50.97 -25.23
CA ALA J 157 -25.61 -54.02 -25.93
CA LEU J 158 -22.60 -52.49 -24.23
CA ARG J 159 -21.31 -54.20 -21.09
CA VAL J 160 -18.63 -53.05 -18.67
CA GLY J 161 -15.48 -54.79 -19.88
CA ASP J 162 -16.07 -54.36 -23.61
CA TYR J 163 -13.02 -52.99 -25.44
CA THR J 164 -13.14 -49.42 -26.74
CA VAL J 165 -11.19 -47.23 -29.17
CA ALA J 166 -11.22 -43.43 -29.05
CA ILE J 167 -10.64 -41.23 -32.08
CA GLY J 168 -10.27 -37.46 -32.00
CA ASN J 169 -8.01 -34.42 -32.30
CA PRO J 170 -6.23 -33.84 -28.95
CA PHE J 171 -4.57 -30.43 -28.74
CA GLY J 172 -5.07 -30.17 -32.50
CA LEU J 173 -2.25 -32.66 -33.02
CA GLY J 174 -4.37 -34.37 -35.66
CA GLU J 175 -6.38 -37.58 -35.83
CA THR J 176 -5.25 -39.54 -32.77
CA VAL J 177 -6.37 -43.05 -31.82
CA THR J 178 -6.32 -44.43 -28.29
CA SER J 179 -7.86 -47.54 -26.74
CA GLY J 180 -9.32 -48.80 -23.47
CA ILE J 181 -12.37 -50.50 -21.99
CA VAL J 182 -15.86 -49.68 -20.79
CA SER J 183 -15.23 -48.62 -17.18
CA ALA J 184 -18.89 -48.12 -16.32
CA LEU J 185 -22.28 -47.28 -17.79
CA GLY J 186 -25.13 -44.88 -17.07
CA ARG J 187 -22.85 -42.47 -15.25
CA SER J 188 -24.40 -39.08 -14.55
CA GLY J 189 -24.19 -36.11 -12.19
CA LEU J 190 -21.67 -33.88 -13.95
CA ASN J 191 -24.52 -31.45 -14.56
CA ALA J 192 -27.85 -32.30 -12.92
CA GLU J 193 -29.76 -30.19 -15.47
CA ASN J 194 -28.34 -32.04 -18.48
CA TYR J 195 -29.58 -35.30 -19.97
CA GLU J 196 -26.61 -37.54 -19.26
CA ASN J 197 -26.37 -41.31 -19.55
CA PHE J 198 -22.60 -41.43 -20.07
CA ILE J 199 -20.40 -44.34 -20.98
CA GLN J 200 -17.18 -44.29 -18.98
CA THR J 201 -13.84 -45.36 -20.43
CA ASP J 202 -10.19 -45.38 -19.42
CA ALA J 203 -9.29 -44.69 -23.07
CA ALA J 204 -7.07 -41.61 -23.35
CA ILE J 205 -9.22 -38.53 -23.93
CA ASN J 206 -8.04 -34.91 -23.75
CA ARG J 207 -8.97 -31.42 -24.90
CA GLY J 208 -9.88 -31.77 -28.57
CA ASN J 209 -11.32 -35.27 -28.38
CA ALA J 210 -14.77 -33.74 -27.83
CA GLY J 211 -17.26 -34.74 -30.51
CA GLY J 212 -14.85 -37.54 -31.32
CA ALA J 213 -15.86 -41.13 -31.90
CA LEU J 214 -15.83 -44.00 -29.41
CA VAL J 215 -16.11 -47.31 -31.27
CA ASN J 216 -15.92 -51.02 -30.54
CA LEU J 217 -13.48 -53.51 -32.07
CA ASN J 218 -15.70 -53.74 -35.16
CA GLY J 219 -15.36 -50.03 -35.81
CA GLU J 220 -18.97 -49.30 -34.89
CA LEU J 221 -19.81 -46.09 -33.07
CA ILE J 222 -20.92 -46.77 -29.50
CA GLY J 223 -20.59 -43.23 -28.19
CA ILE J 224 -19.43 -39.64 -28.58
CA ASN J 225 -16.66 -38.61 -26.21
CA THR J 226 -17.83 -35.49 -24.39
CA ALA J 227 -16.06 -34.79 -21.09
CA ILE J 228 -13.35 -36.04 -18.75
CA LEU J 229 -12.70 -35.97 -15.01
CA ALA J 230 -9.33 -34.26 -14.61
CA PRO J 231 -8.07 -32.03 -11.76
CA ASP J 232 -5.20 -30.79 -13.95
CA GLY J 233 -6.87 -30.51 -17.35
CA GLY J 234 -5.13 -33.73 -18.33
CA ASN J 235 -6.64 -37.21 -18.74
CA ILE J 236 -6.34 -39.50 -15.72
CA GLY J 237 -8.22 -42.51 -17.06
CA ILE J 238 -11.76 -41.24 -16.64
CA GLY J 239 -13.56 -40.16 -19.82
CA PHE J 240 -17.25 -39.96 -20.64
CA ALA J 241 -19.08 -40.44 -23.93
CA ILE J 242 -22.72 -40.07 -24.95
CA PRO J 243 -24.30 -43.43 -25.90
CA SER J 244 -24.76 -43.93 -29.65
CA ASN J 245 -28.49 -44.60 -29.22
CA MET J 246 -28.94 -41.15 -27.72
CA VAL J 247 -27.08 -39.63 -30.66
CA LYS J 248 -29.17 -41.67 -33.11
CA ASN J 249 -32.34 -40.21 -31.59
CA LEU J 250 -31.18 -36.60 -31.21
CA THR J 251 -29.59 -36.20 -34.63
CA SER J 252 -32.46 -37.82 -36.55
CA GLN J 253 -34.73 -35.09 -35.18
CA MET J 254 -32.33 -32.24 -35.93
CA VAL J 255 -32.23 -33.55 -39.51
CA GLU J 256 -35.97 -33.09 -39.88
CA TYR J 257 -36.95 -30.29 -37.50
CA GLY J 258 -33.72 -28.41 -36.87
CA GLN J 259 -34.38 -28.91 -33.18
CA VAL J 260 -35.56 -31.61 -30.78
CA LYS J 261 -39.26 -32.01 -29.98
CA ARG J 262 -38.89 -32.71 -26.27
CA GLY J 263 -41.44 -35.15 -24.88
CA GLU J 264 -42.04 -36.10 -21.27
CA LEU J 265 -43.87 -38.54 -19.04
CA GLY J 266 -44.78 -35.63 -16.80
CA ILE J 267 -43.47 -36.95 -13.50
CA MET J 268 -41.44 -35.44 -10.68
CA GLY J 269 -38.92 -37.58 -8.81
CA THR J 270 -35.44 -38.21 -7.44
CA GLU J 271 -32.69 -40.80 -7.04
CA LEU J 272 -33.66 -43.88 -5.04
CA ASN J 273 -30.90 -44.43 -2.47
CA SER J 274 -30.66 -47.00 0.31
CA GLU J 275 -31.92 -44.50 2.90
CA LEU J 276 -35.06 -43.59 0.96
CA ALA J 277 -35.65 -47.30 0.29
CA LYS J 278 -35.78 -47.94 4.03
CA ALA J 279 -38.37 -45.21 4.60
CA MET J 280 -40.59 -46.35 1.73
CA LYS J 281 -40.19 -50.04 2.62
CA VAL J 282 -38.72 -50.72 -0.82
CA ASP J 283 -36.39 -53.54 -1.88
CA ALA J 284 -34.42 -51.88 -4.69
CA GLN J 285 -31.60 -49.61 -3.55
CA ARG J 286 -31.56 -47.87 -6.92
CA GLY J 287 -34.01 -46.49 -9.45
CA ALA J 288 -36.33 -43.58 -10.16
CA PHE J 289 -38.60 -42.57 -7.28
CA VAL J 290 -41.83 -40.91 -8.37
CA SER J 291 -42.39 -37.84 -6.20
CA GLN J 292 -45.59 -36.95 -8.05
CA VAL J 293 -47.37 -37.29 -11.40
CA LEU J 294 -48.66 -34.22 -13.25
CA PRO J 295 -52.39 -34.14 -14.10
CA ASN J 296 -53.22 -34.76 -17.78
CA SER J 297 -49.78 -36.28 -18.34
CA SER J 298 -49.11 -39.51 -20.24
CA ALA J 299 -47.91 -41.05 -16.98
CA ALA J 300 -51.14 -40.14 -15.20
CA LYS J 301 -53.23 -41.60 -18.02
CA ALA J 302 -51.04 -44.72 -17.86
CA GLY J 303 -51.83 -45.27 -14.20
CA ILE J 304 -48.58 -44.20 -12.58
CA LYS J 305 -49.07 -42.90 -9.05
CA ALA J 306 -46.64 -41.20 -6.67
CA GLY J 307 -44.47 -43.28 -4.35
CA ASP J 308 -43.77 -45.66 -7.21
CA VAL J 309 -40.25 -46.82 -8.09
CA ILE J 310 -39.37 -47.28 -11.75
CA THR J 311 -36.98 -50.20 -12.27
CA SER J 312 -36.89 -50.82 -16.01
CA LEU J 313 -37.45 -49.15 -19.38
CA ASN J 314 -38.49 -51.23 -22.38
CA GLY J 315 -37.08 -54.23 -20.52
CA LYS J 316 -33.71 -52.60 -19.86
CA PRO J 317 -33.02 -52.09 -16.14
CA ILE J 318 -32.66 -48.55 -14.82
CA SER J 319 -29.41 -47.38 -13.28
CA SER J 320 -30.81 -44.15 -11.86
CA PHE J 321 -33.42 -41.42 -12.20
CA ALA J 322 -30.84 -39.28 -14.01
CA ALA J 323 -30.35 -42.08 -16.54
CA LEU J 324 -34.08 -42.54 -17.15
CA ARG J 325 -34.38 -38.78 -17.63
CA ALA J 326 -31.67 -38.92 -20.28
CA GLN J 327 -33.18 -42.00 -21.92
CA VAL J 328 -36.63 -40.55 -22.60
CA GLY J 329 -35.20 -37.05 -23.04
CA THR J 330 -33.78 -38.21 -26.36
CA MET J 331 -36.83 -40.12 -27.60
CA PRO J 332 -39.20 -38.42 -30.09
CA VAL J 333 -42.69 -37.25 -29.11
CA GLY J 334 -45.31 -39.98 -29.39
CA SER J 335 -42.78 -42.75 -28.85
CA LYS J 336 -44.60 -45.72 -27.37
CA LEU J 337 -42.59 -47.29 -24.54
CA THR J 338 -43.12 -49.50 -21.51
CA LEU J 339 -42.00 -49.05 -17.91
CA GLY J 340 -41.38 -51.47 -15.06
CA LEU J 341 -42.76 -50.12 -11.79
CA LEU J 342 -42.52 -51.23 -8.17
CA ARG J 343 -45.35 -50.26 -5.83
CA ASP J 344 -45.89 -51.99 -2.50
CA GLY J 345 -43.30 -54.66 -3.32
CA LYS J 346 -45.38 -55.44 -6.38
CA GLN J 347 -44.07 -55.62 -9.96
CA VAL J 348 -46.12 -53.54 -12.42
CA ASN J 349 -45.92 -53.02 -16.17
CA VAL J 350 -47.30 -50.01 -18.04
CA ASN J 351 -47.63 -48.79 -21.63
CA LEU J 352 -46.82 -45.14 -22.22
CA GLU J 353 -46.65 -42.60 -25.04
CA VAL J 362 -36.83 -25.62 -20.21
CA ASP J 363 -34.96 -22.33 -19.81
CA SER J 364 -35.21 -19.36 -22.18
CA SER J 365 -31.43 -19.09 -22.50
CA SER J 366 -31.63 -22.35 -24.46
CA ILE J 367 -33.63 -20.68 -27.22
CA PHE J 368 -32.52 -17.03 -27.21
CA ASN J 369 -28.86 -17.77 -26.43
CA GLY J 370 -28.37 -15.23 -23.64
CA ILE J 371 -31.83 -14.59 -22.20
CA GLU J 372 -32.09 -16.19 -18.76
CA GLY J 373 -34.71 -16.08 -16.00
CA ALA J 374 -37.69 -17.58 -17.81
CA GLU J 375 -38.75 -21.20 -18.24
CA MET J 376 -41.10 -22.20 -21.06
CA SER J 377 -42.40 -25.23 -22.95
CA ASN J 378 -44.95 -26.30 -25.55
CA LYS J 379 -48.64 -25.86 -24.76
CA GLY J 380 -51.03 -28.75 -25.25
CA LYS J 381 -50.96 -29.71 -28.92
CA ASP J 382 -49.48 -27.03 -31.17
CA GLN J 383 -51.11 -24.22 -29.17
CA GLY J 384 -47.94 -22.14 -28.94
CA VAL J 385 -45.09 -21.79 -26.46
CA VAL J 386 -46.36 -21.09 -22.95
CA VAL J 387 -44.06 -19.56 -20.32
CA ASN J 388 -44.00 -21.69 -17.17
CA ASN J 389 -42.14 -19.49 -14.69
CA VAL J 390 -40.26 -16.18 -14.59
CA LYS J 391 -37.49 -15.01 -12.25
CA THR J 392 -37.21 -11.39 -11.10
CA GLY J 393 -34.23 -9.23 -12.09
CA THR J 394 -33.42 -11.25 -15.20
CA PRO J 395 -32.76 -10.41 -18.90
CA ALA J 396 -36.11 -11.98 -19.83
CA ALA J 397 -38.33 -9.93 -17.51
CA GLN J 398 -36.39 -6.85 -18.63
CA ILE J 399 -38.27 -6.93 -21.94
CA GLY J 400 -41.64 -7.54 -20.29
CA LEU J 401 -41.96 -11.33 -20.36
CA LYS J 402 -44.20 -12.69 -17.59
CA LYS J 403 -45.24 -16.23 -16.62
CA GLY J 404 -48.51 -17.37 -18.18
CA ASP J 405 -47.88 -15.80 -21.57
CA VAL J 406 -48.47 -17.92 -24.66
CA ILE J 407 -46.43 -17.18 -27.79
CA ILE J 408 -48.80 -17.35 -30.77
CA GLY J 409 -46.26 -16.18 -33.35
CA ALA J 410 -43.16 -14.14 -34.15
CA ASN J 411 -42.42 -11.72 -37.00
CA GLN J 412 -45.72 -12.51 -38.76
CA GLN J 413 -44.94 -16.23 -38.70
CA ALA J 414 -47.26 -18.58 -36.79
CA VAL J 415 -45.74 -20.42 -33.81
CA LYS J 416 -47.25 -23.73 -32.71
CA ASN J 417 -44.27 -25.21 -30.85
CA ILE J 418 -40.65 -24.57 -29.89
CA ALA J 419 -39.43 -25.95 -33.23
CA GLU J 420 -41.30 -23.30 -35.24
CA LEU J 421 -40.09 -20.56 -32.91
CA ARG J 422 -36.49 -21.74 -33.24
CA LYS J 423 -36.97 -21.65 -37.03
CA VAL J 424 -37.70 -17.94 -36.92
CA LEU J 425 -34.56 -17.38 -34.82
CA ASP J 426 -32.51 -19.36 -37.33
CA SER J 427 -33.34 -16.58 -39.78
CA LYS J 428 -31.60 -14.27 -37.30
CA PRO J 429 -33.65 -11.08 -37.74
CA SER J 430 -32.32 -7.77 -36.36
CA VAL J 431 -35.49 -7.23 -34.34
CA LEU J 432 -37.73 -9.94 -32.88
CA ALA J 433 -41.46 -9.31 -32.48
CA LEU J 434 -43.29 -11.86 -30.33
CA ASN J 435 -47.07 -12.09 -30.63
CA ILE J 436 -47.88 -13.42 -27.16
CA GLN J 437 -51.20 -13.31 -25.28
CA ARG J 438 -51.75 -12.43 -21.63
CA GLY J 439 -55.16 -13.54 -20.46
CA ASP J 440 -57.79 -12.27 -22.84
CA SER J 441 -55.50 -9.76 -24.55
CA THR J 442 -53.06 -9.96 -27.45
CA ILE J 443 -49.79 -8.05 -27.14
CA TYR J 444 -46.32 -7.83 -28.69
CA LEU J 445 -42.81 -7.98 -27.27
CA LEU J 446 -39.88 -6.46 -29.15
CA MET J 447 -36.23 -7.52 -28.95
CA GLN J 448 -33.08 -5.68 -30.09
CA GLN K 11 -4.35 -69.87 -19.06
CA MET K 12 -4.04 -66.08 -19.29
CA PRO K 13 -2.55 -63.90 -22.05
CA SER K 14 0.51 -61.91 -20.99
CA LEU K 15 3.43 -59.81 -22.16
CA ALA K 16 5.68 -61.42 -19.55
CA PRO K 17 7.01 -64.14 -21.92
CA MET K 18 8.10 -61.56 -24.50
CA LEU K 19 9.36 -59.11 -21.88
CA GLU K 20 11.73 -61.43 -20.03
CA LYS K 21 13.69 -61.78 -23.26
CA VAL K 22 13.65 -58.09 -24.19
CA MET K 23 14.04 -56.23 -20.87
CA PRO K 24 17.74 -57.08 -20.44
CA SER K 25 18.24 -55.14 -23.69
CA VAL K 26 16.97 -51.93 -22.09
CA VAL K 27 19.36 -50.06 -19.81
CA SER K 28 19.06 -46.92 -17.71
CA ILE K 29 21.56 -44.07 -18.05
CA ASN K 30 22.97 -41.86 -15.29
CA VAL K 31 24.75 -38.65 -16.23
CA GLU K 32 26.82 -35.94 -14.55
CA GLY K 33 27.78 -32.73 -16.35
CA SER K 34 28.31 -28.98 -16.34
CA THR K 35 27.32 -25.95 -18.40
CA GLN K 82 27.36 -25.16 -12.72
CA LYS K 83 27.13 -28.93 -12.22
CA PHE K 84 23.96 -30.85 -13.08
CA MET K 85 22.65 -34.41 -12.82
CA ALA K 86 20.28 -36.16 -15.22
CA LEU K 87 18.96 -39.65 -15.93
CA GLY K 88 17.21 -41.46 -18.77
CA SER K 89 17.17 -44.75 -20.65
CA GLY K 90 18.92 -46.47 -23.53
CA VAL K 91 18.80 -49.54 -25.72
CA ILE K 92 21.62 -51.99 -26.41
CA ILE K 93 22.08 -52.14 -30.19
CA ASP K 94 25.23 -54.26 -30.31
CA ALA K 95 25.72 -56.71 -27.44
CA ASP K 96 29.34 -57.20 -28.47
CA LYS K 97 30.63 -53.71 -29.04
CA GLY K 98 28.47 -52.48 -26.18
CA TYR K 99 26.76 -49.87 -28.36
CA VAL K 100 23.81 -48.14 -26.71
CA VAL K 101 21.46 -45.69 -28.39
CA THR K 102 19.69 -42.89 -26.54
CA ASN K 103 18.38 -39.33 -26.81
CA ASN K 104 20.96 -36.66 -27.48
CA HIS K 105 19.27 -34.46 -24.87
CA VAL K 106 19.94 -37.10 -22.21
CA VAL K 107 23.69 -37.31 -22.67
CA ASP K 108 24.32 -33.75 -23.89
CA ASN K 109 27.13 -31.87 -22.13
CA ALA K 110 28.04 -34.97 -20.14
CA THR K 111 31.30 -35.38 -18.23
CA VAL K 112 30.42 -38.75 -16.72
CA ILE K 113 28.19 -41.45 -18.21
CA LYS K 114 27.30 -44.63 -16.35
CA VAL K 115 24.97 -47.37 -17.56
CA GLN K 116 23.00 -49.68 -15.26
CA LEU K 117 21.64 -52.95 -16.65
CA SER K 118 18.41 -54.74 -15.75
CA ASP K 119 20.25 -57.17 -13.48
CA GLY K 120 21.77 -54.30 -11.52
CA ARG K 121 25.22 -54.34 -13.13
CA LYS K 122 26.90 -50.95 -13.61
CA PHE K 123 29.32 -49.93 -16.35
CA ASP K 124 31.01 -46.78 -17.60
CA ALA K 125 30.21 -45.47 -21.05
CA LYS K 126 31.94 -43.11 -23.48
CA MET K 127 30.22 -40.97 -26.13
CA VAL K 128 30.49 -42.26 -29.70
CA GLY K 129 28.28 -39.92 -31.72
CA LYS K 130 25.54 -37.34 -31.28
CA ASP K 131 23.02 -35.65 -33.58
CA PRO K 132 21.07 -32.77 -31.96
CA ARG K 133 18.99 -32.29 -35.12
CA SER K 134 17.40 -35.73 -34.70
CA ASP K 135 17.90 -36.01 -30.92
CA ILE K 136 19.68 -39.33 -31.39
CA ALA K 137 22.97 -40.13 -29.65
CA LEU K 138 25.13 -43.24 -29.47
CA ILE K 139 27.27 -44.30 -26.53
CA GLN K 140 29.49 -47.33 -25.96
CA ILE K 141 29.73 -49.43 -22.81
CA GLN K 142 33.30 -49.80 -21.59
CA ASN K 143 34.34 -53.41 -20.99
CA PRO K 144 31.15 -54.98 -22.40
CA LYS K 145 30.51 -58.32 -20.70
CA ASN K 146 27.59 -60.65 -21.37
CA LEU K 147 25.11 -58.14 -22.84
CA THR K 148 21.81 -58.59 -24.67
CA ALA K 149 21.02 -56.57 -27.80
CA ILE K 150 17.54 -55.93 -29.18
CA LYS K 151 16.28 -56.80 -32.66
CA MET K 152 14.95 -53.85 -34.65
CA ALA K 153 11.77 -54.03 -36.73
CA ASP K 154 10.95 -52.13 -39.91
CA SER K 155 9.11 -49.05 -38.67
CA ASP K 156 7.69 -48.62 -42.19
CA ALA K 157 5.38 -51.56 -41.45
CA LEU K 158 3.78 -49.78 -38.51
CA ARG K 159 0.10 -48.94 -38.76
CA VAL K 160 -2.05 -46.86 -36.42
CA GLY K 161 -3.68 -49.42 -34.14
CA ASP K 162 -0.67 -51.68 -33.70
CA TYR K 163 -0.01 -52.55 -30.03
CA THR K 164 3.03 -51.01 -28.33
CA VAL K 165 5.08 -51.57 -25.18
CA ALA K 166 7.26 -48.89 -23.60
CA ILE K 167 10.33 -49.64 -21.51
CA GLY K 168 12.35 -47.06 -19.58
CA ASN K 169 13.33 -45.57 -16.23
CA PRO K 170 10.62 -43.08 -15.12
CA PHE K 171 11.75 -40.87 -12.25
CA GLY K 172 14.64 -43.29 -11.79
CA LEU K 173 12.26 -45.81 -10.26
CA GLY K 174 13.96 -48.51 -12.30
CA GLU K 175 13.08 -50.51 -15.41
CA THR K 176 9.37 -49.84 -15.90
CA VAL K 177 7.17 -51.38 -18.59
CA THR K 178 3.96 -49.82 -19.88
CA SER K 179 1.76 -50.60 -22.90
CA GLY K 180 -0.50 -48.89 -25.40
CA ILE K 181 -1.13 -48.51 -29.13
CA VAL K 182 0.11 -46.51 -32.09
CA SER K 183 -1.97 -43.32 -31.86
CA ALA K 184 -0.59 -41.77 -35.02
CA LEU K 185 2.41 -41.70 -37.34
CA GLY K 186 4.62 -39.08 -38.97
CA ARG K 187 3.81 -36.51 -36.30
CA SER K 188 6.04 -33.45 -36.36
CA GLY K 189 6.12 -29.78 -35.40
CA LEU K 190 7.49 -29.91 -31.87
CA ASN K 191 10.62 -28.23 -33.20
CA ALA K 192 10.51 -27.09 -36.83
CA GLU K 193 14.32 -27.15 -37.06
CA ASN K 194 14.61 -30.79 -35.99
CA TYR K 195 14.24 -33.87 -38.16
CA GLU K 196 11.10 -35.39 -36.65
CA ASN K 197 8.95 -38.21 -38.00
CA PHE K 198 7.55 -39.27 -34.64
CA ILE K 199 5.44 -42.28 -33.75
CA GLN K 200 2.68 -41.34 -31.33
CA THR K 201 1.52 -43.64 -28.55
CA ASP K 202 -0.81 -43.53 -25.55
CA ALA K 203 1.64 -45.80 -23.70
CA ALA K 204 2.66 -44.25 -20.37
CA ILE K 205 5.83 -42.20 -20.82
CA ASN K 206 7.33 -39.81 -18.26
CA ARG K 207 10.57 -38.09 -17.34
CA GLY K 208 13.23 -40.78 -17.52
CA ASN K 209 11.69 -42.81 -20.34
CA ALA K 210 13.77 -40.83 -22.82
CA GLY K 211 16.09 -43.01 -24.88
CA GLY K 212 13.90 -45.89 -23.78
CA ALA K 213 12.61 -48.59 -26.10
CA LEU K 214 9.24 -48.78 -27.82
CA VAL K 215 8.65 -52.32 -29.09
CA ASN K 216 5.87 -54.37 -30.67
CA LEU K 217 4.33 -57.55 -29.27
CA ASN K 218 7.26 -59.54 -30.68
CA GLY K 219 9.74 -57.53 -28.64
CA GLU K 220 11.18 -55.81 -31.70
CA LEU K 221 12.24 -52.16 -31.44
CA ILE K 222 9.95 -49.91 -33.46
CA GLY K 223 11.01 -46.60 -31.93
CA ILE K 224 12.87 -44.64 -29.29
CA ASN K 225 10.66 -42.68 -26.91
CA THR K 226 11.81 -39.06 -26.99
CA ALA K 227 9.21 -36.53 -25.82
CA ILE K 228 5.69 -36.15 -24.48
CA LEU K 229 2.92 -33.55 -24.66
CA ALA K 230 2.16 -32.64 -21.05
CA PRO K 231 1.00 -29.30 -19.57
CA ASP K 232 1.91 -30.48 -16.07
CA GLY K 233 5.11 -32.44 -16.70
CA GLY K 234 3.09 -35.61 -16.35
CA ASN K 235 1.98 -38.04 -19.08
CA ILE K 236 -1.53 -37.50 -20.43
CA GLY K 237 -1.57 -40.20 -23.09
CA ILE K 238 0.50 -38.46 -25.75
CA GLY K 239 4.07 -39.69 -26.19
CA PHE K 240 6.39 -39.54 -29.18
CA ALA K 241 9.13 -41.92 -30.30
CA ILE K 242 11.66 -41.80 -33.11
CA PRO K 243 11.03 -44.51 -35.75
CA SER K 244 13.44 -47.45 -35.59
CA ASN K 245 14.44 -47.00 -39.23
CA MET K 246 15.69 -43.50 -38.47
CA VAL K 247 17.70 -44.85 -35.56
CA LYS K 248 19.07 -47.66 -37.75
CA ASN K 249 20.36 -45.06 -40.23
CA LEU K 250 21.71 -42.51 -37.76
CA THR K 251 23.53 -44.93 -35.46
CA SER K 252 25.15 -46.93 -38.27
CA GLN K 253 26.85 -43.72 -39.39
CA MET K 254 27.96 -42.72 -35.90
CA VAL K 255 29.54 -46.16 -35.61
CA GLU K 256 31.74 -45.50 -38.64
CA TYR K 257 32.25 -41.75 -38.79
CA GLY K 258 31.49 -40.54 -35.27
CA GLN K 259 29.02 -38.15 -36.85
CA VAL K 260 26.34 -38.08 -39.55
CA LYS K 261 27.24 -37.19 -43.13
CA ARG K 262 24.17 -35.09 -43.90
CA GLY K 263 22.94 -35.36 -47.48
CA GLU K 264 20.23 -33.34 -49.16
CA LEU K 265 18.11 -33.11 -52.30
CA GLY K 266 18.75 -29.38 -52.32
CA ILE K 267 15.16 -28.14 -52.43
CA MET K 268 13.26 -25.43 -50.59
CA GLY K 269 9.61 -25.97 -49.68
CA THR K 270 6.76 -25.99 -47.19
CA GLU K 271 3.72 -27.92 -45.97
CA LEU K 272 0.99 -28.44 -48.57
CA ASN K 273 -2.29 -27.43 -46.91
CA SER K 274 -5.79 -27.25 -48.39
CA GLU K 275 -5.48 -23.50 -48.98
CA LEU K 276 -2.23 -23.74 -50.94
CA ALA K 277 -3.70 -26.66 -52.90
CA LYS K 278 -6.53 -24.40 -54.08
CA ALA K 279 -4.14 -21.72 -55.30
CA MET K 280 -1.89 -24.19 -57.14
CA LYS K 281 -4.84 -26.14 -58.56
CA VAL K 282 -3.60 -29.29 -56.83
CA ASP K 283 -5.61 -32.34 -55.77
CA ALA K 284 -3.64 -33.54 -52.75
CA GLN K 285 -4.32 -31.62 -49.53
CA ARG K 286 -1.05 -32.85 -48.03
CA GLY K 287 2.56 -33.32 -49.06
CA ALA K 288 5.79 -31.45 -49.70
CA PHE K 289 5.49 -28.34 -51.87
CA VAL K 290 8.65 -27.46 -53.77
CA SER K 291 9.27 -23.73 -53.40
CA GLN K 292 12.46 -23.92 -55.44
CA VAL K 293 15.31 -26.24 -56.44
CA LEU K 294 18.94 -25.26 -55.87
CA PRO K 295 21.24 -25.20 -58.92
CA ASN K 296 23.71 -28.11 -59.15
CA SER K 297 21.63 -30.11 -56.66
CA SER K 298 20.70 -33.77 -57.07
CA ALA K 299 17.06 -32.70 -57.36
CA ALA K 300 17.86 -30.28 -60.17
CA LYS K 301 19.82 -32.95 -62.04
CA ALA K 302 16.90 -35.32 -61.50
CA GLY K 303 14.46 -32.96 -63.19
CA ILE K 304 12.56 -31.60 -60.22
CA LYS K 305 11.18 -28.13 -60.84
CA ALA K 306 9.50 -25.66 -58.48
CA GLY K 307 5.74 -25.78 -57.95
CA ASP K 308 5.94 -29.56 -57.75
CA VAL K 309 4.26 -31.56 -54.98
CA ILE K 310 6.03 -34.62 -53.62
CA THR K 311 3.59 -37.36 -52.67
CA SER K 312 5.69 -40.47 -52.06
CA LEU K 313 9.18 -41.64 -51.12
CA ASN K 314 10.43 -45.03 -52.31
CA GLY K 315 6.77 -45.98 -52.75
CA LYS K 316 5.79 -44.94 -49.22
CA PRO K 317 3.29 -42.06 -49.18
CA ILE K 318 4.34 -38.76 -47.63
CA SER K 319 2.53 -37.39 -44.59
CA SER K 320 4.13 -33.96 -44.74
CA PHE K 321 7.13 -31.89 -45.79
CA ALA K 322 8.45 -32.15 -42.24
CA ALA K 323 8.27 -35.94 -42.46
CA LEU K 324 10.08 -36.08 -45.80
CA ARG K 325 12.78 -33.81 -44.35
CA ALA K 326 13.25 -36.23 -41.48
CA GLN K 327 13.20 -39.26 -43.79
CA VAL K 328 16.06 -38.19 -46.05
CA GLY K 329 17.78 -36.35 -43.20
CA THR K 330 18.68 -39.75 -41.76
CA MET K 331 19.74 -41.42 -45.00
CA PRO K 332 23.49 -41.65 -45.82
CA VAL K 333 25.09 -39.59 -48.59
CA GLY K 334 24.83 -41.23 -51.99
CA SER K 335 21.70 -43.14 -51.07
CA LYS K 336 19.78 -43.83 -54.26
CA LEU K 337 16.05 -43.20 -53.76
CA THR K 338 12.95 -42.47 -55.82
CA LEU K 339 10.31 -39.79 -55.39
CA GLY K 340 6.69 -39.51 -56.49
CA LEU K 341 5.91 -36.03 -57.81
CA LEU K 342 2.73 -34.26 -58.84
CA ARG K 343 3.00 -31.46 -61.40
CA ASP K 344 -0.02 -30.19 -63.32
CA GLY K 345 -2.21 -33.02 -62.02
CA LYS K 346 0.32 -35.39 -63.54
CA GLN K 347 2.02 -38.28 -61.72
CA VAL K 348 5.81 -38.27 -62.09
CA ASN K 349 8.56 -40.62 -60.90
CA VAL K 350 12.21 -39.66 -60.43
CA ASN K 351 15.47 -41.34 -59.45
CA LEU K 352 17.67 -39.39 -57.04
CA GLU K 353 20.97 -39.70 -55.22
CA VAL K 362 35.95 -13.26 -45.17
CA ASP K 363 35.16 -11.49 -41.90
CA SER K 364 37.71 -10.50 -39.27
CA SER K 365 35.70 -12.13 -36.48
CA SER K 366 36.69 -15.45 -38.07
CA ILE K 367 40.36 -14.85 -37.30
CA PHE K 368 40.39 -12.69 -34.17
CA ASN K 369 37.42 -14.40 -32.51
CA GLY K 370 35.50 -11.28 -31.49
CA ILE K 371 36.63 -8.54 -33.87
CA GLU K 372 33.82 -7.74 -36.32
CA GLY K 373 33.33 -5.05 -38.96
CA ALA K 374 36.25 -5.79 -41.27
CA GLU K 375 36.49 -8.18 -44.22
CA MET K 376 39.88 -9.38 -45.43
CA SER K 377 41.52 -12.01 -47.63
CA ASN K 378 44.86 -13.07 -49.10
CA LYS K 379 46.59 -10.71 -51.53
CA GLY K 380 47.85 -12.03 -54.85
CA LYS K 381 50.42 -14.72 -54.14
CA ASP K 382 51.80 -14.63 -50.59
CA GLN K 383 51.81 -10.82 -50.51
CA GLY K 384 50.11 -10.57 -47.13
CA VAL K 385 46.54 -10.25 -45.90
CA VAL K 386 44.76 -7.29 -47.52
CA VAL K 387 41.65 -5.78 -45.91
CA ASN K 388 38.77 -5.67 -48.39
CA ASN K 389 36.17 -3.56 -46.59
CA VAL K 390 35.61 -1.95 -43.19
CA LYS K 391 32.36 -1.05 -41.40
CA THR K 392 32.03 2.06 -39.23
CA GLY K 393 31.41 1.79 -35.49
CA THR K 394 32.89 -1.69 -35.18
CA PRO K 395 35.50 -3.35 -32.88
CA ALA K 396 37.94 -3.52 -35.81
CA ALA K 397 37.92 0.18 -36.74
CA GLN K 398 38.22 0.96 -33.02
CA ILE K 399 41.88 -0.05 -33.15
CA GLY K 400 42.55 1.86 -36.36
CA LEU K 401 42.05 -0.78 -39.06
CA LYS K 402 41.01 0.70 -42.42
CA LYS K 403 40.20 -0.88 -45.80
CA GLY K 404 43.16 -1.11 -48.16
CA ASP K 405 45.68 -2.06 -45.50
CA VAL K 406 48.00 -5.00 -46.19
CA ILE K 407 49.30 -7.03 -43.26
CA ILE K 408 53.00 -7.73 -43.88
CA GLY K 409 53.65 -9.36 -40.52
CA ALA K 410 52.79 -9.66 -36.84
CA ASN K 411 55.01 -9.76 -33.73
CA GLN K 412 58.21 -9.84 -35.82
CA GLN K 413 56.93 -12.85 -37.79
CA ALA K 414 56.42 -12.51 -41.55
CA VAL K 415 52.85 -12.90 -42.81
CA LYS K 416 52.27 -14.04 -46.38
CA ASN K 417 48.73 -15.41 -46.06
CA ILE K 418 45.91 -16.02 -43.58
CA ALA K 419 47.45 -19.33 -42.51
CA GLU K 420 50.67 -17.68 -41.28
CA LEU K 421 48.68 -14.98 -39.50
CA ARG K 422 46.51 -17.58 -37.77
CA LYS K 423 49.73 -19.35 -36.69
CA VAL K 424 50.81 -16.29 -34.75
CA LEU K 425 47.41 -16.12 -33.06
CA ASP K 426 47.70 -19.80 -32.12
CA SER K 427 50.64 -18.74 -29.96
CA LYS K 428 48.12 -16.50 -28.17
CA PRO K 429 50.35 -13.52 -27.25
CA SER K 430 49.15 -10.99 -24.67
CA VAL K 431 49.63 -8.13 -27.12
CA LEU K 432 49.35 -8.33 -30.92
CA ALA K 433 51.43 -6.01 -33.10
CA LEU K 434 50.40 -5.92 -36.76
CA ASN K 435 52.89 -4.59 -39.30
CA ILE K 436 50.46 -3.33 -41.95
CA GLN K 437 51.05 -0.81 -44.73
CA ARG K 438 48.77 2.02 -45.81
CA GLY K 439 49.73 3.33 -49.21
CA ASP K 440 53.42 4.13 -49.27
CA SER K 441 53.83 4.03 -45.49
CA THR K 442 54.53 1.25 -42.99
CA ILE K 443 52.68 1.37 -39.67
CA TYR K 444 51.79 -0.80 -36.67
CA LEU K 445 48.53 -1.69 -34.96
CA LEU K 446 48.49 -2.86 -31.36
CA MET K 447 45.89 -5.13 -29.70
CA GLN K 448 45.21 -5.79 -26.01
CA GLN L 11 -17.51 -62.89 -30.96
CA MET L 12 -15.39 -60.33 -29.10
CA PRO L 13 -12.97 -60.81 -26.17
CA SER L 14 -14.02 -59.02 -22.98
CA LEU L 15 -13.41 -58.66 -19.25
CA ALA L 16 -17.16 -58.37 -18.64
CA PRO L 17 -17.66 -62.10 -17.95
CA MET L 18 -14.98 -62.12 -15.25
CA LEU L 19 -15.99 -58.72 -13.87
CA GLU L 20 -19.67 -59.45 -13.24
CA LYS L 21 -18.56 -62.14 -10.79
CA VAL L 22 -15.85 -60.08 -9.08
CA MET L 23 -17.27 -56.54 -8.89
CA PRO L 24 -19.77 -57.34 -6.10
CA SER L 25 -16.70 -58.19 -4.02
CA VAL L 26 -15.41 -54.62 -4.26
CA VAL L 27 -17.07 -52.02 -2.03
CA SER L 28 -16.60 -48.28 -1.58
CA ILE L 29 -15.95 -46.76 1.84
CA ASN L 30 -17.29 -43.46 3.21
CA VAL L 31 -15.68 -42.01 6.33
CA GLU L 32 -16.29 -39.16 8.78
CA GLY L 33 -13.72 -38.18 11.40
CA SER L 34 -11.89 -35.51 13.37
CA THR L 35 -8.32 -34.59 14.29
CA GLN L 82 -11.80 -30.17 13.12
CA LYS L 83 -14.13 -32.54 11.25
CA PHE L 84 -13.13 -34.11 7.94
CA MET L 85 -14.68 -36.35 5.28
CA ALA L 86 -12.89 -38.95 3.16
CA LEU L 87 -13.73 -41.79 0.78
CA GLY L 88 -11.98 -44.80 -0.72
CA SER L 89 -12.50 -48.45 -1.58
CA GLY L 90 -12.30 -51.87 0.04
CA VAL L 91 -12.46 -55.58 -0.71
CA ILE L 92 -14.66 -58.17 0.94
CA ILE L 93 -12.37 -60.89 2.30
CA ASP L 94 -14.94 -62.90 4.24
CA ALA L 95 -18.49 -62.81 2.90
CA ASP L 96 -19.77 -64.33 6.15
CA LYS L 97 -18.03 -62.34 8.85
CA GLY L 98 -18.30 -59.23 6.68
CA TYR L 99 -14.55 -58.60 6.82
CA VAL L 100 -13.33 -55.86 4.50
CA VAL L 101 -9.72 -54.92 3.88
CA THR L 102 -8.61 -51.41 2.97
CA ASN L 103 -5.82 -48.85 3.33
CA ASN L 104 -5.08 -47.68 6.85
CA HIS L 105 -4.85 -44.10 5.55
CA VAL L 106 -8.46 -44.30 4.36
CA VAL L 107 -10.02 -45.26 7.68
CA ASP L 108 -7.49 -43.57 9.99
CA ASN L 109 -8.96 -41.38 12.73
CA ALA L 110 -12.49 -42.39 11.74
CA THR L 111 -15.55 -41.82 13.92
CA VAL L 112 -18.06 -43.13 11.38
CA ILE L 113 -17.49 -45.81 8.74
CA LYS L 114 -20.12 -46.75 6.18
CA VAL L 115 -19.72 -49.26 3.36
CA GLN L 116 -21.67 -49.14 0.09
CA LEU L 117 -21.90 -52.27 -2.05
CA SER L 118 -22.00 -52.55 -5.84
CA ASP L 119 -25.78 -53.02 -5.83
CA GLY L 120 -26.22 -49.79 -3.87
CA ARG L 121 -26.77 -51.36 -0.43
CA LYS L 122 -25.34 -49.44 2.54
CA PHE L 123 -24.02 -50.85 5.81
CA ASP L 124 -22.21 -49.62 8.89
CA ALA L 125 -18.72 -50.91 9.65
CA LYS L 126 -16.56 -51.04 12.76
CA MET L 127 -12.75 -51.08 12.84
CA VAL L 128 -11.14 -54.45 13.52
CA GLY L 129 -7.42 -53.85 13.08
CA LYS L 130 -4.99 -51.34 11.59
CA ASP L 131 -1.30 -51.34 10.70
CA PRO L 132 0.11 -47.90 9.72
CA ARG L 133 3.52 -49.43 8.94
CA SER L 134 2.05 -51.44 6.06
CA ASP L 135 -0.93 -49.15 5.36
CA ILE L 136 -3.29 -52.10 5.69
CA ALA L 137 -6.46 -51.93 7.78
CA LEU L 138 -9.33 -54.33 8.38
CA ILE L 139 -12.95 -53.39 9.03
CA GLN L 140 -16.07 -55.48 9.58
CA ILE L 141 -19.50 -54.91 8.10
CA GLN L 142 -22.21 -54.81 10.75
CA ASN L 143 -25.13 -57.16 10.04
CA PRO L 144 -23.55 -58.84 6.99
CA LYS L 145 -26.27 -60.04 4.63
CA ASN L 146 -25.73 -61.80 1.32
CA LEU L 147 -22.17 -60.67 0.56
CA THR L 148 -19.61 -61.81 -2.01
CA ALA L 149 -15.98 -62.35 -1.06
CA ILE L 150 -13.04 -62.38 -3.47
CA LYS L 151 -10.56 -65.21 -3.97
CA MET L 152 -6.92 -64.25 -3.41
CA ALA L 153 -4.11 -65.38 -5.72
CA ASP L 154 -0.48 -66.05 -4.80
CA SER L 155 1.24 -62.74 -5.50
CA ASP L 156 4.56 -64.63 -5.64
CA ALA L 157 3.50 -65.96 -9.03
CA LEU L 158 3.21 -62.48 -10.51
CA ARG L 159 5.60 -61.57 -13.31
CA VAL L 160 6.14 -58.21 -14.98
CA GLY L 161 3.93 -58.32 -18.06
CA ASP L 162 0.94 -60.05 -16.47
CA TYR L 163 -2.36 -58.29 -17.21
CA THR L 164 -4.09 -56.40 -14.39
CA VAL L 165 -7.52 -54.93 -13.68
CA ALA L 166 -8.13 -52.20 -11.11
CA ILE L 167 -11.43 -51.71 -9.30
CA GLY L 168 -12.26 -48.80 -7.02
CA ASN L 169 -14.19 -45.58 -6.45
CA PRO L 170 -12.29 -42.67 -8.11
CA PHE L 171 -13.56 -39.28 -7.00
CA GLY L 172 -16.58 -41.08 -5.57
CA LEU L 173 -17.92 -41.58 -9.09
CA GLY L 174 -18.81 -45.14 -8.14
CA GLU L 175 -17.39 -48.57 -8.89
CA THR L 176 -14.94 -47.95 -11.72
CA VAL L 177 -12.92 -50.61 -13.55
CA THR L 178 -9.66 -49.94 -15.39
CA SER L 179 -7.00 -52.26 -16.80
CA GLY L 180 -3.26 -52.43 -17.42
CA ILE L 181 -0.20 -54.60 -16.80
CA VAL L 182 2.36 -55.31 -14.12
CA SER L 183 4.94 -52.57 -14.72
CA ALA L 184 7.35 -53.76 -12.04
CA LEU L 185 7.56 -55.65 -8.75
CA GLY L 186 9.10 -55.13 -5.33
CA ARG L 187 9.09 -51.37 -5.71
CA SER L 188 9.79 -49.46 -2.51
CA GLY L 189 11.14 -46.16 -1.22
CA LEU L 190 8.00 -44.04 -1.03
CA ASN L 191 8.38 -44.11 2.75
CA ALA L 192 11.56 -45.74 4.09
CA GLU L 193 9.90 -46.43 7.46
CA ASN L 194 7.00 -48.38 5.95
CA TYR L 195 6.94 -52.03 4.97
CA GLU L 196 6.53 -51.71 1.21
CA ASN L 197 6.89 -54.40 -1.44
CA PHE L 198 4.66 -52.71 -4.01
CA ILE L 199 3.36 -54.03 -7.31
CA GLN L 200 3.52 -51.36 -9.99
CA THR L 201 0.87 -51.00 -12.68
CA ASP L 202 -0.04 -48.61 -15.49
CA ALA L 203 -3.72 -49.30 -14.75
CA ALA L 204 -5.61 -46.07 -14.14
CA ILE L 205 -5.65 -45.28 -10.42
CA ASN L 206 -6.77 -42.01 -8.83
CA ARG L 207 -7.97 -40.55 -5.54
CA GLY L 208 -10.59 -42.96 -4.26
CA ASN L 209 -9.06 -46.14 -5.66
CA ALA L 210 -7.23 -46.65 -2.38
CA GLY L 211 -8.12 -49.91 -0.68
CA GLY L 212 -9.44 -50.98 -4.05
CA ALA L 213 -8.77 -54.35 -5.64
CA LEU L 214 -6.11 -55.23 -8.21
CA VAL L 215 -6.93 -58.58 -9.80
CA ASN L 216 -5.69 -60.78 -12.63
CA LEU L 217 -7.70 -61.95 -15.64
CA ASN L 218 -9.22 -64.71 -13.51
CA GLY L 219 -10.65 -62.20 -11.07
CA GLU L 220 -8.26 -63.19 -8.31
CA LEU L 221 -6.92 -60.50 -5.97
CA ILE L 222 -3.20 -59.95 -6.52
CA GLY L 223 -2.90 -56.65 -4.68
CA ILE L 224 -4.50 -53.66 -2.96
CA ASN L 225 -4.00 -50.36 -4.75
CA THR L 226 -2.47 -47.93 -2.26
CA ALA L 227 -0.65 -44.98 -3.82
CA ILE L 228 0.30 -43.34 -7.12
CA LEU L 229 3.16 -41.23 -8.43
CA ALA L 230 1.54 -38.03 -9.70
CA PRO L 231 2.95 -34.46 -9.76
CA ASP L 232 -0.55 -33.07 -10.39
CA GLY L 233 -2.70 -35.31 -8.21
CA GLY L 234 -3.76 -37.13 -11.36
CA ASN L 235 -2.72 -40.59 -12.57
CA ILE L 236 0.15 -40.67 -15.06
CA GLY L 237 0.49 -44.43 -15.46
CA ILE L 238 2.31 -45.22 -12.25
CA GLY L 239 0.26 -46.87 -9.50
CA PHE L 240 1.30 -49.08 -6.60
CA ALA L 241 -0.54 -51.90 -4.86
CA ILE L 242 0.27 -54.05 -1.84
CA PRO L 243 0.87 -57.71 -2.78
CA SER L 244 -2.01 -60.05 -1.90
CA ASN L 245 0.28 -62.31 0.13
CA MET L 246 1.13 -59.41 2.43
CA VAL L 247 -2.57 -58.68 2.87
CA LYS L 248 -3.28 -62.38 3.52
CA ASN L 249 -0.73 -62.33 6.36
CA LEU L 250 -1.64 -58.97 7.90
CA THR L 251 -5.41 -59.40 7.91
CA SER L 252 -5.36 -62.96 9.26
CA GLN L 253 -3.60 -61.62 12.35
CA MET L 254 -5.95 -58.65 12.79
CA VAL L 255 -8.81 -61.16 12.70
CA GLU L 256 -7.41 -63.01 15.71
CA TYR L 257 -5.45 -60.45 17.71
CA GLY L 258 -6.82 -57.10 16.59
CA GLN L 259 -3.24 -56.12 15.81
CA VAL L 260 -0.11 -57.56 14.23
CA LYS L 261 2.42 -59.45 16.33
CA ARG L 262 5.56 -58.06 14.70
CA GLY L 263 8.44 -60.50 14.49
CA GLU L 264 11.99 -59.84 13.38
CA LEU L 265 15.25 -61.52 12.46
CA GLY L 266 17.04 -58.91 14.53
CA ILE L 267 19.49 -57.64 11.93
CA MET L 268 20.64 -54.18 10.86
CA GLY L 269 21.42 -53.50 7.22
CA THR L 270 21.03 -51.46 4.04
CA GLU L 271 20.55 -51.66 0.27
CA LEU L 272 23.32 -53.44 -1.62
CA ASN L 273 24.27 -51.18 -4.53
CA SER L 274 27.02 -51.59 -7.12
CA GLU L 275 29.37 -49.31 -5.17
CA LEU L 276 29.07 -51.22 -1.91
CA ALA L 277 29.48 -54.48 -3.84
CA LYS L 278 32.87 -53.29 -5.09
CA ALA L 279 34.07 -52.47 -1.58
CA MET L 280 32.91 -55.78 -0.12
CA LYS L 281 34.18 -57.78 -3.11
CA VAL L 282 30.66 -59.06 -3.76
CA ASP L 283 29.18 -60.30 -7.03
CA ALA L 284 25.51 -59.38 -6.60
CA GLN L 285 24.69 -55.73 -7.30
CA ARG L 286 21.44 -56.01 -5.33
CA GLY L 287 20.20 -57.52 -2.08
CA ALA L 288 20.16 -57.00 1.67
CA PHE L 289 23.52 -56.17 3.23
CA VAL L 290 23.84 -57.21 6.87
CA SER L 291 25.37 -54.34 8.81
CA GLN L 292 25.17 -56.26 12.08
CA VAL L 293 23.23 -58.98 13.90
CA LEU L 294 21.70 -58.35 17.32
CA PRO L 295 22.74 -60.66 20.18
CA ASN L 296 20.13 -63.24 21.22
CA SER L 297 18.27 -62.74 17.93
CA SER L 298 16.94 -65.55 15.75
CA ALA L 299 19.45 -64.51 13.08
CA ALA L 300 22.35 -64.76 15.51
CA LYS L 301 21.23 -68.22 16.65
CA ALA L 302 20.90 -69.20 12.98
CA GLY L 303 24.52 -68.32 12.27
CA ILE L 304 24.14 -65.08 10.35
CA LYS L 305 27.14 -62.80 10.71
CA ALA L 306 27.68 -59.20 9.60
CA GLY L 307 29.00 -58.45 6.12
CA ASP L 308 26.66 -61.09 4.72
CA VAL L 309 24.44 -60.45 1.71
CA ILE L 310 20.98 -61.98 1.65
CA THR L 311 19.94 -63.01 -1.85
CA SER L 312 16.81 -65.12 -1.43
CA LEU L 313 13.88 -65.79 0.90
CA ASN L 314 12.22 -69.21 0.94
CA GLY L 315 13.70 -69.73 -2.52
CA LYS L 316 12.32 -66.48 -3.91
CA PRO L 317 15.07 -64.03 -4.95
CA ILE L 318 15.35 -60.72 -3.12
CA SER L 319 14.89 -57.44 -4.96
CA SER L 320 16.15 -55.25 -2.14
CA PHE L 321 16.61 -54.85 1.60
CA ALA L 322 13.42 -52.79 1.70
CA ALA L 323 11.53 -55.68 0.07
CA LEU L 324 12.90 -58.27 2.51
CA ARG L 325 11.92 -55.99 5.38
CA ALA L 326 8.36 -55.86 4.03
CA GLN L 327 8.29 -59.61 3.39
CA VAL L 328 9.10 -60.72 6.94
CA GLY L 329 7.37 -57.68 8.43
CA THR L 330 4.06 -59.28 7.45
CA MET L 331 4.85 -62.83 8.58
CA PRO L 332 3.54 -64.02 11.97
CA VAL L 333 5.84 -64.60 14.95
CA GLY L 334 7.38 -68.07 14.99
CA SER L 335 7.14 -68.43 11.23
CA LYS L 336 9.86 -70.84 10.13
CA LEU L 337 11.60 -69.58 6.99
CA THR L 338 14.87 -70.04 5.13
CA LEU L 339 17.31 -67.47 3.78
CA GLY L 340 19.92 -67.55 1.01
CA LEU L 341 23.13 -65.83 2.10
CA LEU L 342 26.30 -64.82 0.30
CA ARG L 343 29.49 -64.57 2.36
CA ASP L 344 32.93 -64.55 0.75
CA GLY L 345 31.48 -65.45 -2.65
CA LYS L 346 30.03 -68.52 -0.99
CA GLN L 347 26.37 -69.60 -1.15
CA VAL L 348 24.86 -70.34 2.26
CA ASN L 349 21.46 -71.57 3.39
CA VAL L 350 19.96 -71.03 6.85
CA ASN L 351 16.81 -72.00 8.76
CA LEU L 352 15.22 -69.24 10.82
CA GLU L 353 12.25 -68.64 13.09
CA VAL L 362 9.44 -51.76 33.42
CA ASP L 363 7.95 -48.32 32.77
CA SER L 364 5.40 -46.59 35.00
CA SER L 365 3.10 -45.85 32.06
CA SER L 366 2.45 -49.60 31.98
CA ILE L 367 0.80 -49.47 35.41
CA PHE L 368 -0.69 -45.98 35.69
CA ASN L 369 -1.78 -45.75 32.04
CA GLY L 370 -0.41 -42.28 31.29
CA ILE L 371 2.42 -41.70 33.78
CA GLU L 372 5.76 -41.87 31.97
CA GLY L 373 9.34 -41.13 33.01
CA ALA L 374 9.80 -43.68 35.80
CA GLU L 375 10.92 -47.30 35.64
CA MET L 376 10.10 -49.67 38.50
CA SER L 377 10.01 -53.37 39.39
CA ASN L 378 9.49 -55.76 42.29
CA LYS L 379 11.95 -55.66 45.19
CA GLY L 380 13.53 -58.88 46.44
CA LYS L 381 10.75 -61.16 47.64
CA ASP L 382 7.45 -59.35 48.28
CA GLN L 383 9.22 -56.29 49.71
CA GLY L 384 7.23 -53.79 47.65
CA VAL L 385 7.69 -52.06 44.30
CA VAL L 386 11.02 -50.26 44.09
CA VAL L 387 11.58 -47.48 41.55
CA ASN L 388 14.65 -48.19 39.42
CA ASN L 389 15.15 -44.92 37.53
CA VAL L 390 13.40 -41.58 37.02
CA LYS L 391 13.56 -39.16 34.09
CA THR L 392 13.43 -35.38 34.57
CA GLY L 393 10.53 -33.32 33.22
CA THR L 394 8.08 -36.22 33.21
CA PRO L 395 4.51 -36.79 34.53
CA ALA L 396 5.90 -39.13 37.21
CA ALA L 397 8.43 -36.73 38.76
CA GLN L 398 5.72 -34.04 38.65
CA ILE L 399 4.03 -35.71 41.63
CA GLY L 400 7.27 -36.17 43.53
CA LEU L 401 8.35 -39.70 42.56
CA LYS L 402 12.12 -40.22 42.79
CA LYS L 403 14.36 -43.21 42.06
CA GLY L 404 15.08 -45.39 45.08
CA ASP L 405 11.58 -45.17 46.54
CA VAL L 406 9.91 -48.40 47.66
CA ILE L 407 6.12 -48.61 47.55
CA ILE L 408 4.97 -50.32 50.76
CA GLY L 409 1.25 -49.83 50.14
CA ALA L 410 -1.54 -47.78 48.57
CA ASN L 411 -4.86 -46.58 49.99
CA GLN L 412 -4.37 -48.51 53.25
CA GLN L 413 -3.78 -51.75 51.32
CA ALA L 414 -0.43 -53.51 51.65
CA VAL L 415 1.68 -53.77 48.49
CA LYS L 416 4.21 -56.59 48.17
CA ASN L 417 4.56 -56.73 44.37
CA ILE L 418 3.28 -55.18 41.14
CA ALA L 419 0.28 -57.53 41.10
CA GLU L 420 -1.07 -56.21 44.42
CA LEU L 421 -0.48 -52.63 43.31
CA ARG L 422 -2.34 -53.23 40.05
CA LYS L 423 -5.20 -54.71 42.11
CA VAL L 424 -5.67 -51.41 43.91
CA LEU L 425 -5.74 -49.58 40.58
CA ASP L 426 -8.35 -52.02 39.27
CA SER L 427 -10.62 -50.58 41.96
CA LYS L 428 -10.09 -47.25 40.19
CA PRO L 429 -10.20 -44.85 43.17
CA SER L 430 -10.62 -41.11 42.57
CA VAL L 431 -7.44 -40.34 44.54
CA LEU L 432 -4.40 -42.60 44.88
CA ALA L 433 -2.30 -42.47 48.05
CA LEU L 434 1.05 -44.26 47.80
CA ASN L 435 2.83 -45.20 51.02
CA ILE L 436 6.43 -45.18 49.75
CA GLN L 437 9.65 -44.90 51.76
CA ARG L 438 12.69 -42.77 50.95
CA GLY L 439 15.71 -43.88 52.92
CA ASP L 440 14.82 -44.08 56.59
CA SER L 441 11.60 -42.09 56.24
CA THR L 442 8.01 -43.01 55.38
CA ILE L 443 6.06 -40.62 53.14
CA TYR L 444 2.94 -40.45 50.98
CA LEU L 445 2.31 -39.47 47.38
CA LEU L 446 -1.14 -38.34 46.24
CA MET L 447 -2.60 -38.63 42.74
CA GLN L 448 -5.64 -36.90 41.20
CA ALA M 1 18.34 13.74 -9.45
CA GLU M 2 19.79 11.48 -12.17
CA VAL M 3 23.42 11.05 -11.10
CA TYR M 4 24.32 8.22 -13.47
CA ASN M 5 23.22 7.34 -17.05
CA LYS M 6 25.67 5.26 -19.06
CA ASP M 7 25.66 2.04 -21.20
CA GLY M 8 21.95 1.41 -20.54
CA ASN M 9 22.03 1.78 -16.68
CA LYS M 10 20.41 4.80 -15.00
CA LEU M 11 20.51 5.76 -11.30
CA ASP M 12 18.30 8.46 -9.79
CA LEU M 13 19.31 9.53 -6.26
CA TYR M 14 16.50 11.52 -4.66
CA GLY M 15 15.36 12.85 -1.35
CA LYS M 16 14.10 15.73 0.69
CA VAL M 17 14.54 17.57 3.95
CA ASP M 18 11.28 18.76 5.45
CA GLY M 19 11.81 21.37 8.17
CA LEU M 20 8.50 20.81 9.89
CA HIS M 21 6.69 21.94 13.03
CA TYR M 22 3.32 20.91 14.53
CA PHE M 23 1.15 23.15 16.70
CA SER M 24 -1.40 21.28 18.81
CA ASP M 25 -3.04 21.12 22.22
CA ASN M 26 -2.09 17.43 21.97
CA LYS M 27 1.45 17.42 23.28
CA ASP M 28 2.18 13.92 21.91
CA VAL M 29 2.13 15.39 18.34
CA ASP M 30 3.12 18.98 19.24
CA GLY M 31 6.61 20.33 18.44
CA ASP M 32 9.47 19.68 16.01
CA GLN M 33 8.59 17.08 13.35
CA THR M 34 11.61 17.66 11.07
CA TYR M 35 12.60 14.71 8.90
CA MET M 36 14.41 13.64 5.81
CA ARG M 37 13.79 11.00 3.16
CA LEU M 38 16.38 9.51 0.84
CA GLY M 39 16.02 7.03 -1.96
CA PHE M 40 17.23 5.60 -5.22
CA LYS M 41 15.55 4.29 -8.32
CA GLY M 42 17.73 2.31 -10.70
CA GLU M 43 16.97 0.79 -14.08
CA THR M 44 19.03 -1.39 -16.42
CA GLN M 45 18.24 -2.22 -20.06
CA VAL M 46 18.53 -6.00 -20.53
CA THR M 47 17.15 -6.07 -24.10
CA ASP M 48 15.04 -3.65 -26.18
CA GLN M 49 11.95 -5.24 -24.55
CA LEU M 50 13.21 -6.23 -21.07
CA THR M 51 14.21 -3.84 -18.26
CA GLY M 52 15.33 -4.64 -14.73
CA TYR M 53 14.85 -2.20 -11.86
CA GLY M 54 15.17 -1.61 -8.19
CA GLN M 55 13.98 1.02 -5.77
CA TRP M 56 14.76 1.85 -2.16
CA GLU M 57 13.44 4.59 0.08
CA TYR M 58 14.34 5.39 3.67
CA GLN M 59 13.10 7.92 6.22
CA ILE M 60 15.32 9.34 8.95
CA GLN M 61 13.77 11.53 11.62
CA GLY M 62 15.57 14.85 12.12
CA ASN M 63 13.79 15.78 15.36
CA SER M 64 15.67 13.60 17.90
CA ALA M 65 18.77 14.16 20.00
CA GLU M 66 22.04 12.44 18.97
CA ASN M 67 21.75 9.55 21.49
CA GLU M 68 19.00 8.01 19.39
CA ASN M 69 18.08 7.16 15.85
CA ASN M 70 14.52 6.82 14.57
CA SER M 71 14.61 5.66 10.96
CA TRP M 72 12.96 3.07 8.73
CA THR M 73 12.71 1.57 5.29
CA ARG M 74 9.62 2.73 3.37
CA VAL M 75 10.14 0.60 0.25
CA ALA M 76 12.75 -1.87 -1.02
CA PHE M 77 12.07 -3.98 -4.11
CA ALA M 78 13.53 -5.41 -7.32
CA GLY M 79 11.64 -6.11 -10.50
CA LEU M 80 11.45 -6.90 -14.19
CA LYS M 81 9.40 -5.07 -16.85
CA PHE M 82 8.61 -6.40 -20.35
CA GLN M 83 7.42 -3.95 -23.03
CA ASP M 84 3.69 -4.40 -23.81
CA VAL M 85 3.27 -7.37 -21.44
CA GLY M 86 3.76 -6.33 -17.82
CA SER M 87 6.01 -6.10 -14.78
CA PHE M 88 6.80 -8.15 -11.68
CA ASP M 89 8.51 -7.05 -8.50
CA TYR M 90 9.11 -8.38 -4.99
CA GLY M 91 10.05 -6.73 -1.64
CA ARG M 92 8.69 -4.08 0.70
CA ASN M 93 6.24 -2.17 -1.48
CA TYR M 94 2.76 -0.68 -1.55
CA GLY M 95 -0.30 -2.92 -1.39
CA VAL M 96 -2.51 -2.85 -4.49
CA VAL M 97 -5.36 -1.20 -2.58
CA TYR M 98 -3.13 1.91 -2.60
CA ASP M 99 -3.41 2.05 -6.43
CA VAL M 100 -6.88 3.50 -5.78
CA THR M 101 -6.58 5.14 -2.32
CA SER M 102 -3.34 6.99 -3.25
CA TRP M 103 -5.48 9.27 -5.39
CA THR M 104 -6.69 11.16 -2.28
CA ASP M 105 -3.33 10.97 -0.44
CA VAL M 106 -2.26 14.32 -1.90
CA LEU M 107 -2.54 16.67 1.12
CA PRO M 108 0.36 18.93 2.22
CA GLU M 109 0.95 17.07 5.51
CA PHE M 110 -2.02 15.02 6.74
CA GLY M 111 -4.46 12.74 4.88
CA GLY M 112 -4.07 9.13 3.84
CA ASP M 113 -4.90 7.88 7.34
CA THR M 114 -8.09 5.83 7.11
CA TYR M 115 -5.44 3.05 6.89
CA GLY M 116 -1.74 2.75 7.88
CA SER M 117 1.59 1.06 7.17
CA ASP M 118 1.99 -2.71 7.74
CA ASN M 119 -1.81 -2.94 7.66
CA PHE M 120 -2.53 -5.97 5.48
CA MET M 121 -2.48 -4.99 1.78
CA GLN M 122 -3.59 -1.38 2.30
CA GLN M 123 -0.31 0.54 2.14
CA ARG M 124 3.39 -0.18 2.68
CA GLY M 125 4.25 -3.69 3.90
CA ASN M 126 6.66 -6.62 3.67
CA GLY M 127 6.75 -9.52 1.25
CA PHE M 128 4.65 -8.23 -1.65
CA ALA M 129 4.88 -10.13 -4.95
CA THR M 130 3.23 -7.77 -7.44
CA TYR M 131 2.20 -8.42 -11.10
CA ARG M 132 1.07 -5.48 -13.22
CA ASN M 133 -0.32 -5.14 -16.77
CA THR M 134 -0.29 -1.65 -18.27
CA ASP M 135 -2.54 -0.66 -21.20
CA PHE M 136 -3.71 -4.32 -21.67
CA PHE M 137 -0.84 -5.67 -23.78
CA GLY M 138 -0.67 -2.19 -25.27
CA LEU M 139 -4.12 -2.48 -26.82
CA VAL M 140 -6.15 -0.30 -24.47
CA ASP M 141 -4.53 3.04 -23.61
CA GLY M 142 -5.05 4.03 -19.95
CA LEU M 143 -6.34 0.69 -18.63
CA ASN M 144 -4.17 -0.88 -15.90
CA PHE M 145 -4.55 -3.86 -13.62
CA ALA M 146 -2.55 -5.58 -10.92
CA VAL M 147 -2.64 -8.79 -8.89
CA GLN M 148 -0.63 -9.10 -5.68
CA TYR M 149 0.34 -11.73 -3.13
CA GLN M 150 1.62 -11.11 0.39
CA GLY M 151 3.40 -13.80 2.41
CA LYS M 152 2.85 -14.27 6.16
CA ASN M 153 4.58 -11.88 8.56
CA GLY M 154 4.13 -13.47 11.99
CA ASN M 155 5.38 -13.60 15.57
CA PRO M 156 8.99 -12.51 16.36
CA SER M 157 11.64 -15.24 16.52
CA GLY M 158 13.69 -15.91 19.65
CA GLU M 159 10.98 -14.73 22.07
CA GLY M 160 9.51 -18.07 23.20
CA PHE M 161 6.61 -18.30 20.74
CA THR M 162 5.53 -21.87 19.94
CA SER M 163 3.54 -21.10 16.78
CA GLY M 164 3.05 -18.52 14.05
CA VAL M 165 6.71 -17.35 13.98
CA THR M 166 8.51 -15.86 10.93
CA ASN M 167 12.10 -14.67 10.65
CA ASN M 168 10.86 -11.08 10.43
CA GLY M 169 8.07 -11.32 13.00
CA ARG M 170 6.51 -8.39 14.82
CA ASP M 171 3.70 -7.20 17.14
CA ALA M 172 0.17 -8.37 16.27
CA LEU M 173 -1.08 -4.95 15.09
CA ARG M 174 1.49 -5.21 12.28
CA GLN M 175 1.14 -8.95 11.43
CA ASN M 176 -0.61 -10.60 8.47
CA GLY M 177 -1.21 -14.10 7.15
CA ASP M 178 -1.02 -14.89 3.43
CA GLY M 179 -2.95 -12.42 1.30
CA VAL M 180 -4.07 -11.83 -2.25
CA GLY M 181 -5.41 -8.68 -3.90
CA GLY M 182 -6.17 -6.95 -7.19
CA SER M 183 -6.73 -3.53 -8.69
CA ILE M 184 -8.14 -2.08 -11.91
CA THR M 185 -7.89 1.56 -12.95
CA TYR M 186 -8.91 3.38 -16.13
CA ASP M 187 -7.80 6.91 -17.00
CA TYR M 188 -9.23 8.74 -20.01
CA GLU M 189 -7.94 12.26 -20.64
CA GLY M 190 -8.35 13.95 -17.21
CA PHE M 191 -10.80 11.43 -15.72
CA GLY M 192 -10.02 8.33 -13.66
CA ILE M 193 -12.07 5.46 -12.24
CA GLY M 194 -10.74 2.55 -10.17
CA GLY M 195 -11.46 -0.37 -7.87
CA ALA M 196 -9.52 -2.74 -5.63
CA ILE M 197 -10.02 -5.84 -3.49
CA SER M 198 -7.83 -7.51 -0.87
CA SER M 199 -8.23 -10.63 1.26
CA SER M 200 -5.71 -11.63 3.92
CA LYS M 201 -5.65 -14.48 6.41
CA ARG M 202 -5.44 -13.16 9.97
CA THR M 203 -2.95 -14.82 12.35
CA ASP M 204 -3.74 -16.51 15.70
CA ALA M 205 -1.81 -13.79 17.54
CA GLN M 206 -4.28 -11.26 16.08
CA ASN M 207 -7.38 -13.28 17.07
CA THR M 208 -6.99 -13.20 20.87
CA ALA M 209 -9.22 -11.64 23.54
CA ALA M 210 -6.63 -8.86 23.92
CA TYR M 211 -7.83 -7.35 20.59
CA ILE M 212 -11.27 -6.29 19.33
CA GLY M 213 -12.28 -7.38 15.79
CA ASN M 214 -11.49 -11.11 15.85
CA GLY M 215 -11.95 -12.81 12.47
CA ASP M 216 -10.64 -15.43 10.07
CA ARG M 217 -9.69 -12.96 7.32
CA ALA M 218 -9.26 -9.24 6.68
CA GLU M 219 -11.09 -7.98 3.56
CA THR M 220 -11.21 -4.59 1.84
CA TYR M 221 -13.32 -3.29 -1.06
CA THR M 222 -12.48 0.09 -2.60
CA GLY M 223 -13.89 2.37 -5.31
CA GLY M 224 -12.30 5.62 -6.45
CA LEU M 225 -12.81 8.56 -8.81
CA LYS M 226 -10.40 11.23 -10.04
CA TYR M 227 -10.29 14.37 -12.19
CA ASP M 228 -6.89 15.87 -13.06
CA ALA M 229 -6.80 18.59 -15.75
CA ASN M 230 -7.03 22.36 -16.31
CA ASN M 231 -5.18 23.10 -13.02
CA ILE M 232 -7.94 21.34 -11.02
CA TYR M 233 -7.48 18.18 -8.99
CA LEU M 234 -10.52 16.38 -7.58
CA ALA M 235 -10.61 12.89 -6.09
CA ALA M 236 -12.69 10.69 -3.80
CA GLN M 237 -12.40 7.11 -2.53
CA TYR M 238 -14.78 4.89 -0.58
CA THR M 239 -13.65 1.69 1.15
CA GLN M 240 -15.56 -0.96 3.08
CA THR M 241 -13.38 -3.16 5.32
CA TYR M 242 -13.83 -6.28 7.45
CA ASN M 243 -11.45 -7.01 10.34
CA ALA M 244 -8.88 -4.85 8.51
CA THR M 245 -9.03 -1.27 9.87
CA ARG M 246 -7.08 -0.62 13.08
CA VAL M 247 -8.91 1.08 15.93
CA GLY M 248 -5.92 2.74 17.53
CA SER M 249 -4.24 0.28 19.90
CA LEU M 250 -7.47 -1.67 20.66
CA GLY M 251 -7.28 -4.02 17.65
CA TRP M 252 -9.45 -3.85 14.51
CA ALA M 253 -12.97 -2.87 13.45
CA ASN M 254 -15.41 -5.70 12.71
CA LYS M 255 -16.65 -3.51 9.87
CA ALA M 256 -15.58 -0.01 8.87
CA GLN M 257 -16.68 2.38 6.14
CA ASN M 258 -13.96 4.80 5.02
CA PHE M 259 -14.40 7.89 2.86
CA GLU M 260 -11.87 10.48 1.64
CA ALA M 261 -12.39 13.45 -0.72
CA VAL M 262 -10.00 16.19 -1.89
CA ALA M 263 -10.23 19.39 -3.97
CA GLN M 264 -7.12 21.27 -5.11
CA TYR M 265 -6.32 24.11 -7.52
CA GLN M 266 -2.95 25.17 -8.95
CA PHE M 267 -2.44 28.90 -9.53
CA ASP M 268 0.02 29.98 -12.22
CA PHE M 269 2.06 31.94 -9.67
CA GLY M 270 2.73 28.78 -7.60
CA LEU M 271 0.07 28.58 -4.88
CA ARG M 272 -1.92 25.36 -4.50
CA PRO M 273 -4.73 25.48 -1.93
CA SER M 274 -6.28 22.20 -0.81
CA LEU M 275 -9.52 21.20 0.89
CA ALA M 276 -10.24 17.68 2.12
CA TYR M 277 -12.59 15.59 4.23
CA LEU M 278 -11.83 12.18 5.75
CA GLN M 279 -13.92 9.88 7.93
CA SER M 280 -13.79 6.29 9.14
CA LYS M 281 -16.99 4.90 10.69
CA GLY M 282 -16.71 1.65 12.65
CA LYS M 283 -19.65 -0.66 13.31
CA ASN M 284 -20.34 -3.58 15.71
CA LEU M 285 -16.99 -2.93 17.39
CA GLY M 286 -17.53 -5.06 20.52
CA ARG M 287 -16.93 -4.35 24.24
CA GLY M 288 -20.01 -2.08 24.22
CA TYR M 289 -18.39 0.41 21.82
CA ASP M 290 -21.02 -0.38 19.16
CA ASP M 291 -20.88 2.22 16.33
CA GLU M 292 -18.12 4.83 16.65
CA ASP M 293 -16.17 7.31 14.52
CA ILE M 294 -12.57 6.11 14.22
CA LEU M 295 -11.49 9.19 12.24
CA LYS M 296 -13.27 12.39 11.20
CA TYR M 297 -11.63 15.64 10.03
CA VAL M 298 -11.62 18.52 7.60
CA ASP M 299 -8.24 19.51 6.25
CA VAL M 300 -7.57 22.98 4.87
CA GLY M 301 -4.12 23.86 3.59
CA ALA M 302 -1.93 25.33 0.90
CA THR M 303 1.46 24.72 -0.65
CA TYR M 304 3.58 27.36 -2.32
CA TYR M 305 5.96 26.02 -4.95
CA PHE M 306 9.01 28.23 -5.48
CA ASN M 307 10.09 25.68 -8.08
CA LYS M 308 10.32 21.88 -8.50
CA ASN M 309 12.99 21.74 -5.73
CA MET M 310 11.71 24.15 -3.03
CA SER M 311 8.32 24.59 -1.44
CA THR M 312 6.61 25.65 1.78
CA TYR M 313 3.20 24.71 3.22
CA VAL M 314 0.64 25.12 5.96
CA ASP M 315 -1.90 22.38 6.72
CA TYR M 316 -4.72 22.79 9.26
CA LYS M 317 -6.37 19.63 10.58
CA ILE M 318 -9.78 20.61 11.96
CA ASN M 319 -10.53 17.51 14.03
CA LEU M 320 -14.24 16.77 14.36
CA LEU M 321 -13.80 13.81 16.74
CA ASP M 322 -14.93 14.56 20.28
CA ASP M 323 -13.07 13.45 23.41
CA ASN M 324 -14.94 10.39 24.74
CA GLN M 325 -14.26 7.08 26.50
CA PHE M 326 -13.79 5.23 23.20
CA THR M 327 -11.17 7.61 21.75
CA ARG M 328 -9.42 7.74 25.15
CA ASP M 329 -9.23 3.91 25.33
CA ALA M 330 -7.94 3.63 21.74
CA GLY M 331 -5.54 6.60 22.02
CA ILE M 332 -7.02 8.38 19.01
CA ASN M 333 -6.12 12.08 18.62
CA THR M 334 -9.15 14.39 18.86
CA ASP M 335 -7.37 17.78 18.86
CA ASN M 336 -6.76 20.09 15.88
CA ILE M 337 -3.23 20.41 14.45
CA VAL M 338 -1.53 23.15 12.42
CA ALA M 339 1.55 22.06 10.44
CA LEU M 340 4.08 24.45 8.91
CA GLY M 341 6.69 23.02 6.59
CA LEU M 342 9.60 24.17 4.47
CA VAL M 343 10.90 21.58 2.03
CA TYR M 344 14.01 21.27 -0.13
CA GLN M 345 14.03 18.30 -2.50
CA PHE M 346 16.18 16.80 -5.25
#